data_8UY4
#
_entry.id   8UY4
#
_cell.length_a   1.00
_cell.length_b   1.00
_cell.length_c   1.00
_cell.angle_alpha   90.00
_cell.angle_beta   90.00
_cell.angle_gamma   90.00
#
_symmetry.space_group_name_H-M   'P 1'
#
loop_
_entity.id
_entity.type
_entity.pdbx_description
1 polymer Tse15
2 polymer 'Tse15 toxin peptide (polyUNK)'
3 polymer 'Tse15 toxin peptide (polyUNK)'
4 polymer 'Tse15 toxin peptide (polyUNK)'
5 polymer 'Tse15 toxin peptide (polyUNK)'
#
loop_
_entity_poly.entity_id
_entity_poly.type
_entity_poly.pdbx_seq_one_letter_code
_entity_poly.pdbx_strand_id
1 'polypeptide(L)'
;MAWSHPQFEKSAAKENTQQKEIKRQPAVELAVFNLNSVTDVADLQMIASQVQLYLQVCGNTTLEQIKSKANITTVANIFA
LTGSVLDLMLYATDKKTGDAAVQRGALLAANLIGLFSEPNNEAHARMALRPMFGLMAECLYRENGKIKETDIKRLGLHLN
AMIAGDLENFLKETQAKLSSLLISATTLGVTILQSMATPATGINAGITTAAGASAEKRDPKLKFTNWAVPLIDLLGKPSQ
ANLTPKIQPNITSRLQQEATQAIAALSQTLQQQANAGQKYTLAWLLQETLKAIQALENKGNASVPINQTGEYERHTKGDT
LEFVSLQADALNAPPCEGADSQSGKSISYSIGAERVQHADFYLPKIGFSFIRQYNSQMDEFDQSMVGARWMMPFSNMIQQ
NAQGYLFIDSKGRKHQLPVSIIFETYEVPYEGWIIKPLKNGELILDFGGEWRSHFQSFDGGKNYYLVKKMNETSQEEILL
EYLLLDHIAYLKVINFKLKQAEYELKFAFNEQVKIIAVFLDDKAEPLARYEYDTQGNLIKAIDQNGHTRTYEYNQFHQLT
RYTDRTGRGQNIRYESTEAKAKAIEEWADDGSFHTKLKWHPRLRQVAVYDAYDVPTYYYFDLDGFTYRTRLADGRESWYS
RDGKKRITRQIDFDGRETQQEYNDQDQLVKIVQPNGGIIRFAYNKQGNLVEIKDPEGSIWKREYDENRNVSKEINPLGHI
TQYKYNNDNQLVEVIDAKGGVKKIQYNELGQMISYTDCSGKSSTWEYDEDGALTAEQTANNKVVQYFYSTKGRDKGQLQS
IIYPDGLKEYFEHDEEGRLLKHTDTKGLVTEYKYNQVGLLEQRIDANRHSVAYQWDKQGRIQKLINQNQAEYLFGYNPYG
YLIREQAFDGEEKHYSYNENGRLFQIRRPNILTQFDYYADGQIASKSFTHLHTGQKQTEQFDYNLNSQLSRASNEVSQID
LYRNALGQLVREHQHYKIPELKPLTAVLHYEYDELGNLIKTIRPDGHTLNHLVYGSGHIYAIGLNNQEVVSFQRDDLHRE
TTRLLANGLMQTKQYNDVGLLSSQFIQPEQETQDYLQYQAHRKYHYDKNYLLSQVEDSRLGKLNYQYDPIGRLIAAQSLH
KTESFNFDPAGNLIDSESVLSPAQIKNNLIKSYKGKHYQYDVQGNVTEIIQAGKNLKLTWDNQNRLIRSDNNGLVTEYGY
DVFGRRLYKKTAKELTLFGWDGDLMIWESFKSAQTNYTKHYIYEPDSFVPLLQAGYKDFIQLIETPDYQEYQTKPYSIYK
DPVWNRNLGKERTALEQFTFYHCDQVGTPQTMTNIRGECVWEILQDTWGAVSQIKALNQDNPFEQNNLRFQGQYYDRETE
LHYNRYRYYEPHSARYVSKDPIGLEGGMNTSSYVSDPNQWIDPKGLNSFNYGEMFGIPASAQSGLAYQGQRNYECYAETG
ELCKIKVPPLFDYVACSGGGLGIGVGFVKNQWTGEYYISGSKDSLLIPVAKSVAQNKQFSAKDLAGASCVGGNIHNIPSY
TKTTMTMGEITNEFVSGASVTVGGGAYGAVANVVVPLVSKSSPVKGTWASELGVGTPGFNVGVSGTVSVDTILDAVKPSK
KHHHHHH
;
A
2 'polypeptide(L)'
;(UNK)(UNK)(UNK)(UNK)(UNK)(UNK)(UNK)(UNK)(UNK)(UNK)(UNK)(UNK)(UNK)(UNK)(UNK)(UNK)
(UNK)(UNK)(UNK)(UNK)(UNK)(UNK)(UNK)(UNK)(UNK)(UNK)(UNK)(UNK)(UNK)
;
D
3 'polypeptide(L)' (UNK)(UNK)(UNK)(UNK)(UNK)(UNK)(UNK)(UNK)(UNK)(UNK)(UNK) C
4 'polypeptide(L)'
;(UNK)(UNK)(UNK)(UNK)(UNK)(UNK)(UNK)(UNK)(UNK)(UNK)(UNK)(UNK)(UNK)(UNK)(UNK)(UNK)
(UNK)(UNK)(UNK)(UNK)(UNK)(UNK)(UNK)(UNK)(UNK)(UNK)(UNK)(UNK)(UNK)(UNK)(UNK)(UNK)
(UNK)(UNK)(UNK)(UNK)(UNK)(UNK)(UNK)(UNK)(UNK)(UNK)(UNK)(UNK)
;
E
5 'polypeptide(L)'
;(UNK)(UNK)(UNK)(UNK)(UNK)(UNK)(UNK)(UNK)(UNK)(UNK)(UNK)(UNK)(UNK)(UNK)(UNK)(UNK)
(UNK)(UNK)(UNK)(UNK)(UNK)(UNK)(UNK)(UNK)
;
B
#
# COMPACT_ATOMS: atom_id res chain seq x y z
N GLN A 25 -26.53 -20.27 -7.28
CA GLN A 25 -27.04 -18.99 -6.79
C GLN A 25 -28.24 -19.22 -5.87
N PRO A 26 -28.30 -18.49 -4.75
CA PRO A 26 -29.47 -18.61 -3.87
C PRO A 26 -30.75 -18.26 -4.61
N ALA A 27 -31.82 -18.97 -4.25
CA ALA A 27 -33.11 -18.72 -4.89
C ALA A 27 -33.57 -17.28 -4.66
N VAL A 28 -33.24 -16.72 -3.50
CA VAL A 28 -33.64 -15.36 -3.13
C VAL A 28 -32.43 -14.65 -2.56
N GLU A 29 -32.19 -13.42 -3.02
CA GLU A 29 -31.04 -12.64 -2.61
C GLU A 29 -31.49 -11.26 -2.15
N LEU A 30 -30.68 -10.64 -1.30
CA LEU A 30 -31.04 -9.38 -0.68
C LEU A 30 -29.83 -8.43 -0.69
N ALA A 31 -30.12 -7.16 -0.42
CA ALA A 31 -29.12 -6.09 -0.36
C ALA A 31 -29.14 -5.49 1.03
N VAL A 32 -28.26 -5.95 1.90
CA VAL A 32 -28.20 -5.48 3.28
C VAL A 32 -27.34 -4.22 3.33
N PHE A 33 -27.87 -3.16 3.91
CA PHE A 33 -27.19 -1.88 3.97
C PHE A 33 -27.58 -1.17 5.27
N ASN A 34 -27.22 0.11 5.37
CA ASN A 34 -27.51 0.92 6.54
C ASN A 34 -28.59 1.95 6.20
N LEU A 35 -29.32 2.37 7.23
CA LEU A 35 -30.37 3.37 7.03
C LEU A 35 -29.76 4.74 6.75
N ASN A 36 -28.63 5.07 7.39
CA ASN A 36 -28.00 6.36 7.14
C ASN A 36 -27.54 6.50 5.70
N SER A 37 -26.98 5.43 5.12
CA SER A 37 -26.40 5.49 3.79
C SER A 37 -27.41 5.78 2.70
N VAL A 38 -28.71 5.63 2.98
CA VAL A 38 -29.76 5.82 1.99
C VAL A 38 -30.60 7.02 2.41
N THR A 39 -30.72 7.99 1.50
CA THR A 39 -31.58 9.15 1.68
C THR A 39 -32.81 9.11 0.79
N ASP A 40 -32.66 8.68 -0.47
CA ASP A 40 -33.79 8.54 -1.37
C ASP A 40 -34.54 7.25 -1.07
N VAL A 41 -35.70 7.10 -1.70
CA VAL A 41 -36.54 5.93 -1.51
C VAL A 41 -36.65 5.17 -2.83
N ALA A 42 -35.59 5.22 -3.64
CA ALA A 42 -35.64 4.63 -4.96
C ALA A 42 -35.96 3.14 -4.90
N ASP A 43 -35.35 2.42 -3.95
CA ASP A 43 -35.67 1.00 -3.80
C ASP A 43 -37.12 0.81 -3.42
N LEU A 44 -37.64 1.64 -2.51
CA LEU A 44 -39.05 1.59 -2.17
C LEU A 44 -39.91 1.90 -3.38
N GLN A 45 -39.48 2.85 -4.21
CA GLN A 45 -40.21 3.14 -5.45
C GLN A 45 -40.24 1.92 -6.35
N MET A 46 -39.12 1.22 -6.47
CA MET A 46 -39.08 0.04 -7.33
C MET A 46 -40.01 -1.04 -6.79
N ILE A 47 -40.00 -1.26 -5.48
CA ILE A 47 -40.86 -2.28 -4.89
C ILE A 47 -42.33 -1.92 -5.09
N ALA A 48 -42.68 -0.66 -4.86
CA ALA A 48 -44.06 -0.23 -5.04
C ALA A 48 -44.50 -0.38 -6.50
N SER A 49 -43.62 -0.02 -7.44
CA SER A 49 -43.96 -0.16 -8.85
C SER A 49 -44.13 -1.63 -9.23
N GLN A 50 -43.27 -2.50 -8.70
CA GLN A 50 -43.43 -3.93 -8.96
C GLN A 50 -44.75 -4.44 -8.41
N VAL A 51 -45.12 -4.00 -7.21
CA VAL A 51 -46.41 -4.41 -6.64
C VAL A 51 -47.55 -3.92 -7.50
N GLN A 52 -47.47 -2.67 -7.98
CA GLN A 52 -48.52 -2.13 -8.83
C GLN A 52 -48.64 -2.91 -10.12
N LEU A 53 -47.50 -3.25 -10.74
CA LEU A 53 -47.54 -4.02 -11.97
C LEU A 53 -48.12 -5.41 -11.74
N TYR A 54 -47.76 -6.05 -10.62
CA TYR A 54 -48.34 -7.34 -10.30
C TYR A 54 -49.84 -7.24 -10.13
N LEU A 55 -50.30 -6.19 -9.42
CA LEU A 55 -51.74 -6.01 -9.23
C LEU A 55 -52.44 -5.81 -10.56
N GLN A 56 -51.87 -4.97 -11.43
CA GLN A 56 -52.49 -4.72 -12.72
C GLN A 56 -52.55 -5.99 -13.57
N VAL A 57 -51.46 -6.76 -13.54
CA VAL A 57 -51.36 -7.99 -14.33
C VAL A 57 -52.25 -9.13 -13.83
N CYS A 58 -52.45 -9.22 -12.53
CA CYS A 58 -53.26 -10.29 -11.97
C CYS A 58 -54.71 -9.90 -11.73
N GLY A 59 -54.93 -8.91 -10.86
CA GLY A 59 -56.25 -8.47 -10.53
C GLY A 59 -56.84 -7.42 -11.46
N ASN A 60 -56.03 -6.87 -12.36
CA ASN A 60 -56.48 -5.82 -13.28
C ASN A 60 -57.02 -4.62 -12.50
N THR A 61 -56.38 -4.30 -11.37
CA THR A 61 -56.79 -3.19 -10.54
C THR A 61 -55.57 -2.40 -10.10
N THR A 62 -55.70 -1.08 -10.10
CA THR A 62 -54.64 -0.22 -9.61
C THR A 62 -54.67 -0.17 -8.08
N LEU A 63 -53.60 0.38 -7.50
CA LEU A 63 -53.52 0.47 -6.05
C LEU A 63 -54.63 1.36 -5.48
N GLU A 64 -55.07 2.36 -6.24
CA GLU A 64 -56.15 3.22 -5.76
C GLU A 64 -57.44 2.43 -5.56
N GLN A 65 -57.75 1.51 -6.49
CA GLN A 65 -58.98 0.73 -6.37
C GLN A 65 -58.95 -0.14 -5.12
N ILE A 66 -57.82 -0.77 -4.84
CA ILE A 66 -57.71 -1.65 -3.68
C ILE A 66 -57.41 -0.89 -2.39
N LYS A 67 -57.17 0.41 -2.48
CA LYS A 67 -56.87 1.19 -1.28
C LYS A 67 -58.05 1.19 -0.31
N SER A 68 -59.27 1.32 -0.83
CA SER A 68 -60.44 1.45 0.03
C SER A 68 -60.57 0.24 0.97
N LYS A 69 -60.55 -0.96 0.41
CA LYS A 69 -60.69 -2.19 1.20
C LYS A 69 -59.32 -2.75 1.55
N ALA A 70 -58.51 -1.92 2.22
CA ALA A 70 -57.17 -2.30 2.64
C ALA A 70 -56.88 -1.78 4.04
N ASN A 71 -57.89 -1.67 4.89
CA ASN A 71 -57.72 -1.13 6.24
C ASN A 71 -57.12 -2.20 7.12
N ILE A 72 -55.79 -2.22 7.19
CA ILE A 72 -55.04 -3.16 8.02
C ILE A 72 -54.00 -2.37 8.80
N THR A 73 -53.90 -2.66 10.10
CA THR A 73 -53.00 -1.94 10.99
C THR A 73 -51.66 -2.66 11.06
N THR A 74 -50.58 -1.92 10.82
CA THR A 74 -49.24 -2.48 10.86
C THR A 74 -48.28 -1.41 11.39
N VAL A 75 -47.12 -1.86 11.85
CA VAL A 75 -46.11 -0.92 12.34
C VAL A 75 -45.63 -0.07 11.18
N ALA A 76 -45.14 1.13 11.52
CA ALA A 76 -44.68 2.07 10.51
C ALA A 76 -43.25 1.79 10.11
N ASN A 77 -42.96 0.54 9.74
CA ASN A 77 -41.66 0.15 9.20
C ASN A 77 -41.84 0.01 7.69
N ILE A 78 -41.64 1.11 6.98
CA ILE A 78 -41.93 1.13 5.55
C ILE A 78 -41.12 0.08 4.81
N PHE A 79 -39.86 -0.10 5.20
CA PHE A 79 -39.02 -1.12 4.56
C PHE A 79 -39.64 -2.50 4.73
N ALA A 80 -40.02 -2.85 5.96
CA ALA A 80 -40.63 -4.15 6.20
C ALA A 80 -41.97 -4.27 5.50
N LEU A 81 -42.77 -3.20 5.49
CA LEU A 81 -44.05 -3.25 4.81
C LEU A 81 -43.87 -3.56 3.33
N THR A 82 -42.99 -2.83 2.66
CA THR A 82 -42.76 -3.07 1.23
C THR A 82 -42.21 -4.47 1.00
N GLY A 83 -41.26 -4.90 1.83
CA GLY A 83 -40.69 -6.23 1.66
C GLY A 83 -41.74 -7.32 1.81
N SER A 84 -42.59 -7.21 2.84
CA SER A 84 -43.64 -8.20 3.05
C SER A 84 -44.63 -8.19 1.90
N VAL A 85 -45.03 -7.01 1.43
CA VAL A 85 -46.00 -6.93 0.34
C VAL A 85 -45.43 -7.57 -0.92
N LEU A 86 -44.18 -7.23 -1.23
CA LEU A 86 -43.50 -7.77 -2.39
C LEU A 86 -43.34 -9.28 -2.24
N ASP A 87 -43.03 -9.71 -1.02
CA ASP A 87 -42.86 -11.12 -0.73
C ASP A 87 -44.17 -11.87 -0.96
N LEU A 88 -45.26 -11.30 -0.46
CA LEU A 88 -46.58 -11.90 -0.63
C LEU A 88 -46.92 -11.99 -2.11
N MET A 89 -46.61 -10.93 -2.84
CA MET A 89 -46.87 -10.89 -4.28
C MET A 89 -46.21 -12.06 -4.98
N LEU A 90 -44.90 -12.24 -4.77
CA LEU A 90 -44.18 -13.33 -5.43
C LEU A 90 -44.73 -14.68 -5.01
N TYR A 91 -45.02 -14.85 -3.72
CA TYR A 91 -45.52 -16.13 -3.23
C TYR A 91 -46.84 -16.49 -3.88
N ALA A 92 -47.74 -15.51 -4.01
CA ALA A 92 -49.03 -15.79 -4.62
C ALA A 92 -48.90 -16.02 -6.13
N THR A 93 -48.07 -15.23 -6.81
CA THR A 93 -47.93 -15.34 -8.26
C THR A 93 -46.88 -16.37 -8.66
N ASP A 94 -45.65 -16.18 -8.21
CA ASP A 94 -44.54 -17.06 -8.58
C ASP A 94 -44.46 -18.19 -7.56
N LYS A 95 -44.81 -19.40 -7.97
CA LYS A 95 -44.74 -20.56 -7.09
C LYS A 95 -43.35 -21.19 -7.15
N LYS A 96 -42.85 -21.58 -5.99
CA LYS A 96 -41.53 -22.19 -5.87
C LYS A 96 -41.62 -23.41 -4.98
N THR A 97 -40.68 -24.34 -5.18
CA THR A 97 -40.63 -25.58 -4.43
C THR A 97 -39.18 -25.88 -4.06
N GLY A 98 -38.99 -26.90 -3.23
CA GLY A 98 -37.66 -27.25 -2.80
C GLY A 98 -37.09 -26.24 -1.82
N ASP A 99 -35.76 -26.17 -1.79
CA ASP A 99 -35.08 -25.24 -0.90
C ASP A 99 -35.44 -23.79 -1.23
N ALA A 100 -35.72 -23.51 -2.50
CA ALA A 100 -36.09 -22.16 -2.89
C ALA A 100 -37.36 -21.72 -2.17
N ALA A 101 -38.36 -22.60 -2.09
CA ALA A 101 -39.57 -22.28 -1.35
C ALA A 101 -39.28 -22.01 0.11
N VAL A 102 -38.39 -22.83 0.71
CA VAL A 102 -38.04 -22.64 2.12
C VAL A 102 -37.43 -21.27 2.33
N GLN A 103 -36.48 -20.89 1.47
CA GLN A 103 -35.83 -19.59 1.62
C GLN A 103 -36.81 -18.45 1.42
N ARG A 104 -37.67 -18.56 0.40
CA ARG A 104 -38.64 -17.49 0.15
C ARG A 104 -39.60 -17.34 1.32
N GLY A 105 -40.08 -18.46 1.87
CA GLY A 105 -40.94 -18.38 3.03
C GLY A 105 -40.23 -17.82 4.25
N ALA A 106 -38.96 -18.19 4.44
CA ALA A 106 -38.19 -17.64 5.55
C ALA A 106 -38.08 -16.12 5.43
N LEU A 107 -37.79 -15.62 4.23
CA LEU A 107 -37.67 -14.18 4.05
C LEU A 107 -39.02 -13.50 4.21
N LEU A 108 -40.10 -14.13 3.73
CA LEU A 108 -41.43 -13.58 3.93
C LEU A 108 -41.74 -13.45 5.41
N ALA A 109 -41.42 -14.49 6.19
CA ALA A 109 -41.64 -14.43 7.63
C ALA A 109 -40.78 -13.35 8.27
N ALA A 110 -39.51 -13.24 7.84
CA ALA A 110 -38.62 -12.24 8.42
C ALA A 110 -39.14 -10.84 8.16
N ASN A 111 -39.68 -10.59 6.97
CA ASN A 111 -40.26 -9.28 6.69
C ASN A 111 -41.55 -9.08 7.45
N LEU A 112 -42.34 -10.14 7.65
CA LEU A 112 -43.63 -10.00 8.33
C LEU A 112 -43.45 -9.71 9.82
N ILE A 113 -42.49 -10.38 10.46
CA ILE A 113 -42.36 -10.27 11.92
C ILE A 113 -42.15 -8.82 12.32
N GLY A 114 -41.42 -8.06 11.50
CA GLY A 114 -41.18 -6.66 11.80
C GLY A 114 -42.28 -5.76 11.28
N LEU A 115 -43.42 -6.33 10.93
CA LEU A 115 -44.52 -5.59 10.33
C LEU A 115 -45.78 -5.58 11.18
N PHE A 116 -46.15 -6.69 11.81
CA PHE A 116 -47.35 -6.72 12.63
C PHE A 116 -47.12 -5.96 13.93
N SER A 117 -48.18 -5.32 14.42
CA SER A 117 -48.06 -4.43 15.57
C SER A 117 -48.10 -5.20 16.89
N GLU A 118 -49.20 -5.89 17.16
CA GLU A 118 -49.39 -6.50 18.47
C GLU A 118 -48.39 -7.62 18.68
N PRO A 119 -47.71 -7.67 19.84
CA PRO A 119 -47.76 -6.73 20.97
C PRO A 119 -46.99 -5.44 20.65
N ASN A 120 -47.50 -4.29 21.11
CA ASN A 120 -46.85 -3.03 20.79
C ASN A 120 -45.48 -2.90 21.46
N ASN A 121 -45.33 -3.43 22.66
CA ASN A 121 -44.07 -3.28 23.39
C ASN A 121 -42.90 -3.94 22.68
N GLU A 122 -43.17 -4.90 21.79
CA GLU A 122 -42.11 -5.64 21.10
C GLU A 122 -41.89 -5.15 19.68
N ALA A 123 -42.47 -4.01 19.30
CA ALA A 123 -42.33 -3.52 17.93
C ALA A 123 -40.88 -3.22 17.61
N HIS A 124 -40.17 -2.53 18.51
CA HIS A 124 -38.77 -2.21 18.26
C HIS A 124 -37.93 -3.47 18.20
N ALA A 125 -38.18 -4.42 19.10
CA ALA A 125 -37.43 -5.67 19.06
C ALA A 125 -37.63 -6.40 17.74
N ARG A 126 -38.88 -6.47 17.27
CA ARG A 126 -39.15 -7.20 16.03
C ARG A 126 -38.53 -6.49 14.83
N MET A 127 -38.64 -5.16 14.76
CA MET A 127 -38.08 -4.45 13.62
C MET A 127 -36.57 -4.43 13.65
N ALA A 128 -35.96 -4.62 14.82
CA ALA A 128 -34.52 -4.83 14.85
C ALA A 128 -34.17 -6.25 14.43
N LEU A 129 -35.01 -7.22 14.81
CA LEU A 129 -34.73 -8.61 14.47
C LEU A 129 -34.86 -8.87 12.97
N ARG A 130 -35.72 -8.12 12.29
CA ARG A 130 -35.90 -8.36 10.85
C ARG A 130 -34.60 -8.17 10.07
N PRO A 131 -33.89 -7.04 10.19
CA PRO A 131 -32.58 -6.95 9.52
C PRO A 131 -31.60 -8.01 9.99
N MET A 132 -31.71 -8.46 11.24
CA MET A 132 -30.88 -9.56 11.69
C MET A 132 -31.12 -10.79 10.84
N PHE A 133 -32.39 -11.14 10.63
CA PHE A 133 -32.73 -12.29 9.78
C PHE A 133 -32.25 -12.06 8.36
N GLY A 134 -32.41 -10.84 7.84
CA GLY A 134 -31.93 -10.56 6.50
C GLY A 134 -30.44 -10.79 6.35
N LEU A 135 -29.66 -10.34 7.33
CA LEU A 135 -28.22 -10.52 7.25
C LEU A 135 -27.83 -12.00 7.37
N MET A 136 -28.45 -12.73 8.30
CA MET A 136 -28.14 -14.15 8.41
C MET A 136 -28.53 -14.90 7.14
N ALA A 137 -29.62 -14.50 6.50
CA ALA A 137 -30.00 -15.13 5.24
C ALA A 137 -29.00 -14.82 4.14
N GLU A 138 -28.59 -13.55 4.03
CA GLU A 138 -27.64 -13.16 3.01
C GLU A 138 -26.28 -13.83 3.20
N CYS A 139 -25.93 -14.18 4.44
CA CYS A 139 -24.61 -14.71 4.72
C CYS A 139 -24.58 -16.23 4.90
N LEU A 140 -25.72 -16.88 5.07
CA LEU A 140 -25.79 -18.32 5.25
C LEU A 140 -26.39 -19.07 4.07
N TYR A 141 -27.27 -18.43 3.30
CA TYR A 141 -27.91 -19.13 2.19
C TYR A 141 -26.91 -19.45 1.09
N ARG A 142 -25.84 -18.66 0.96
CA ARG A 142 -24.84 -18.91 -0.07
C ARG A 142 -24.27 -20.32 0.09
N GLU A 143 -24.07 -21.00 -1.03
CA GLU A 143 -23.40 -22.29 -1.00
C GLU A 143 -22.05 -22.15 -0.31
N ASN A 144 -21.80 -23.01 0.67
CA ASN A 144 -20.61 -22.90 1.51
C ASN A 144 -20.53 -21.51 2.15
N GLY A 145 -21.63 -21.10 2.77
CA GLY A 145 -21.70 -19.83 3.48
C GLY A 145 -21.79 -20.05 4.97
N LYS A 146 -21.24 -19.11 5.73
CA LYS A 146 -21.17 -19.23 7.18
C LYS A 146 -21.19 -17.84 7.79
N ILE A 147 -21.44 -17.80 9.10
CA ILE A 147 -21.49 -16.54 9.85
C ILE A 147 -20.08 -16.17 10.28
N LYS A 148 -19.37 -15.45 9.42
CA LYS A 148 -18.05 -14.96 9.76
C LYS A 148 -18.12 -14.02 10.96
N GLU A 149 -16.99 -13.86 11.66
CA GLU A 149 -16.99 -13.03 12.85
C GLU A 149 -17.47 -11.61 12.55
N THR A 150 -17.17 -11.10 11.36
CA THR A 150 -17.66 -9.78 11.00
C THR A 150 -19.19 -9.75 10.93
N ASP A 151 -19.81 -10.87 10.58
CA ASP A 151 -21.28 -10.93 10.63
C ASP A 151 -21.79 -10.72 12.05
N ILE A 152 -21.15 -11.37 13.02
CA ILE A 152 -21.58 -11.20 14.41
C ILE A 152 -21.30 -9.77 14.86
N LYS A 153 -20.19 -9.18 14.41
CA LYS A 153 -19.91 -7.79 14.76
C LYS A 153 -20.99 -6.87 14.22
N ARG A 154 -21.41 -7.08 12.97
CA ARG A 154 -22.46 -6.27 12.37
C ARG A 154 -23.78 -6.46 13.10
N LEU A 155 -24.10 -7.71 13.45
CA LEU A 155 -25.34 -7.97 14.18
C LEU A 155 -25.33 -7.27 15.53
N GLY A 156 -24.19 -7.33 16.24
CA GLY A 156 -24.10 -6.64 17.51
C GLY A 156 -24.25 -5.15 17.37
N LEU A 157 -23.59 -4.56 16.37
CA LEU A 157 -23.73 -3.12 16.15
C LEU A 157 -25.18 -2.76 15.87
N HIS A 158 -25.84 -3.49 14.97
CA HIS A 158 -27.21 -3.18 14.60
C HIS A 158 -28.15 -3.33 15.78
N LEU A 159 -27.97 -4.38 16.58
CA LEU A 159 -28.82 -4.57 17.75
C LEU A 159 -28.61 -3.47 18.77
N ASN A 160 -27.35 -3.22 19.14
CA ASN A 160 -27.05 -2.25 20.19
C ASN A 160 -27.38 -0.82 19.79
N ALA A 161 -27.38 -0.52 18.50
CA ALA A 161 -27.63 0.86 18.07
C ALA A 161 -29.02 1.34 18.46
N MET A 162 -29.95 0.42 18.72
CA MET A 162 -31.35 0.77 18.91
C MET A 162 -31.84 0.47 20.33
N ILE A 163 -31.70 -0.76 20.80
CA ILE A 163 -32.15 -1.12 22.15
C ILE A 163 -31.00 -1.28 23.14
N ALA A 164 -29.76 -1.36 22.66
CA ALA A 164 -28.59 -1.47 23.53
C ALA A 164 -28.67 -2.69 24.43
N GLY A 165 -28.89 -3.85 23.81
CA GLY A 165 -28.92 -5.10 24.53
C GLY A 165 -27.70 -5.96 24.26
N ASP A 166 -27.85 -7.27 24.38
CA ASP A 166 -26.78 -8.23 24.11
C ASP A 166 -27.23 -9.17 23.00
N LEU A 167 -26.32 -9.42 22.04
CA LEU A 167 -26.68 -10.22 20.88
C LEU A 167 -27.12 -11.62 21.27
N GLU A 168 -26.35 -12.27 22.15
CA GLU A 168 -26.69 -13.63 22.55
C GLU A 168 -28.06 -13.70 23.21
N ASN A 169 -28.31 -12.80 24.16
CA ASN A 169 -29.59 -12.82 24.87
C ASN A 169 -30.74 -12.50 23.92
N PHE A 170 -30.57 -11.52 23.04
CA PHE A 170 -31.63 -11.17 22.11
C PHE A 170 -31.95 -12.33 21.17
N LEU A 171 -30.91 -12.96 20.63
CA LEU A 171 -31.15 -14.09 19.73
C LEU A 171 -31.80 -15.26 20.46
N LYS A 172 -31.38 -15.50 21.71
CA LYS A 172 -31.97 -16.60 22.47
C LYS A 172 -33.44 -16.33 22.75
N GLU A 173 -33.79 -15.11 23.17
CA GLU A 173 -35.18 -14.81 23.45
C GLU A 173 -36.02 -14.83 22.17
N THR A 174 -35.44 -14.42 21.05
CA THR A 174 -36.14 -14.55 19.77
C THR A 174 -36.39 -16.01 19.43
N GLN A 175 -35.39 -16.87 19.65
CA GLN A 175 -35.57 -18.29 19.40
C GLN A 175 -36.68 -18.86 20.28
N ALA A 176 -36.70 -18.47 21.56
CA ALA A 176 -37.79 -18.90 22.42
C ALA A 176 -39.11 -18.29 22.01
N LYS A 177 -39.10 -17.08 21.47
CA LYS A 177 -40.31 -16.35 21.08
C LYS A 177 -40.59 -16.44 19.58
N LEU A 178 -39.92 -17.34 18.86
CA LEU A 178 -40.10 -17.43 17.42
C LEU A 178 -41.51 -17.88 17.06
N SER A 179 -42.10 -18.79 17.86
CA SER A 179 -43.41 -19.31 17.53
C SER A 179 -44.46 -18.22 17.54
N SER A 180 -44.44 -17.34 18.55
CA SER A 180 -45.41 -16.24 18.60
C SER A 180 -45.22 -15.31 17.42
N LEU A 181 -43.96 -14.99 17.07
CA LEU A 181 -43.69 -14.13 15.94
C LEU A 181 -44.24 -14.74 14.65
N LEU A 182 -44.04 -16.04 14.46
CA LEU A 182 -44.53 -16.69 13.24
C LEU A 182 -46.06 -16.74 13.22
N ILE A 183 -46.69 -16.94 14.39
CA ILE A 183 -48.14 -16.96 14.43
C ILE A 183 -48.71 -15.59 14.06
N SER A 184 -48.14 -14.53 14.64
CA SER A 184 -48.60 -13.18 14.33
C SER A 184 -48.29 -12.83 12.87
N ALA A 185 -47.17 -13.33 12.34
CA ALA A 185 -46.86 -13.11 10.93
C ALA A 185 -47.87 -13.79 10.03
N THR A 186 -48.28 -15.01 10.39
CA THR A 186 -49.32 -15.70 9.62
C THR A 186 -50.63 -14.93 9.68
N THR A 187 -50.99 -14.40 10.85
CA THR A 187 -52.20 -13.60 10.96
C THR A 187 -52.11 -12.35 10.07
N LEU A 188 -50.95 -11.68 10.09
CA LEU A 188 -50.79 -10.48 9.29
C LEU A 188 -50.84 -10.80 7.79
N GLY A 189 -50.21 -11.90 7.39
CA GLY A 189 -50.26 -12.29 5.99
C GLY A 189 -51.67 -12.66 5.55
N VAL A 190 -52.42 -13.32 6.42
CA VAL A 190 -53.82 -13.62 6.12
C VAL A 190 -54.59 -12.33 5.93
N THR A 191 -54.39 -11.36 6.82
CA THR A 191 -55.09 -10.08 6.69
C THR A 191 -54.70 -9.38 5.39
N ILE A 192 -53.42 -9.39 5.04
CA ILE A 192 -52.97 -8.73 3.81
C ILE A 192 -53.60 -9.40 2.60
N LEU A 193 -53.57 -10.74 2.56
CA LEU A 193 -54.15 -11.45 1.43
C LEU A 193 -55.66 -11.31 1.38
N GLN A 194 -56.29 -10.99 2.51
CA GLN A 194 -57.73 -10.73 2.52
C GLN A 194 -57.99 -9.28 2.13
N SER A 195 -57.38 -8.85 1.03
CA SER A 195 -57.68 -7.55 0.41
C SER A 195 -57.77 -7.63 -1.10
N MET A 196 -57.34 -8.74 -1.72
CA MET A 196 -57.30 -8.87 -3.17
C MET A 196 -57.90 -10.17 -3.68
N ALA A 197 -57.86 -11.25 -2.90
CA ALA A 197 -58.44 -12.52 -3.34
C ALA A 197 -59.93 -12.40 -3.66
N THR A 198 -60.62 -11.46 -3.02
CA THR A 198 -62.03 -11.22 -3.26
C THR A 198 -62.20 -10.10 -4.27
N PRO A 199 -62.92 -10.31 -5.37
CA PRO A 199 -63.10 -9.23 -6.34
C PRO A 199 -63.84 -8.04 -5.75
N ALA A 200 -63.51 -6.85 -6.23
CA ALA A 200 -64.12 -5.62 -5.76
C ALA A 200 -65.65 -5.68 -5.93
N ALA A 215 -45.40 7.56 6.07
CA ALA A 215 -44.95 6.83 4.89
C ALA A 215 -43.44 6.71 4.87
N GLU A 216 -42.77 7.86 4.95
CA GLU A 216 -41.31 7.92 4.90
C GLU A 216 -40.66 7.83 6.27
N LYS A 217 -41.45 7.66 7.33
CA LYS A 217 -40.93 7.64 8.69
C LYS A 217 -40.87 6.20 9.20
N ARG A 218 -39.69 5.78 9.64
CA ARG A 218 -39.49 4.44 10.20
C ARG A 218 -39.63 4.49 11.72
N ASP A 219 -40.78 5.00 12.16
CA ASP A 219 -41.03 5.24 13.57
C ASP A 219 -41.77 4.06 14.18
N PRO A 220 -41.22 3.37 15.18
CA PRO A 220 -41.94 2.22 15.76
C PRO A 220 -43.30 2.59 16.33
N LYS A 221 -43.42 3.76 16.95
CA LYS A 221 -44.64 4.14 17.63
C LYS A 221 -45.75 4.57 16.67
N LEU A 222 -45.45 4.74 15.39
CA LEU A 222 -46.45 5.13 14.40
C LEU A 222 -47.01 3.89 13.71
N LYS A 223 -48.28 3.95 13.36
CA LYS A 223 -48.99 2.82 12.78
C LYS A 223 -49.61 3.22 11.44
N PHE A 224 -49.59 2.28 10.50
CA PHE A 224 -50.20 2.49 9.19
C PHE A 224 -51.65 2.01 9.25
N THR A 225 -52.59 2.96 9.17
CA THR A 225 -54.00 2.60 9.17
C THR A 225 -54.34 1.75 7.95
N ASN A 226 -53.82 2.11 6.79
CA ASN A 226 -54.02 1.37 5.55
C ASN A 226 -52.66 0.99 4.98
N TRP A 227 -52.50 -0.29 4.60
CA TRP A 227 -51.21 -0.73 4.08
C TRP A 227 -50.99 -0.24 2.65
N ALA A 228 -52.06 -0.04 1.88
CA ALA A 228 -51.91 0.40 0.50
C ALA A 228 -51.53 1.87 0.41
N VAL A 229 -51.92 2.68 1.40
CA VAL A 229 -51.65 4.12 1.34
C VAL A 229 -50.17 4.41 1.22
N PRO A 230 -49.28 3.85 2.04
CA PRO A 230 -47.85 4.17 1.90
C PRO A 230 -47.28 3.85 0.53
N LEU A 231 -47.71 2.75 -0.09
CA LEU A 231 -47.22 2.42 -1.42
C LEU A 231 -47.65 3.48 -2.44
N ILE A 232 -48.90 3.91 -2.37
CA ILE A 232 -49.38 4.95 -3.28
C ILE A 232 -48.62 6.24 -3.06
N ASP A 233 -48.39 6.60 -1.78
CA ASP A 233 -47.63 7.81 -1.49
C ASP A 233 -46.22 7.71 -2.06
N LEU A 234 -45.59 6.55 -1.92
CA LEU A 234 -44.27 6.34 -2.51
C LEU A 234 -44.31 6.55 -4.02
N LEU A 235 -45.24 5.88 -4.71
CA LEU A 235 -45.27 5.94 -6.16
C LEU A 235 -45.40 7.38 -6.66
N GLY A 236 -46.03 8.25 -5.86
CA GLY A 236 -46.16 9.65 -6.25
C GLY A 236 -44.84 10.41 -6.15
N LYS A 237 -43.91 9.94 -5.32
CA LYS A 237 -42.69 10.69 -5.05
C LYS A 237 -41.87 10.82 -6.33
N PRO A 238 -41.28 12.01 -6.60
CA PRO A 238 -40.39 12.15 -7.77
C PRO A 238 -38.96 11.70 -7.47
N SER A 239 -38.75 10.38 -7.54
CA SER A 239 -37.46 9.81 -7.16
C SER A 239 -36.38 10.06 -8.20
N GLN A 240 -36.75 10.38 -9.44
CA GLN A 240 -35.81 10.60 -10.54
C GLN A 240 -35.05 9.34 -10.92
N ALA A 241 -35.45 8.18 -10.41
CA ALA A 241 -34.83 6.91 -10.73
C ALA A 241 -35.81 6.05 -11.53
N ASN A 242 -35.30 5.37 -12.55
CA ASN A 242 -36.16 4.55 -13.39
C ASN A 242 -36.91 3.55 -12.53
N LEU A 243 -38.22 3.46 -12.73
CA LEU A 243 -39.10 2.61 -11.94
C LEU A 243 -39.74 1.52 -12.79
N THR A 244 -39.06 1.08 -13.85
CA THR A 244 -39.58 0.01 -14.67
C THR A 244 -39.46 -1.31 -13.91
N PRO A 245 -40.54 -2.04 -13.68
CA PRO A 245 -40.44 -3.29 -12.91
C PRO A 245 -39.44 -4.25 -13.53
N LYS A 246 -38.63 -4.87 -12.67
CA LYS A 246 -37.60 -5.80 -13.09
C LYS A 246 -38.05 -7.26 -13.04
N ILE A 247 -39.25 -7.54 -12.54
CA ILE A 247 -39.80 -8.88 -12.47
C ILE A 247 -41.02 -8.93 -13.38
N GLN A 248 -40.98 -9.80 -14.39
CA GLN A 248 -42.10 -9.97 -15.30
C GLN A 248 -43.02 -11.05 -14.75
N PRO A 249 -44.30 -10.73 -14.68
CA PRO A 249 -45.23 -11.79 -14.40
C PRO A 249 -45.25 -12.92 -15.51
N ASN A 250 -46.12 -13.88 -15.25
CA ASN A 250 -46.14 -15.10 -16.05
C ASN A 250 -47.12 -15.18 -17.21
N ILE A 251 -47.60 -14.04 -17.69
CA ILE A 251 -48.56 -14.01 -18.79
C ILE A 251 -49.67 -15.03 -18.55
N THR A 252 -49.90 -15.36 -17.28
CA THR A 252 -50.92 -16.33 -16.91
C THR A 252 -52.20 -15.64 -16.44
N SER A 253 -52.99 -16.34 -15.63
CA SER A 253 -54.24 -15.79 -15.11
C SER A 253 -54.38 -16.02 -13.60
N ARG A 254 -55.10 -17.07 -13.22
CA ARG A 254 -55.32 -17.37 -11.81
C ARG A 254 -55.73 -16.11 -11.05
N LEU A 255 -54.73 -15.42 -10.49
CA LEU A 255 -54.98 -14.18 -9.76
C LEU A 255 -55.51 -14.39 -8.34
N GLN A 256 -56.83 -14.30 -8.18
CA GLN A 256 -57.51 -14.42 -6.96
C GLN A 256 -57.38 -15.80 -6.64
N GLN A 257 -57.55 -16.72 -7.60
CA GLN A 257 -57.12 -18.08 -7.33
C GLN A 257 -55.71 -18.12 -6.74
N GLU A 258 -54.80 -17.30 -7.29
CA GLU A 258 -53.45 -17.27 -6.76
C GLU A 258 -53.44 -16.78 -5.32
N ALA A 259 -54.21 -15.74 -5.02
CA ALA A 259 -54.28 -15.24 -3.65
C ALA A 259 -54.89 -16.27 -2.71
N THR A 260 -55.91 -16.99 -3.18
CA THR A 260 -56.50 -18.04 -2.35
C THR A 260 -55.49 -19.14 -2.04
N GLN A 261 -54.73 -19.56 -3.04
CA GLN A 261 -53.69 -20.56 -2.81
C GLN A 261 -52.64 -20.03 -1.85
N ALA A 262 -52.25 -18.76 -2.00
CA ALA A 262 -51.24 -18.18 -1.13
C ALA A 262 -51.72 -18.15 0.31
N ILE A 263 -52.96 -17.73 0.54
CA ILE A 263 -53.47 -17.65 1.90
C ILE A 263 -53.64 -19.06 2.49
N ALA A 264 -54.02 -20.02 1.66
CA ALA A 264 -54.14 -21.39 2.14
C ALA A 264 -52.80 -21.95 2.57
N ALA A 265 -51.75 -21.69 1.78
CA ALA A 265 -50.43 -22.24 2.05
C ALA A 265 -49.58 -21.39 3.00
N LEU A 266 -50.05 -20.19 3.36
CA LEU A 266 -49.27 -19.34 4.25
C LEU A 266 -49.08 -20.00 5.61
N SER A 267 -50.15 -20.57 6.17
CA SER A 267 -50.03 -21.23 7.47
C SER A 267 -49.06 -22.39 7.40
N GLN A 268 -49.13 -23.19 6.33
CA GLN A 268 -48.24 -24.34 6.21
C GLN A 268 -46.78 -23.90 6.08
N THR A 269 -46.53 -22.87 5.28
CA THR A 269 -45.16 -22.45 5.03
C THR A 269 -44.56 -21.66 6.20
N LEU A 270 -45.40 -21.03 7.03
CA LEU A 270 -44.87 -20.28 8.17
C LEU A 270 -44.75 -21.14 9.42
N GLN A 271 -45.72 -22.03 9.67
CA GLN A 271 -45.64 -22.89 10.84
C GLN A 271 -44.41 -23.78 10.77
N GLN A 272 -44.11 -24.33 9.60
CA GLN A 272 -42.92 -25.15 9.43
C GLN A 272 -41.65 -24.32 9.42
N GLN A 273 -41.76 -22.99 9.42
CA GLN A 273 -40.57 -22.14 9.46
C GLN A 273 -39.79 -22.35 10.75
N ALA A 274 -40.49 -22.54 11.87
CA ALA A 274 -39.84 -22.70 13.17
C ALA A 274 -39.02 -23.98 13.26
N ASN A 275 -39.20 -24.93 12.34
CA ASN A 275 -38.49 -26.20 12.40
C ASN A 275 -37.02 -25.95 12.13
N ALA A 276 -36.20 -25.96 13.19
CA ALA A 276 -34.77 -25.76 13.03
C ALA A 276 -34.12 -26.90 12.25
N GLY A 277 -34.74 -28.09 12.25
CA GLY A 277 -34.22 -29.17 11.42
C GLY A 277 -34.22 -28.82 9.95
N GLN A 278 -35.27 -28.16 9.48
CA GLN A 278 -35.30 -27.67 8.11
C GLN A 278 -34.18 -26.65 7.93
N LYS A 279 -33.43 -26.80 6.83
CA LYS A 279 -32.37 -25.87 6.52
C LYS A 279 -32.93 -24.61 5.87
N TYR A 280 -32.17 -23.52 5.98
CA TYR A 280 -32.51 -22.26 5.33
C TYR A 280 -33.87 -21.73 5.79
N THR A 281 -34.09 -21.76 7.10
CA THR A 281 -35.31 -21.23 7.70
C THR A 281 -34.93 -20.37 8.90
N LEU A 282 -35.89 -19.53 9.33
CA LEU A 282 -35.62 -18.61 10.42
C LEU A 282 -35.04 -19.33 11.63
N ALA A 283 -35.63 -20.48 11.99
CA ALA A 283 -35.10 -21.26 13.10
C ALA A 283 -33.66 -21.70 12.81
N TRP A 284 -33.41 -22.17 11.59
CA TRP A 284 -32.06 -22.58 11.23
C TRP A 284 -31.11 -21.40 11.22
N LEU A 285 -31.57 -20.24 10.75
CA LEU A 285 -30.71 -19.06 10.76
C LEU A 285 -30.32 -18.69 12.19
N LEU A 286 -31.29 -18.67 13.10
CA LEU A 286 -30.98 -18.36 14.49
C LEU A 286 -30.04 -19.39 15.09
N GLN A 287 -30.30 -20.68 14.83
CA GLN A 287 -29.45 -21.73 15.39
C GLN A 287 -28.02 -21.60 14.87
N GLU A 288 -27.84 -21.36 13.58
CA GLU A 288 -26.51 -21.26 13.01
C GLU A 288 -25.79 -20.02 13.52
N THR A 289 -26.50 -18.90 13.64
CA THR A 289 -25.88 -17.69 14.19
C THR A 289 -25.46 -17.92 15.65
N LEU A 290 -26.31 -18.58 16.43
CA LEU A 290 -25.96 -18.87 17.81
C LEU A 290 -24.74 -19.78 17.88
N LYS A 291 -24.68 -20.80 17.02
CA LYS A 291 -23.52 -21.70 17.02
C LYS A 291 -22.25 -20.96 16.64
N ALA A 292 -22.34 -20.07 15.64
CA ALA A 292 -21.17 -19.29 15.26
C ALA A 292 -20.72 -18.39 16.40
N ILE A 293 -21.68 -17.74 17.08
CA ILE A 293 -21.32 -16.87 18.20
C ILE A 293 -20.65 -17.68 19.30
N GLN A 294 -21.19 -18.86 19.62
CA GLN A 294 -20.59 -19.69 20.66
C GLN A 294 -19.19 -20.12 20.27
N ALA A 295 -19.00 -20.52 19.02
CA ALA A 295 -17.68 -20.95 18.57
C ALA A 295 -16.67 -19.81 18.63
N LEU A 296 -17.08 -18.61 18.22
CA LEU A 296 -16.16 -17.48 18.15
C LEU A 296 -16.01 -16.74 19.47
N GLU A 297 -16.80 -17.08 20.49
CA GLU A 297 -16.61 -16.50 21.81
C GLU A 297 -15.36 -17.03 22.51
N ASN A 298 -14.75 -18.09 21.98
CA ASN A 298 -13.58 -18.69 22.61
C ASN A 298 -12.34 -18.44 21.76
N THR A 309 -19.44 7.28 25.40
CA THR A 309 -20.19 8.48 25.06
C THR A 309 -20.17 8.72 23.56
N GLY A 310 -19.00 8.58 22.94
CA GLY A 310 -18.91 8.72 21.49
C GLY A 310 -19.50 7.55 20.75
N GLU A 311 -19.54 6.37 21.38
CA GLU A 311 -20.16 5.21 20.75
C GLU A 311 -21.64 5.43 20.54
N TYR A 312 -22.34 5.97 21.54
CA TYR A 312 -23.77 6.21 21.43
C TYR A 312 -24.06 7.26 20.37
N GLU A 313 -23.18 8.26 20.21
CA GLU A 313 -23.39 9.27 19.19
C GLU A 313 -23.43 8.66 17.80
N ARG A 314 -22.51 7.73 17.51
CA ARG A 314 -22.50 7.06 16.22
C ARG A 314 -23.64 6.05 16.10
N HIS A 315 -24.13 5.52 17.23
CA HIS A 315 -25.33 4.69 17.19
C HIS A 315 -26.52 5.51 16.69
N THR A 316 -26.63 6.77 17.12
CA THR A 316 -27.64 7.66 16.56
C THR A 316 -27.33 7.99 15.11
N LYS A 317 -26.08 7.82 14.68
CA LYS A 317 -25.74 8.05 13.28
C LYS A 317 -26.57 7.16 12.36
N GLY A 318 -26.85 5.94 12.79
CA GLY A 318 -27.73 5.06 12.04
C GLY A 318 -27.07 3.81 11.50
N ASP A 319 -26.10 3.26 12.23
CA ASP A 319 -25.48 2.01 11.81
C ASP A 319 -26.46 0.85 11.77
N THR A 320 -27.70 1.06 12.21
CA THR A 320 -28.75 0.06 12.05
C THR A 320 -28.78 -0.47 10.62
N LEU A 321 -28.98 -1.77 10.48
CA LEU A 321 -29.00 -2.42 9.18
C LEU A 321 -30.39 -2.29 8.56
N GLU A 322 -30.47 -2.66 7.27
CA GLU A 322 -31.73 -2.69 6.55
C GLU A 322 -31.48 -3.40 5.23
N PHE A 323 -32.39 -4.28 4.83
CA PHE A 323 -32.23 -5.09 3.65
C PHE A 323 -33.48 -5.03 2.77
N VAL A 324 -33.26 -5.02 1.46
CA VAL A 324 -34.34 -5.07 0.49
C VAL A 324 -34.00 -6.15 -0.54
N SER A 325 -35.05 -6.75 -1.10
CA SER A 325 -34.88 -7.79 -2.12
C SER A 325 -34.95 -7.25 -3.54
N LEU A 326 -35.42 -6.01 -3.73
CA LEU A 326 -35.51 -5.37 -5.04
C LEU A 326 -34.88 -4.00 -4.96
N GLN A 327 -34.06 -3.66 -5.94
CA GLN A 327 -33.34 -2.39 -5.94
C GLN A 327 -33.35 -1.78 -7.33
N ALA A 328 -33.28 -0.45 -7.37
CA ALA A 328 -33.31 0.29 -8.62
C ALA A 328 -31.92 0.35 -9.23
N ASP A 329 -31.88 0.57 -10.55
CA ASP A 329 -30.62 0.73 -11.24
C ASP A 329 -29.88 1.96 -10.71
N ALA A 330 -28.57 1.83 -10.56
CA ALA A 330 -27.76 2.95 -10.10
C ALA A 330 -27.92 4.13 -11.05
N LEU A 331 -28.14 5.32 -10.48
CA LEU A 331 -28.35 6.49 -11.30
C LEU A 331 -27.13 6.79 -12.17
N ASN A 332 -25.94 6.72 -11.60
CA ASN A 332 -24.72 6.99 -12.34
C ASN A 332 -23.55 6.41 -11.57
N ALA A 333 -22.36 6.51 -12.16
CA ALA A 333 -21.16 6.02 -11.53
C ALA A 333 -20.79 6.91 -10.34
N PRO A 334 -19.97 6.41 -9.42
CA PRO A 334 -19.52 7.23 -8.32
C PRO A 334 -18.24 7.96 -8.68
N PRO A 335 -17.92 9.05 -7.99
CA PRO A 335 -16.63 9.71 -8.25
C PRO A 335 -15.44 8.83 -7.92
N CYS A 336 -15.63 7.76 -7.15
CA CYS A 336 -14.54 6.86 -6.81
C CYS A 336 -13.99 6.20 -8.06
N GLU A 337 -12.68 5.98 -8.08
CA GLU A 337 -12.01 5.28 -9.17
C GLU A 337 -11.24 4.05 -8.67
N GLY A 338 -11.55 3.58 -7.47
CA GLY A 338 -10.83 2.46 -6.90
C GLY A 338 -11.18 1.15 -7.58
N ALA A 339 -10.42 0.11 -7.20
CA ALA A 339 -10.65 -1.21 -7.77
C ALA A 339 -12.03 -1.74 -7.42
N ASP A 340 -12.66 -1.22 -6.37
CA ASP A 340 -13.99 -1.64 -5.97
C ASP A 340 -15.11 -0.89 -6.70
N SER A 341 -14.78 0.18 -7.42
CA SER A 341 -15.78 0.98 -8.12
C SER A 341 -15.68 0.89 -9.64
N GLN A 342 -14.61 0.29 -10.17
CA GLN A 342 -14.48 0.09 -11.60
C GLN A 342 -13.39 -0.93 -11.86
N SER A 343 -13.53 -1.66 -12.96
CA SER A 343 -12.59 -2.72 -13.27
C SER A 343 -11.24 -2.12 -13.68
N GLY A 344 -10.28 -3.00 -13.98
CA GLY A 344 -8.96 -2.58 -14.39
C GLY A 344 -8.98 -1.78 -15.68
N SER A 346 -12.11 0.65 -18.64
CA SER A 346 -12.46 0.28 -17.27
C SER A 346 -13.95 0.39 -17.05
N ILE A 347 -14.63 -0.76 -17.05
CA ILE A 347 -16.08 -0.79 -16.91
C ILE A 347 -16.44 -0.44 -15.47
N SER A 348 -17.12 0.69 -15.28
CA SER A 348 -17.60 1.05 -13.96
C SER A 348 -18.75 0.14 -13.56
N TYR A 349 -18.68 -0.41 -12.35
CA TYR A 349 -19.64 -1.42 -11.93
C TYR A 349 -21.03 -0.83 -11.76
N SER A 350 -21.13 0.41 -11.30
CA SER A 350 -22.44 0.98 -10.98
C SER A 350 -23.32 1.05 -12.22
N ILE A 351 -22.78 1.52 -13.34
CA ILE A 351 -23.54 1.67 -14.57
C ILE A 351 -23.11 0.71 -15.66
N GLY A 352 -21.95 0.06 -15.52
CA GLY A 352 -21.47 -0.81 -16.58
C GLY A 352 -21.06 -0.07 -17.82
N ALA A 353 -20.67 1.19 -17.70
CA ALA A 353 -20.26 2.00 -18.83
C ALA A 353 -18.76 1.84 -19.05
N GLU A 354 -18.37 1.55 -20.28
CA GLU A 354 -16.96 1.48 -20.63
C GLU A 354 -16.45 2.90 -20.83
N ARG A 355 -15.62 3.37 -19.91
CA ARG A 355 -14.98 4.67 -20.00
C ARG A 355 -13.47 4.47 -20.03
N VAL A 356 -12.81 5.11 -20.99
CA VAL A 356 -11.36 5.08 -21.12
C VAL A 356 -10.88 6.51 -21.22
N GLN A 357 -10.10 6.96 -20.24
CA GLN A 357 -9.56 8.31 -20.19
C GLN A 357 -8.18 8.30 -20.86
N HIS A 358 -8.10 8.90 -22.04
CA HIS A 358 -6.86 8.94 -22.81
C HIS A 358 -6.36 10.38 -22.86
N ALA A 359 -5.11 10.58 -22.42
CA ALA A 359 -4.46 11.88 -22.46
C ALA A 359 -3.68 11.99 -23.77
N ASP A 360 -3.95 13.05 -24.54
CA ASP A 360 -3.31 13.21 -25.83
C ASP A 360 -2.00 13.98 -25.72
N PHE A 361 -2.03 15.18 -25.13
CA PHE A 361 -0.83 15.98 -25.01
C PHE A 361 -0.83 16.69 -23.67
N TYR A 362 0.35 17.11 -23.24
CA TYR A 362 0.54 17.77 -21.97
C TYR A 362 1.21 19.13 -22.21
N LEU A 363 0.66 20.17 -21.61
CA LEU A 363 1.26 21.50 -21.66
C LEU A 363 1.96 21.75 -20.33
N PRO A 364 3.24 21.37 -20.20
CA PRO A 364 3.86 21.39 -18.87
C PRO A 364 3.89 22.76 -18.22
N LYS A 365 4.07 23.82 -19.01
CA LYS A 365 4.18 25.16 -18.44
C LYS A 365 2.88 25.65 -17.84
N ILE A 366 1.76 24.97 -18.08
CA ILE A 366 0.47 25.39 -17.55
C ILE A 366 -0.20 24.23 -16.82
N GLY A 367 0.39 23.04 -16.94
CA GLY A 367 -0.17 21.87 -16.28
C GLY A 367 -1.51 21.43 -16.88
N PHE A 368 -1.63 21.46 -18.19
CA PHE A 368 -2.86 21.08 -18.89
C PHE A 368 -2.60 19.84 -19.70
N SER A 369 -3.38 18.79 -19.45
CA SER A 369 -3.30 17.54 -20.18
C SER A 369 -4.59 17.33 -20.97
N PHE A 370 -4.46 17.10 -22.28
CA PHE A 370 -5.63 16.92 -23.14
C PHE A 370 -6.20 15.53 -22.89
N ILE A 371 -7.05 15.45 -21.87
CA ILE A 371 -7.64 14.19 -21.45
C ILE A 371 -8.90 13.96 -22.27
N ARG A 372 -8.82 13.05 -23.23
CA ARG A 372 -9.98 12.62 -23.99
C ARG A 372 -10.67 11.49 -23.22
N GLN A 373 -11.93 11.69 -22.86
CA GLN A 373 -12.67 10.76 -22.04
C GLN A 373 -13.78 10.13 -22.88
N TYR A 374 -13.76 8.80 -22.97
CA TYR A 374 -14.81 8.04 -23.63
C TYR A 374 -15.78 7.51 -22.60
N ASN A 375 -17.04 7.35 -23.02
CA ASN A 375 -18.06 6.79 -22.14
C ASN A 375 -19.12 6.14 -23.05
N SER A 376 -19.08 4.82 -23.15
CA SER A 376 -19.93 4.12 -24.11
C SER A 376 -21.42 4.41 -23.89
N GLN A 377 -21.79 5.05 -22.78
CA GLN A 377 -23.17 5.42 -22.52
C GLN A 377 -23.43 6.89 -22.78
N MET A 378 -22.47 7.63 -23.35
CA MET A 378 -22.62 9.06 -23.60
C MET A 378 -23.29 9.25 -24.97
N ASP A 379 -24.58 8.93 -25.02
CA ASP A 379 -25.34 9.17 -26.25
C ASP A 379 -25.50 10.65 -26.53
N GLU A 380 -25.26 11.51 -25.54
CA GLU A 380 -25.37 12.94 -25.76
C GLU A 380 -24.20 13.49 -26.57
N PHE A 381 -23.04 12.85 -26.47
CA PHE A 381 -21.85 13.26 -27.21
C PHE A 381 -21.62 12.40 -28.45
N ASP A 382 -22.71 11.93 -29.07
CA ASP A 382 -22.56 11.14 -30.29
C ASP A 382 -21.95 11.97 -31.42
N GLN A 383 -22.34 13.24 -31.51
CA GLN A 383 -21.80 14.14 -32.52
C GLN A 383 -20.67 15.01 -31.97
N SER A 384 -20.06 14.61 -30.86
CA SER A 384 -18.97 15.39 -30.30
C SER A 384 -17.86 15.55 -31.32
N MET A 385 -17.34 16.77 -31.41
CA MET A 385 -16.36 17.09 -32.44
C MET A 385 -15.07 16.28 -32.29
N VAL A 386 -14.65 15.98 -31.07
CA VAL A 386 -13.45 15.16 -30.86
C VAL A 386 -13.69 13.71 -31.22
N GLY A 387 -14.93 13.31 -31.50
CA GLY A 387 -15.27 11.93 -31.81
C GLY A 387 -16.52 11.54 -31.07
N ALA A 388 -17.29 10.64 -31.67
CA ALA A 388 -18.56 10.24 -31.09
C ALA A 388 -18.35 9.64 -29.71
N ARG A 389 -19.13 10.12 -28.74
CA ARG A 389 -19.08 9.66 -27.36
C ARG A 389 -17.72 9.92 -26.71
N TRP A 390 -16.91 10.80 -27.30
CA TRP A 390 -15.63 11.20 -26.73
C TRP A 390 -15.73 12.62 -26.20
N MET A 391 -15.21 12.83 -24.99
CA MET A 391 -15.21 14.13 -24.34
C MET A 391 -13.77 14.62 -24.23
N MET A 392 -13.50 15.80 -24.78
CA MET A 392 -12.24 16.48 -24.56
C MET A 392 -12.38 17.43 -23.39
N PRO A 393 -11.27 17.96 -22.86
CA PRO A 393 -11.38 18.97 -21.82
C PRO A 393 -12.17 20.18 -22.32
N PHE A 394 -13.01 20.73 -21.45
CA PHE A 394 -13.83 21.90 -21.72
C PHE A 394 -14.99 21.61 -22.66
N SER A 395 -15.28 20.34 -22.96
CA SER A 395 -16.46 19.99 -23.71
C SER A 395 -17.68 19.75 -22.83
N ASN A 396 -17.50 19.74 -21.52
CA ASN A 396 -18.64 19.62 -20.62
C ASN A 396 -19.61 20.78 -20.86
N MET A 397 -20.90 20.49 -20.82
CA MET A 397 -21.92 21.49 -21.12
C MET A 397 -23.20 21.07 -20.42
N ILE A 398 -24.20 21.96 -20.50
CA ILE A 398 -25.51 21.73 -19.91
C ILE A 398 -26.52 21.68 -21.05
N GLN A 399 -27.16 20.53 -21.22
CA GLN A 399 -28.14 20.32 -22.27
C GLN A 399 -29.55 20.44 -21.71
N GLN A 400 -30.52 20.54 -22.62
CA GLN A 400 -31.93 20.63 -22.27
C GLN A 400 -32.62 19.32 -22.63
N ASN A 401 -33.34 18.75 -21.67
CA ASN A 401 -34.12 17.54 -21.91
C ASN A 401 -35.54 17.73 -21.38
N ALA A 402 -36.35 16.69 -21.42
CA ALA A 402 -37.72 16.79 -20.93
C ALA A 402 -37.75 17.15 -19.46
N GLN A 403 -36.91 16.49 -18.66
CA GLN A 403 -36.89 16.77 -17.22
C GLN A 403 -36.43 18.18 -16.93
N GLY A 404 -35.39 18.64 -17.63
CA GLY A 404 -34.83 19.96 -17.39
C GLY A 404 -33.46 20.14 -17.98
N TYR A 405 -32.51 20.62 -17.17
CA TYR A 405 -31.14 20.87 -17.61
C TYR A 405 -30.25 19.72 -17.17
N LEU A 406 -29.58 19.09 -18.13
CA LEU A 406 -28.67 17.98 -17.89
C LEU A 406 -27.24 18.49 -18.01
N PHE A 407 -26.49 18.40 -16.92
CA PHE A 407 -25.10 18.80 -16.89
C PHE A 407 -24.21 17.57 -16.96
N ILE A 408 -23.21 17.61 -17.84
CA ILE A 408 -22.30 16.49 -18.05
C ILE A 408 -20.92 16.97 -17.60
N ASP A 409 -20.56 16.64 -16.36
CA ASP A 409 -19.31 17.12 -15.81
C ASP A 409 -18.12 16.63 -16.63
N SER A 410 -16.95 17.23 -16.36
CA SER A 410 -15.76 16.86 -17.11
C SER A 410 -15.44 15.38 -16.95
N LYS A 411 -15.72 14.81 -15.78
CA LYS A 411 -15.47 13.39 -15.55
C LYS A 411 -16.40 12.49 -16.35
N GLY A 412 -17.46 13.04 -16.94
CA GLY A 412 -18.40 12.26 -17.71
C GLY A 412 -19.61 11.79 -16.94
N ARG A 413 -19.87 12.32 -15.74
CA ARG A 413 -20.98 11.92 -14.90
C ARG A 413 -22.12 12.91 -15.07
N LYS A 414 -23.27 12.41 -15.50
CA LYS A 414 -24.45 13.25 -15.63
C LYS A 414 -24.93 13.73 -14.27
N HIS A 415 -25.54 14.91 -14.25
CA HIS A 415 -26.16 15.46 -13.06
C HIS A 415 -27.40 16.23 -13.50
N GLN A 416 -28.55 15.57 -13.48
CA GLN A 416 -29.79 16.25 -13.82
C GLN A 416 -30.05 17.39 -12.84
N LEU A 417 -30.41 18.55 -13.38
CA LEU A 417 -30.66 19.74 -12.57
C LEU A 417 -32.02 20.32 -12.92
N PRO A 418 -32.64 21.03 -11.98
CA PRO A 418 -33.97 21.60 -12.26
C PRO A 418 -33.88 22.73 -13.28
N VAL A 419 -35.03 23.02 -13.89
CA VAL A 419 -35.13 24.17 -14.79
C VAL A 419 -35.02 25.49 -14.04
N SER A 420 -34.97 25.45 -12.71
CA SER A 420 -34.85 26.66 -11.90
C SER A 420 -33.42 27.10 -11.70
N ILE A 421 -32.44 26.37 -12.24
CA ILE A 421 -31.04 26.79 -12.10
C ILE A 421 -30.81 28.11 -12.83
N ILE A 422 -31.50 28.32 -13.95
CA ILE A 422 -31.41 29.59 -14.66
C ILE A 422 -32.05 30.73 -13.89
N PHE A 423 -32.83 30.42 -12.84
CA PHE A 423 -33.48 31.44 -12.04
C PHE A 423 -33.02 31.48 -10.59
N GLU A 424 -32.32 30.44 -10.11
CA GLU A 424 -31.86 30.42 -8.72
C GLU A 424 -30.66 29.50 -8.60
N THR A 425 -29.96 29.62 -7.48
CA THR A 425 -28.79 28.80 -7.22
C THR A 425 -29.21 27.36 -6.89
N TYR A 426 -28.29 26.43 -7.16
CA TYR A 426 -28.54 25.02 -6.88
C TYR A 426 -27.21 24.32 -6.60
N GLU A 427 -27.29 23.24 -5.83
CA GLU A 427 -26.12 22.45 -5.45
C GLU A 427 -26.46 20.97 -5.57
N VAL A 428 -25.58 20.22 -6.23
CA VAL A 428 -25.81 18.78 -6.40
C VAL A 428 -25.38 18.08 -5.11
N PRO A 429 -26.23 17.25 -4.51
CA PRO A 429 -25.84 16.59 -3.26
C PRO A 429 -24.69 15.62 -3.46
N TYR A 430 -23.94 15.40 -2.38
CA TYR A 430 -22.86 14.42 -2.26
C TYR A 430 -21.57 14.86 -2.96
N GLU A 431 -21.57 15.99 -3.67
CA GLU A 431 -20.38 16.48 -4.34
C GLU A 431 -19.87 17.79 -3.75
N GLY A 432 -20.72 18.80 -3.64
CA GLY A 432 -20.34 20.05 -3.05
C GLY A 432 -19.90 21.09 -4.07
N TRP A 433 -20.64 21.22 -5.17
CA TRP A 433 -20.40 22.28 -6.14
C TRP A 433 -21.73 22.94 -6.49
N ILE A 434 -21.66 24.24 -6.77
CA ILE A 434 -22.84 25.08 -6.90
C ILE A 434 -22.99 25.53 -8.34
N ILE A 435 -24.25 25.74 -8.75
CA ILE A 435 -24.59 26.36 -10.02
C ILE A 435 -25.40 27.60 -9.72
N LYS A 436 -25.00 28.74 -10.29
CA LYS A 436 -25.72 29.98 -10.08
C LYS A 436 -25.93 30.70 -11.42
N PRO A 437 -27.11 31.28 -11.65
CA PRO A 437 -27.34 31.99 -12.91
C PRO A 437 -26.94 33.45 -12.84
N LEU A 438 -27.18 34.19 -13.94
CA LEU A 438 -26.96 35.63 -13.97
C LEU A 438 -28.01 36.25 -14.88
N LYS A 439 -28.20 37.56 -14.71
CA LYS A 439 -29.19 38.27 -15.51
C LYS A 439 -28.87 38.22 -17.00
N ASN A 440 -27.62 37.99 -17.36
CA ASN A 440 -27.21 37.90 -18.75
C ASN A 440 -27.33 36.49 -19.31
N GLY A 441 -27.87 35.56 -18.54
CA GLY A 441 -28.05 34.19 -19.00
C GLY A 441 -26.84 33.30 -18.88
N GLU A 442 -25.77 33.77 -18.26
CA GLU A 442 -24.55 33.00 -18.10
C GLU A 442 -24.55 32.30 -16.75
N LEU A 443 -24.37 30.98 -16.76
CA LEU A 443 -24.40 30.17 -15.57
C LEU A 443 -22.97 29.90 -15.10
N ILE A 444 -22.74 30.08 -13.79
CA ILE A 444 -21.42 29.93 -13.20
C ILE A 444 -21.41 28.65 -12.38
N LEU A 445 -20.43 27.78 -12.64
CA LEU A 445 -20.23 26.56 -11.88
C LEU A 445 -19.05 26.76 -10.94
N ASP A 446 -19.26 26.49 -9.65
CA ASP A 446 -18.23 26.57 -8.63
C ASP A 446 -17.89 25.15 -8.21
N PHE A 447 -16.95 24.53 -8.94
CA PHE A 447 -16.63 23.14 -8.72
C PHE A 447 -15.94 22.89 -7.39
N GLY A 448 -15.56 23.95 -6.68
CA GLY A 448 -14.86 23.81 -5.42
C GLY A 448 -13.44 24.32 -5.54
N GLY A 449 -13.21 25.53 -5.06
CA GLY A 449 -11.94 26.19 -5.20
C GLY A 449 -12.15 27.62 -5.63
N GLU A 450 -11.14 28.18 -6.30
CA GLU A 450 -11.17 29.55 -6.77
C GLU A 450 -11.60 29.65 -8.23
N TRP A 451 -11.96 28.53 -8.87
CA TRP A 451 -12.31 28.52 -10.28
C TRP A 451 -13.80 28.73 -10.47
N ARG A 452 -14.16 29.68 -11.33
CA ARG A 452 -15.54 29.90 -11.74
C ARG A 452 -15.63 29.69 -13.24
N SER A 453 -16.51 28.79 -13.66
CA SER A 453 -16.68 28.44 -15.07
C SER A 453 -18.00 29.03 -15.56
N HIS A 454 -17.92 29.88 -16.58
CA HIS A 454 -19.09 30.55 -17.14
C HIS A 454 -19.61 29.76 -18.32
N PHE A 455 -20.92 29.52 -18.35
CA PHE A 455 -21.58 28.81 -19.43
C PHE A 455 -22.58 29.73 -20.11
N GLN A 456 -22.62 29.67 -21.44
CA GLN A 456 -23.52 30.51 -22.23
C GLN A 456 -24.27 29.64 -23.22
N SER A 457 -25.49 30.07 -23.52
CA SER A 457 -26.36 29.40 -24.48
C SER A 457 -26.41 30.19 -25.78
N PHE A 458 -26.35 29.49 -26.91
CA PHE A 458 -26.32 30.11 -28.21
C PHE A 458 -27.55 29.79 -29.05
N ASP A 459 -28.46 28.93 -28.57
CA ASP A 459 -29.66 28.56 -29.33
C ASP A 459 -30.81 28.39 -28.34
N GLY A 460 -31.53 29.48 -28.11
CA GLY A 460 -32.76 29.43 -27.33
C GLY A 460 -32.62 28.79 -25.97
N GLY A 461 -31.45 28.95 -25.35
CA GLY A 461 -31.23 28.34 -24.04
C GLY A 461 -31.34 26.83 -24.04
N LYS A 462 -30.94 26.18 -25.13
CA LYS A 462 -31.03 24.74 -25.25
C LYS A 462 -29.72 24.02 -24.93
N ASN A 463 -28.59 24.65 -25.23
CA ASN A 463 -27.27 24.08 -24.94
C ASN A 463 -26.39 25.18 -24.38
N TYR A 464 -25.97 25.03 -23.13
CA TYR A 464 -25.11 26.00 -22.46
C TYR A 464 -23.67 25.52 -22.58
N TYR A 465 -22.82 26.18 -23.38
CA TYR A 465 -21.39 25.80 -23.60
C TYR A 465 -20.44 26.71 -22.80
N LEU A 466 -19.57 26.12 -21.98
CA LEU A 466 -18.62 26.90 -21.19
C LEU A 466 -17.89 27.91 -22.06
N VAL A 467 -18.41 29.12 -22.12
CA VAL A 467 -17.81 30.18 -22.93
C VAL A 467 -16.40 30.52 -22.42
N LYS A 468 -16.19 30.29 -21.12
CA LYS A 468 -14.89 30.57 -20.51
C LYS A 468 -14.99 30.42 -18.99
N LYS A 469 -13.82 30.43 -18.33
CA LYS A 469 -13.76 30.30 -16.89
C LYS A 469 -13.13 31.54 -16.26
N MET A 470 -12.82 31.45 -14.97
CA MET A 470 -12.22 32.55 -14.24
C MET A 470 -11.49 32.06 -12.99
N ASN A 471 -10.74 32.96 -12.36
CA ASN A 471 -9.99 32.63 -11.15
C ASN A 471 -9.58 33.88 -10.39
N GLU A 472 -10.53 34.41 -9.61
CA GLU A 472 -10.26 35.61 -8.81
C GLU A 472 -8.95 35.46 -8.04
N THR A 473 -8.59 34.23 -7.72
CA THR A 473 -7.36 33.96 -6.98
C THR A 473 -6.15 34.10 -7.88
N SER A 474 -5.92 33.09 -8.71
CA SER A 474 -4.78 33.11 -9.63
C SER A 474 -4.92 34.22 -10.67
N GLN A 475 -6.09 34.84 -10.70
CA GLN A 475 -6.35 35.93 -11.64
C GLN A 475 -6.35 35.40 -13.07
N GLU A 476 -6.41 34.08 -13.22
CA GLU A 476 -6.42 33.46 -14.53
C GLU A 476 -7.85 33.23 -15.02
N GLU A 477 -7.99 32.70 -16.23
CA GLU A 477 -9.29 32.43 -16.80
C GLU A 477 -9.16 31.93 -18.24
N ILE A 478 -9.72 30.76 -18.49
CA ILE A 478 -9.67 30.16 -19.83
C ILE A 478 -10.80 30.70 -20.70
N LEU A 479 -10.46 31.14 -21.91
CA LEU A 479 -11.45 31.67 -22.83
C LEU A 479 -11.69 30.70 -23.98
N LEU A 480 -12.95 30.32 -24.18
CA LEU A 480 -13.31 29.40 -25.25
C LEU A 480 -14.03 30.18 -26.34
N GLU A 481 -13.48 30.12 -27.55
CA GLU A 481 -14.08 30.80 -28.70
C GLU A 481 -14.83 29.77 -29.53
N TYR A 482 -16.11 30.04 -29.78
CA TYR A 482 -17.02 29.06 -30.37
C TYR A 482 -17.41 29.50 -31.77
N LEU A 483 -17.20 28.61 -32.74
CA LEU A 483 -17.67 28.82 -34.10
C LEU A 483 -19.10 28.29 -34.22
N LEU A 484 -20.00 29.14 -34.71
CA LEU A 484 -21.41 28.81 -34.81
C LEU A 484 -21.76 28.52 -36.26
N LEU A 485 -22.38 27.37 -36.50
CA LEU A 485 -22.84 26.99 -37.83
C LEU A 485 -24.19 26.28 -37.69
N ASP A 486 -25.21 26.82 -38.35
CA ASP A 486 -26.56 26.27 -38.29
C ASP A 486 -27.03 26.16 -36.84
N HIS A 487 -26.74 27.20 -36.05
CA HIS A 487 -27.11 27.24 -34.64
C HIS A 487 -26.44 26.12 -33.85
N ILE A 488 -25.29 25.66 -34.31
CA ILE A 488 -24.50 24.65 -33.62
C ILE A 488 -23.17 25.29 -33.25
N ALA A 489 -22.93 25.46 -31.95
CA ALA A 489 -21.71 26.08 -31.48
C ALA A 489 -20.58 25.06 -31.49
N TYR A 490 -19.49 25.37 -32.19
CA TYR A 490 -18.34 24.48 -32.34
C TYR A 490 -17.13 25.16 -31.72
N LEU A 491 -16.56 24.50 -30.69
CA LEU A 491 -15.36 25.04 -30.05
C LEU A 491 -14.24 25.17 -31.07
N LYS A 492 -13.63 26.35 -31.12
CA LYS A 492 -12.61 26.66 -32.12
C LYS A 492 -11.26 26.96 -31.50
N VAL A 493 -11.21 27.79 -30.47
CA VAL A 493 -9.95 28.23 -29.87
C VAL A 493 -10.09 28.20 -28.36
N ILE A 494 -9.06 27.70 -27.69
CA ILE A 494 -8.95 27.74 -26.23
C ILE A 494 -7.83 28.72 -25.91
N ASN A 495 -8.18 29.87 -25.34
CA ASN A 495 -7.19 30.84 -24.90
C ASN A 495 -6.87 30.57 -23.43
N PHE A 496 -5.63 30.20 -23.16
CA PHE A 496 -5.20 29.92 -21.79
C PHE A 496 -4.53 31.17 -21.22
N LYS A 497 -5.36 32.18 -20.97
CA LYS A 497 -4.86 33.45 -20.46
C LYS A 497 -4.49 33.30 -18.99
N LEU A 498 -3.47 32.48 -18.71
CA LEU A 498 -3.02 32.21 -17.37
C LEU A 498 -1.69 32.89 -17.11
N LYS A 499 -1.51 33.37 -15.88
CA LYS A 499 -0.25 34.03 -15.52
C LYS A 499 0.93 33.10 -15.74
N GLN A 500 0.72 31.79 -15.66
CA GLN A 500 1.80 30.85 -15.90
C GLN A 500 2.31 30.96 -17.33
N ALA A 501 1.39 31.03 -18.30
CA ALA A 501 1.75 31.15 -19.71
C ALA A 501 0.47 31.32 -20.51
N GLU A 502 0.61 31.89 -21.70
CA GLU A 502 -0.50 32.15 -22.60
C GLU A 502 -0.42 31.20 -23.78
N TYR A 503 -1.56 30.60 -24.13
CA TYR A 503 -1.63 29.65 -25.23
C TYR A 503 -2.88 29.91 -26.05
N GLU A 504 -2.81 29.50 -27.32
CA GLU A 504 -3.92 29.61 -28.26
C GLU A 504 -4.07 28.24 -28.92
N LEU A 505 -4.86 27.36 -28.30
CA LEU A 505 -5.03 25.99 -28.80
C LEU A 505 -6.01 26.03 -29.97
N LYS A 506 -5.48 26.43 -31.13
CA LYS A 506 -6.28 26.46 -32.34
C LYS A 506 -6.66 25.04 -32.77
N PHE A 507 -7.87 24.89 -33.28
CA PHE A 507 -8.39 23.61 -33.72
C PHE A 507 -8.65 23.64 -35.22
N ALA A 508 -8.48 22.48 -35.86
CA ALA A 508 -8.75 22.30 -37.27
C ALA A 508 -9.79 21.21 -37.46
N PHE A 509 -10.76 21.46 -38.34
CA PHE A 509 -11.86 20.54 -38.57
C PHE A 509 -11.88 20.07 -40.02
N ASN A 510 -12.48 18.90 -40.22
CA ASN A 510 -12.72 18.36 -41.55
C ASN A 510 -14.15 18.68 -41.98
N GLU A 511 -14.59 18.06 -43.08
CA GLU A 511 -15.93 18.32 -43.58
C GLU A 511 -17.00 18.00 -42.56
N GLN A 512 -16.77 17.01 -41.70
CA GLN A 512 -17.74 16.61 -40.69
C GLN A 512 -17.72 17.50 -39.47
N VAL A 513 -16.88 18.54 -39.46
CA VAL A 513 -16.72 19.40 -38.29
C VAL A 513 -16.28 18.48 -37.15
N LYS A 514 -15.08 17.90 -37.31
CA LYS A 514 -14.49 17.03 -36.30
C LYS A 514 -13.02 17.44 -36.14
N ILE A 515 -12.59 17.62 -34.90
CA ILE A 515 -11.23 18.07 -34.65
C ILE A 515 -10.25 17.06 -35.22
N ILE A 516 -9.45 17.49 -36.19
CA ILE A 516 -8.43 16.63 -36.79
C ILE A 516 -7.02 17.01 -36.35
N ALA A 517 -6.82 18.22 -35.81
CA ALA A 517 -5.51 18.65 -35.39
C ALA A 517 -5.68 19.73 -34.32
N VAL A 518 -4.85 19.65 -33.28
CA VAL A 518 -4.89 20.60 -32.17
C VAL A 518 -3.54 21.30 -32.14
N PHE A 519 -3.49 22.51 -32.70
CA PHE A 519 -2.26 23.29 -32.74
C PHE A 519 -2.13 24.13 -31.47
N LEU A 520 -0.94 24.69 -31.28
CA LEU A 520 -0.65 25.57 -30.14
C LEU A 520 0.02 26.83 -30.64
N ASP A 521 -0.51 27.99 -30.23
CA ASP A 521 0.07 29.28 -30.58
C ASP A 521 0.31 29.35 -32.09
N ASP A 522 1.56 29.11 -32.52
CA ASP A 522 1.92 29.19 -33.93
C ASP A 522 2.71 27.97 -34.40
N LYS A 523 2.89 26.96 -33.54
CA LYS A 523 3.68 25.80 -33.92
C LYS A 523 3.06 25.11 -35.13
N ALA A 524 3.93 24.69 -36.06
CA ALA A 524 3.46 23.96 -37.22
C ALA A 524 3.06 22.52 -36.89
N GLU A 525 3.73 21.92 -35.91
CA GLU A 525 3.41 20.54 -35.53
C GLU A 525 2.13 20.52 -34.71
N PRO A 526 1.13 19.71 -35.06
CA PRO A 526 -0.06 19.61 -34.22
C PRO A 526 0.23 18.87 -32.94
N LEU A 527 -0.23 19.43 -31.82
CA LEU A 527 -0.09 18.74 -30.54
C LEU A 527 -0.82 17.41 -30.55
N ALA A 528 -1.89 17.30 -31.31
CA ALA A 528 -2.66 16.06 -31.39
C ALA A 528 -3.35 15.99 -32.75
N ARG A 529 -3.28 14.83 -33.39
CA ARG A 529 -3.95 14.59 -34.65
C ARG A 529 -4.98 13.48 -34.48
N TYR A 530 -6.06 13.57 -35.25
CA TYR A 530 -7.18 12.64 -35.14
C TYR A 530 -7.62 12.17 -36.51
N GLU A 531 -8.21 10.99 -36.56
CA GLU A 531 -8.84 10.46 -37.75
C GLU A 531 -10.19 9.85 -37.37
N TYR A 532 -11.19 10.05 -38.21
CA TYR A 532 -12.53 9.57 -37.96
C TYR A 532 -13.00 8.74 -39.15
N ASP A 533 -13.67 7.63 -38.85
CA ASP A 533 -14.28 6.83 -39.90
C ASP A 533 -15.58 7.49 -40.38
N THR A 534 -16.18 6.90 -41.40
CA THR A 534 -17.35 7.50 -42.02
C THR A 534 -18.52 7.64 -41.04
N GLN A 535 -18.52 6.89 -39.95
CA GLN A 535 -19.60 6.93 -38.98
C GLN A 535 -19.42 8.01 -37.91
N GLY A 536 -18.29 8.72 -37.92
CA GLY A 536 -18.03 9.74 -36.93
C GLY A 536 -17.35 9.25 -35.68
N ASN A 537 -16.70 8.09 -35.72
CA ASN A 537 -16.02 7.52 -34.57
C ASN A 537 -14.54 7.85 -34.64
N LEU A 538 -13.96 8.22 -33.49
CA LEU A 538 -12.54 8.52 -33.42
C LEU A 538 -11.73 7.24 -33.51
N ILE A 539 -11.32 6.85 -34.72
CA ILE A 539 -10.65 5.58 -34.92
C ILE A 539 -9.13 5.67 -34.83
N LYS A 540 -8.58 6.86 -34.56
CA LYS A 540 -7.15 7.00 -34.40
C LYS A 540 -6.81 8.36 -33.79
N ALA A 541 -5.99 8.38 -32.74
CA ALA A 541 -5.68 9.60 -32.00
C ALA A 541 -4.17 9.66 -31.78
N ILE A 542 -3.47 10.36 -32.68
CA ILE A 542 -2.02 10.48 -32.61
C ILE A 542 -1.68 11.63 -31.67
N ASP A 543 -0.91 11.35 -30.64
CA ASP A 543 -0.57 12.34 -29.63
C ASP A 543 0.56 13.24 -30.15
N GLN A 544 1.09 14.09 -29.28
CA GLN A 544 2.14 15.02 -29.70
C GLN A 544 3.45 14.32 -30.02
N ASN A 545 3.65 13.09 -29.54
CA ASN A 545 4.86 12.34 -29.81
C ASN A 545 4.70 11.39 -30.99
N GLY A 546 3.55 11.39 -31.66
CA GLY A 546 3.32 10.55 -32.81
C GLY A 546 2.83 9.14 -32.50
N HIS A 547 2.54 8.84 -31.24
CA HIS A 547 2.16 7.49 -30.83
C HIS A 547 0.67 7.29 -31.04
N THR A 548 0.31 6.74 -32.20
CA THR A 548 -1.09 6.56 -32.53
C THR A 548 -1.76 5.59 -31.55
N ARG A 549 -3.03 5.88 -31.25
CA ARG A 549 -3.91 4.96 -30.55
C ARG A 549 -5.08 4.64 -31.46
N THR A 550 -5.33 3.37 -31.70
CA THR A 550 -6.35 2.95 -32.65
C THR A 550 -7.58 2.45 -31.89
N TYR A 551 -8.76 2.87 -32.34
CA TYR A 551 -10.02 2.53 -31.72
C TYR A 551 -10.90 1.77 -32.70
N GLU A 552 -11.51 0.69 -32.22
CA GLU A 552 -12.42 -0.12 -33.01
C GLU A 552 -13.83 0.02 -32.44
N TYR A 553 -14.79 0.30 -33.30
CA TYR A 553 -16.19 0.45 -32.90
C TYR A 553 -17.05 -0.48 -33.74
N ASN A 554 -18.16 -0.91 -33.15
CA ASN A 554 -19.20 -1.60 -33.91
C ASN A 554 -20.08 -0.53 -34.56
N GLN A 555 -21.21 -0.94 -35.11
CA GLN A 555 -22.06 -0.04 -35.88
C GLN A 555 -22.88 0.90 -35.01
N PHE A 556 -22.60 0.99 -33.71
CA PHE A 556 -23.41 1.80 -32.80
C PHE A 556 -22.53 2.63 -31.88
N HIS A 557 -21.41 3.11 -32.39
CA HIS A 557 -20.51 4.03 -31.69
C HIS A 557 -19.89 3.42 -30.43
N GLN A 558 -20.11 2.12 -30.18
CA GLN A 558 -19.61 1.49 -28.97
C GLN A 558 -18.19 0.99 -29.20
N LEU A 559 -17.28 1.39 -28.32
CA LEU A 559 -15.88 1.01 -28.42
C LEU A 559 -15.73 -0.46 -28.03
N THR A 560 -15.44 -1.30 -29.02
CA THR A 560 -15.27 -2.72 -28.76
C THR A 560 -13.81 -3.09 -28.51
N ARG A 561 -12.88 -2.45 -29.21
CA ARG A 561 -11.46 -2.66 -29.00
C ARG A 561 -10.72 -1.35 -29.17
N TYR A 562 -9.70 -1.13 -28.33
CA TYR A 562 -8.86 0.04 -28.44
C TYR A 562 -7.45 -0.36 -28.02
N THR A 563 -6.45 0.12 -28.76
CA THR A 563 -5.07 -0.21 -28.50
C THR A 563 -4.38 0.94 -27.80
N ASP A 564 -3.51 0.61 -26.85
CA ASP A 564 -2.64 1.61 -26.25
C ASP A 564 -1.60 2.05 -27.27
N ARG A 565 -0.71 2.95 -26.84
CA ARG A 565 0.25 3.50 -27.78
C ARG A 565 1.24 2.46 -28.29
N THR A 566 1.33 1.30 -27.63
CA THR A 566 2.22 0.23 -28.06
C THR A 566 1.52 -0.82 -28.91
N GLY A 567 0.24 -0.62 -29.24
CA GLY A 567 -0.49 -1.56 -30.06
C GLY A 567 -1.22 -2.65 -29.29
N ARG A 568 -1.16 -2.64 -27.96
CA ARG A 568 -1.82 -3.66 -27.16
C ARG A 568 -3.28 -3.31 -26.99
N GLY A 569 -4.17 -4.18 -27.50
CA GLY A 569 -5.59 -3.91 -27.46
C GLY A 569 -6.23 -4.26 -26.14
N GLN A 570 -7.44 -3.74 -25.95
CA GLN A 570 -8.28 -4.05 -24.79
C GLN A 570 -9.70 -4.24 -25.31
N ASN A 571 -10.04 -5.48 -25.66
CA ASN A 571 -11.33 -5.75 -26.26
C ASN A 571 -12.45 -5.58 -25.24
N ILE A 572 -13.66 -5.34 -25.76
CA ILE A 572 -14.83 -5.12 -24.92
C ILE A 572 -16.05 -5.61 -25.67
N ARG A 573 -17.05 -6.06 -24.93
CA ARG A 573 -18.33 -6.46 -25.51
C ARG A 573 -19.46 -5.99 -24.61
N TYR A 574 -20.54 -5.53 -25.23
CA TYR A 574 -21.65 -4.92 -24.52
C TYR A 574 -22.89 -5.80 -24.63
N GLU A 575 -23.72 -5.77 -23.59
CA GLU A 575 -24.88 -6.64 -23.56
C GLU A 575 -25.76 -6.47 -24.77
N SER A 576 -25.85 -5.26 -25.30
CA SER A 576 -26.67 -4.97 -26.47
C SER A 576 -26.12 -3.71 -27.14
N THR A 577 -26.72 -3.36 -28.27
CA THR A 577 -26.33 -2.18 -29.03
C THR A 577 -27.00 -0.91 -28.53
N GLU A 578 -27.86 -1.00 -27.53
CA GLU A 578 -28.49 0.19 -27.00
C GLU A 578 -27.44 1.13 -26.42
N ALA A 579 -27.71 2.44 -26.54
CA ALA A 579 -26.74 3.43 -26.09
C ALA A 579 -26.38 3.24 -24.63
N LYS A 580 -27.35 2.87 -23.80
CA LYS A 580 -27.13 2.65 -22.38
C LYS A 580 -26.81 1.19 -22.06
N ALA A 581 -26.62 0.35 -23.07
CA ALA A 581 -26.26 -1.03 -22.82
C ALA A 581 -24.95 -1.11 -22.06
N LYS A 582 -24.93 -1.95 -21.03
CA LYS A 582 -23.76 -2.08 -20.17
C LYS A 582 -22.69 -2.94 -20.83
N ALA A 583 -21.44 -2.56 -20.63
CA ALA A 583 -20.34 -3.44 -21.01
C ALA A 583 -20.32 -4.64 -20.09
N ILE A 584 -20.23 -5.83 -20.66
CA ILE A 584 -20.36 -7.08 -19.92
C ILE A 584 -19.16 -7.99 -20.06
N GLU A 585 -18.11 -7.56 -20.76
CA GLU A 585 -16.98 -8.44 -21.00
C GLU A 585 -15.84 -7.61 -21.56
N GLU A 586 -14.63 -7.85 -21.05
CA GLU A 586 -13.46 -7.13 -21.53
C GLU A 586 -12.23 -7.97 -21.24
N TRP A 587 -11.37 -8.11 -22.25
CA TRP A 587 -10.17 -8.92 -22.13
C TRP A 587 -9.07 -8.32 -22.98
N ALA A 588 -7.84 -8.34 -22.47
CA ALA A 588 -6.72 -7.94 -23.29
C ALA A 588 -6.69 -8.78 -24.56
N ASP A 589 -5.95 -8.29 -25.57
CA ASP A 589 -6.00 -8.92 -26.88
C ASP A 589 -5.63 -10.39 -26.82
N ASP A 590 -4.67 -10.75 -25.96
CA ASP A 590 -4.23 -12.13 -25.87
C ASP A 590 -5.14 -12.99 -25.00
N GLY A 591 -6.17 -12.41 -24.38
CA GLY A 591 -7.06 -13.13 -23.50
C GLY A 591 -6.80 -12.90 -22.03
N SER A 592 -5.70 -12.26 -21.68
CA SER A 592 -5.39 -12.01 -20.28
C SER A 592 -6.40 -11.02 -19.68
N PHE A 593 -6.55 -11.09 -18.36
CA PHE A 593 -7.41 -10.19 -17.61
C PHE A 593 -8.86 -10.25 -18.07
N HIS A 594 -9.24 -11.33 -18.77
CA HIS A 594 -10.61 -11.48 -19.24
C HIS A 594 -11.58 -11.40 -18.07
N THR A 595 -12.48 -10.42 -18.09
CA THR A 595 -13.43 -10.20 -17.01
C THR A 595 -14.83 -10.19 -17.58
N LYS A 596 -15.73 -10.95 -16.96
CA LYS A 596 -17.14 -10.98 -17.32
C LYS A 596 -17.93 -10.32 -16.21
N LEU A 597 -18.65 -9.26 -16.54
CA LEU A 597 -19.52 -8.59 -15.59
C LEU A 597 -20.96 -9.05 -15.81
N LYS A 598 -21.65 -9.38 -14.72
CA LYS A 598 -23.03 -9.84 -14.77
C LYS A 598 -23.81 -9.11 -13.69
N TRP A 599 -24.74 -8.25 -14.11
CA TRP A 599 -25.52 -7.44 -13.18
C TRP A 599 -26.73 -8.22 -12.72
N HIS A 600 -26.91 -8.30 -11.40
CA HIS A 600 -28.01 -9.07 -10.85
C HIS A 600 -29.34 -8.52 -11.37
N PRO A 601 -30.26 -9.37 -11.83
CA PRO A 601 -31.54 -8.85 -12.34
C PRO A 601 -32.32 -8.05 -11.33
N ARG A 602 -32.23 -8.42 -10.05
CA ARG A 602 -33.07 -7.86 -9.00
C ARG A 602 -32.38 -6.77 -8.19
N LEU A 603 -31.12 -6.97 -7.83
CA LEU A 603 -30.42 -6.09 -6.91
C LEU A 603 -29.41 -5.22 -7.64
N ARG A 604 -28.89 -4.24 -6.92
CA ARG A 604 -27.78 -3.41 -7.38
C ARG A 604 -26.49 -4.17 -7.10
N GLN A 605 -26.21 -5.16 -7.94
CA GLN A 605 -25.06 -6.02 -7.76
C GLN A 605 -24.50 -6.39 -9.12
N VAL A 606 -23.19 -6.63 -9.15
CA VAL A 606 -22.50 -7.12 -10.33
C VAL A 606 -21.58 -8.26 -9.90
N ALA A 607 -21.60 -9.36 -10.65
CA ALA A 607 -20.73 -10.50 -10.40
C ALA A 607 -19.55 -10.41 -11.36
N VAL A 608 -18.48 -9.77 -10.91
CA VAL A 608 -17.31 -9.53 -11.75
C VAL A 608 -16.45 -10.78 -11.79
N TYR A 609 -16.70 -11.64 -12.76
CA TYR A 609 -15.89 -12.85 -12.91
C TYR A 609 -14.51 -12.49 -13.42
N ASP A 610 -13.49 -13.06 -12.80
CA ASP A 610 -12.12 -12.82 -13.21
C ASP A 610 -11.79 -13.70 -14.40
N ALA A 611 -10.50 -13.79 -14.76
CA ALA A 611 -10.11 -14.60 -15.89
C ALA A 611 -10.41 -16.07 -15.67
N TYR A 612 -10.56 -16.50 -14.42
CA TYR A 612 -10.79 -17.89 -14.08
C TYR A 612 -12.19 -18.10 -13.49
N ASP A 613 -13.14 -17.24 -13.86
CA ASP A 613 -14.51 -17.33 -13.38
C ASP A 613 -14.54 -17.38 -11.85
N VAL A 614 -13.86 -16.42 -11.23
CA VAL A 614 -13.86 -16.27 -9.78
C VAL A 614 -14.63 -15.00 -9.44
N PRO A 615 -15.93 -15.08 -9.16
CA PRO A 615 -16.73 -13.86 -9.04
C PRO A 615 -16.34 -13.03 -7.83
N THR A 616 -16.68 -11.74 -7.90
CA THR A 616 -16.47 -10.79 -6.80
C THR A 616 -17.68 -9.86 -6.81
N TYR A 617 -18.67 -10.16 -5.96
CA TYR A 617 -19.98 -9.52 -6.05
C TYR A 617 -19.94 -8.17 -5.34
N TYR A 618 -20.02 -7.09 -6.11
CA TYR A 618 -20.05 -5.73 -5.58
C TYR A 618 -21.49 -5.26 -5.48
N TYR A 619 -21.84 -4.65 -4.35
CA TYR A 619 -23.12 -3.99 -4.18
C TYR A 619 -22.89 -2.49 -4.05
N PHE A 620 -23.73 -1.71 -4.73
CA PHE A 620 -23.55 -0.27 -4.78
C PHE A 620 -24.88 0.43 -4.47
N ASP A 621 -24.77 1.64 -3.95
CA ASP A 621 -25.95 2.41 -3.58
C ASP A 621 -26.66 2.94 -4.82
N LEU A 622 -27.72 3.73 -4.59
CA LEU A 622 -28.41 4.36 -5.71
C LEU A 622 -27.49 5.31 -6.46
N ASP A 623 -26.50 5.89 -5.78
CA ASP A 623 -25.56 6.80 -6.41
C ASP A 623 -24.32 6.11 -6.93
N GLY A 624 -24.27 4.77 -6.87
CA GLY A 624 -23.17 4.01 -7.43
C GLY A 624 -22.04 3.71 -6.47
N PHE A 625 -22.07 4.27 -5.26
CA PHE A 625 -21.01 3.99 -4.29
C PHE A 625 -21.06 2.53 -3.87
N THR A 626 -19.93 1.84 -3.97
CA THR A 626 -19.86 0.42 -3.66
C THR A 626 -19.77 0.23 -2.16
N TYR A 627 -20.83 -0.30 -1.55
CA TYR A 627 -20.90 -0.46 -0.11
C TYR A 627 -20.57 -1.87 0.35
N ARG A 628 -20.23 -2.78 -0.55
CA ARG A 628 -19.99 -4.17 -0.18
C ARG A 628 -19.23 -4.86 -1.29
N THR A 629 -18.47 -5.90 -0.92
CA THR A 629 -17.67 -6.65 -1.89
C THR A 629 -17.49 -8.06 -1.33
N ARG A 630 -18.25 -9.01 -1.86
CA ARG A 630 -18.21 -10.39 -1.40
C ARG A 630 -17.30 -11.19 -2.32
N LEU A 631 -16.11 -11.50 -1.84
CA LEU A 631 -15.16 -12.27 -2.64
C LEU A 631 -15.69 -13.69 -2.88
N ALA A 632 -14.98 -14.41 -3.74
CA ALA A 632 -15.39 -15.78 -4.06
C ALA A 632 -15.34 -16.67 -2.83
N ASP A 633 -14.31 -16.51 -2.00
CA ASP A 633 -14.19 -17.31 -0.78
C ASP A 633 -15.17 -16.92 0.31
N GLY A 634 -15.88 -15.81 0.14
CA GLY A 634 -16.91 -15.39 1.07
C GLY A 634 -16.58 -14.20 1.93
N ARG A 635 -15.30 -13.80 1.99
CA ARG A 635 -14.94 -12.64 2.80
C ARG A 635 -15.57 -11.39 2.23
N GLU A 636 -16.32 -10.67 3.06
CA GLU A 636 -17.07 -9.50 2.64
C GLU A 636 -16.44 -8.24 3.19
N SER A 637 -16.11 -7.30 2.31
CA SER A 637 -15.70 -5.96 2.69
C SER A 637 -16.92 -5.06 2.66
N TRP A 638 -16.99 -4.12 3.59
CA TRP A 638 -18.14 -3.24 3.72
C TRP A 638 -17.71 -1.79 3.77
N TYR A 639 -18.70 -0.91 3.65
CA TYR A 639 -18.48 0.54 3.69
C TYR A 639 -19.78 1.19 4.16
N SER A 640 -19.80 1.70 5.38
CA SER A 640 -20.92 2.50 5.85
C SER A 640 -20.74 3.93 5.39
N ARG A 641 -21.85 4.67 5.32
CA ARG A 641 -21.82 6.04 4.84
C ARG A 641 -22.98 6.80 5.47
N ASP A 642 -22.70 7.98 6.01
CA ASP A 642 -23.74 8.78 6.62
C ASP A 642 -24.58 9.43 5.52
N GLY A 643 -25.50 10.31 5.89
CA GLY A 643 -26.38 10.91 4.91
C GLY A 643 -25.65 11.61 3.79
N LYS A 644 -24.48 12.16 4.07
CA LYS A 644 -23.69 12.88 3.08
C LYS A 644 -22.75 11.97 2.31
N LYS A 645 -22.92 10.65 2.41
CA LYS A 645 -22.13 9.66 1.68
C LYS A 645 -20.66 9.67 2.09
N ARG A 646 -20.34 10.18 3.27
CA ARG A 646 -18.98 10.10 3.80
C ARG A 646 -18.81 8.78 4.55
N ILE A 647 -17.69 8.10 4.30
CA ILE A 647 -17.45 6.84 4.97
C ILE A 647 -17.38 7.06 6.48
N THR A 648 -18.08 6.22 7.22
CA THR A 648 -18.02 6.24 8.67
C THR A 648 -17.62 4.90 9.27
N ARG A 649 -17.47 3.85 8.46
CA ARG A 649 -17.03 2.56 8.94
C ARG A 649 -16.65 1.66 7.77
N GLN A 650 -15.48 1.05 7.82
CA GLN A 650 -14.99 0.19 6.73
C GLN A 650 -14.53 -1.13 7.33
N ILE A 651 -15.41 -2.12 7.31
CA ILE A 651 -15.05 -3.48 7.70
C ILE A 651 -14.38 -4.13 6.50
N ASP A 652 -13.08 -4.36 6.59
CA ASP A 652 -12.33 -4.90 5.46
C ASP A 652 -12.59 -6.39 5.31
N PHE A 653 -11.94 -7.00 4.31
CA PHE A 653 -12.13 -8.42 4.06
C PHE A 653 -11.68 -9.26 5.24
N ASP A 654 -10.56 -8.88 5.86
CA ASP A 654 -9.98 -9.65 6.96
C ASP A 654 -10.51 -9.21 8.33
N GLY A 655 -11.55 -8.38 8.36
CA GLY A 655 -12.16 -7.97 9.61
C GLY A 655 -11.73 -6.63 10.14
N ARG A 656 -10.67 -6.04 9.58
CA ARG A 656 -10.22 -4.73 10.03
C ARG A 656 -11.34 -3.71 9.87
N GLU A 657 -11.59 -2.93 10.93
CA GLU A 657 -12.65 -1.94 10.94
C GLU A 657 -12.06 -0.58 11.31
N THR A 658 -12.14 0.39 10.38
CA THR A 658 -11.63 1.77 10.60
C THR A 658 -12.81 2.74 10.45
N GLN A 659 -13.28 3.33 11.54
CA GLN A 659 -14.47 4.23 11.53
C GLN A 659 -14.02 5.67 11.30
N GLN A 660 -14.96 6.56 10.97
CA GLN A 660 -14.63 7.99 10.71
C GLN A 660 -15.71 8.88 11.33
N GLU A 661 -15.62 9.17 12.63
CA GLU A 661 -16.59 10.07 13.30
C GLU A 661 -16.17 11.52 13.04
N TYR A 662 -16.95 12.27 12.26
CA TYR A 662 -16.65 13.69 11.93
C TYR A 662 -17.23 14.60 13.02
N ASN A 663 -16.90 15.90 12.99
CA ASN A 663 -17.40 16.89 13.99
C ASN A 663 -18.58 17.65 13.37
N ASP A 664 -19.13 18.64 14.08
CA ASP A 664 -20.27 19.47 13.59
C ASP A 664 -19.81 20.30 12.40
N GLN A 665 -18.50 20.50 12.22
CA GLN A 665 -17.93 21.30 11.11
C GLN A 665 -17.67 20.40 9.90
N ASP A 666 -18.11 19.14 9.94
CA ASP A 666 -17.92 18.17 8.83
C ASP A 666 -16.42 17.90 8.66
N GLN A 667 -15.70 17.64 9.76
CA GLN A 667 -14.24 17.35 9.74
C GLN A 667 -13.98 16.10 10.56
N LEU A 668 -13.32 15.09 9.99
CA LEU A 668 -13.04 13.81 10.69
C LEU A 668 -12.25 14.06 11.96
N VAL A 669 -12.85 13.90 13.14
CA VAL A 669 -12.18 14.21 14.46
C VAL A 669 -12.02 12.91 15.25
N LYS A 670 -12.04 11.74 14.59
CA LYS A 670 -11.88 10.43 15.27
C LYS A 670 -11.74 9.30 14.24
N ILE A 671 -10.51 8.91 13.90
CA ILE A 671 -10.32 7.75 12.98
C ILE A 671 -9.91 6.54 13.83
N VAL A 672 -10.90 5.89 14.46
CA VAL A 672 -10.59 4.66 15.26
C VAL A 672 -9.91 3.65 14.32
N GLN A 673 -8.69 3.24 14.62
CA GLN A 673 -7.90 2.30 13.77
C GLN A 673 -8.46 0.88 13.89
N PRO A 674 -8.01 -0.10 13.10
CA PRO A 674 -8.43 -1.49 13.28
C PRO A 674 -8.00 -2.01 14.65
N ASN A 675 -6.92 -1.47 15.24
CA ASN A 675 -6.41 -1.92 16.52
C ASN A 675 -7.09 -1.24 17.71
N GLY A 676 -8.00 -0.31 17.46
CA GLY A 676 -8.66 0.42 18.52
C GLY A 676 -8.02 1.74 18.89
N GLY A 677 -7.06 2.21 18.10
CA GLY A 677 -6.42 3.48 18.38
C GLY A 677 -7.24 4.65 17.86
N ILE A 678 -7.60 5.56 18.76
CA ILE A 678 -8.46 6.70 18.44
C ILE A 678 -7.57 7.90 18.18
N ILE A 679 -7.61 8.42 16.97
CA ILE A 679 -6.85 9.61 16.58
C ILE A 679 -7.83 10.77 16.51
N ARG A 680 -7.85 11.60 17.54
CA ARG A 680 -8.81 12.71 17.63
C ARG A 680 -8.17 13.96 17.06
N PHE A 681 -8.59 14.34 15.85
CA PHE A 681 -8.20 15.61 15.27
C PHE A 681 -8.98 16.75 15.91
N ALA A 682 -8.37 17.93 15.92
CA ALA A 682 -9.01 19.15 16.39
C ALA A 682 -8.74 20.27 15.40
N TYR A 683 -9.72 21.15 15.22
CA TYR A 683 -9.64 22.22 14.23
C TYR A 683 -9.91 23.56 14.89
N ASN A 684 -9.31 24.60 14.32
CA ASN A 684 -9.43 25.94 14.85
C ASN A 684 -10.64 26.64 14.25
N LYS A 685 -10.85 27.90 14.64
CA LYS A 685 -12.01 28.65 14.17
C LYS A 685 -12.00 28.85 12.66
N GLN A 686 -10.83 28.77 12.03
CA GLN A 686 -10.71 28.94 10.59
C GLN A 686 -10.84 27.63 9.83
N GLY A 687 -11.26 26.55 10.49
CA GLY A 687 -11.40 25.27 9.82
C GLY A 687 -10.09 24.68 9.37
N ASN A 688 -9.06 24.76 10.19
CA ASN A 688 -7.74 24.21 9.88
C ASN A 688 -7.36 23.18 10.93
N LEU A 689 -6.75 22.09 10.48
CA LEU A 689 -6.30 21.02 11.38
C LEU A 689 -5.07 21.50 12.13
N VAL A 690 -5.26 21.94 13.38
CA VAL A 690 -4.17 22.48 14.19
C VAL A 690 -3.58 21.42 15.11
N GLU A 691 -4.42 20.71 15.86
CA GLU A 691 -3.97 19.79 16.89
C GLU A 691 -4.38 18.38 16.51
N ILE A 692 -3.39 17.49 16.39
CA ILE A 692 -3.62 16.08 16.10
C ILE A 692 -3.14 15.28 17.30
N LYS A 693 -3.92 14.26 17.67
CA LYS A 693 -3.65 13.46 18.87
C LYS A 693 -3.67 11.99 18.49
N ASP A 694 -2.48 11.43 18.24
CA ASP A 694 -2.34 10.04 17.84
C ASP A 694 -2.88 9.12 18.93
N PRO A 695 -2.98 7.80 18.68
CA PRO A 695 -3.64 6.93 19.66
C PRO A 695 -3.02 6.95 21.04
N GLU A 696 -1.72 7.21 21.15
CA GLU A 696 -1.03 7.16 22.44
C GLU A 696 -1.18 8.44 23.25
N GLY A 697 -1.88 9.44 22.73
CA GLY A 697 -2.01 10.72 23.41
C GLY A 697 -0.96 11.74 23.06
N SER A 698 0.04 11.37 22.25
CA SER A 698 1.04 12.31 21.80
C SER A 698 0.41 13.31 20.83
N ILE A 699 0.41 14.58 21.20
CA ILE A 699 -0.37 15.61 20.53
C ILE A 699 0.55 16.40 19.61
N TRP A 700 0.25 16.36 18.31
CA TRP A 700 0.97 17.15 17.30
C TRP A 700 0.22 18.46 17.09
N LYS A 701 0.72 19.54 17.70
CA LYS A 701 0.13 20.84 17.47
C LYS A 701 0.62 21.42 16.14
N ARG A 702 -0.13 22.41 15.64
CA ARG A 702 0.23 23.11 14.43
C ARG A 702 -0.35 24.51 14.50
N GLU A 703 0.19 25.39 13.65
CA GLU A 703 -0.37 26.73 13.46
C GLU A 703 -0.21 27.11 12.00
N TYR A 704 -1.15 27.89 11.50
CA TYR A 704 -1.23 28.21 10.08
C TYR A 704 -1.10 29.71 9.86
N ASP A 705 -0.61 30.07 8.68
CA ASP A 705 -0.48 31.46 8.28
C ASP A 705 -1.78 31.92 7.62
N GLU A 706 -1.75 33.09 6.97
CA GLU A 706 -2.96 33.65 6.38
C GLU A 706 -3.48 32.80 5.23
N ASN A 707 -2.59 32.12 4.50
CA ASN A 707 -2.97 31.37 3.30
C ASN A 707 -3.37 29.94 3.62
N ARG A 708 -3.81 29.66 4.84
CA ARG A 708 -4.16 28.30 5.26
C ARG A 708 -2.99 27.34 5.02
N ASN A 709 -1.78 27.84 5.25
CA ASN A 709 -0.56 27.07 5.16
C ASN A 709 0.03 26.94 6.56
N VAL A 710 0.62 25.79 6.85
CA VAL A 710 1.13 25.53 8.19
C VAL A 710 2.46 26.26 8.37
N SER A 711 2.47 27.24 9.28
CA SER A 711 3.67 28.01 9.57
C SER A 711 4.38 27.55 10.84
N LYS A 712 3.85 26.55 11.52
CA LYS A 712 4.45 26.02 12.74
C LYS A 712 4.06 24.55 12.86
N GLU A 713 4.92 23.77 13.51
CA GLU A 713 4.64 22.36 13.73
C GLU A 713 5.33 21.96 15.04
N ILE A 714 4.56 21.97 16.12
CA ILE A 714 5.07 21.67 17.45
C ILE A 714 4.74 20.20 17.74
N ASN A 715 5.69 19.32 17.47
CA ASN A 715 5.51 17.89 17.69
C ASN A 715 5.28 17.63 19.17
N PRO A 716 4.94 16.40 19.58
CA PRO A 716 4.53 16.19 20.97
C PRO A 716 5.57 16.64 21.99
N LEU A 717 6.86 16.43 21.70
CA LEU A 717 7.91 16.79 22.64
C LEU A 717 8.15 18.30 22.70
N GLY A 718 7.64 19.06 21.74
CA GLY A 718 7.80 20.49 21.72
C GLY A 718 8.82 21.02 20.75
N HIS A 719 9.38 20.18 19.88
CA HIS A 719 10.40 20.60 18.92
C HIS A 719 9.71 21.34 17.78
N ILE A 720 9.57 22.66 17.93
CA ILE A 720 8.84 23.46 16.96
C ILE A 720 9.60 23.48 15.65
N THR A 721 8.88 23.26 14.55
CA THR A 721 9.44 23.33 13.20
C THR A 721 8.67 24.39 12.44
N GLN A 722 9.33 25.51 12.16
CA GLN A 722 8.70 26.64 11.48
C GLN A 722 8.98 26.56 9.98
N TYR A 723 7.92 26.74 9.19
CA TYR A 723 8.04 26.82 7.74
C TYR A 723 7.76 28.25 7.29
N LYS A 724 8.14 28.53 6.05
CA LYS A 724 7.74 29.76 5.36
C LYS A 724 7.43 29.42 3.91
N TYR A 725 6.47 30.14 3.35
CA TYR A 725 5.98 29.85 2.01
C TYR A 725 6.05 31.09 1.14
N ASN A 726 6.15 30.85 -0.16
CA ASN A 726 6.14 31.92 -1.14
C ASN A 726 4.69 32.28 -1.50
N ASN A 727 4.54 33.38 -2.24
CA ASN A 727 3.20 33.86 -2.59
C ASN A 727 2.42 32.85 -3.41
N ASP A 728 3.09 31.89 -4.03
CA ASP A 728 2.44 30.85 -4.82
C ASP A 728 2.06 29.64 -3.98
N ASN A 729 2.00 29.77 -2.67
CA ASN A 729 1.62 28.69 -1.76
C ASN A 729 2.51 27.47 -1.98
N GLN A 730 3.82 27.67 -1.75
CA GLN A 730 4.81 26.61 -1.84
C GLN A 730 5.81 26.80 -0.72
N LEU A 731 6.44 25.70 -0.30
CA LEU A 731 7.43 25.74 0.76
C LEU A 731 8.72 26.34 0.22
N VAL A 732 9.08 27.53 0.71
CA VAL A 732 10.27 28.23 0.24
C VAL A 732 11.37 28.10 1.28
N GLU A 733 10.99 27.91 2.54
CA GLU A 733 11.96 27.92 3.63
C GLU A 733 11.39 27.17 4.82
N VAL A 734 12.21 26.32 5.44
CA VAL A 734 11.81 25.53 6.60
C VAL A 734 12.87 25.67 7.67
N ILE A 735 12.45 25.93 8.90
CA ILE A 735 13.36 26.14 10.02
C ILE A 735 13.13 25.00 11.01
N ASP A 736 14.19 24.26 11.31
CA ASP A 736 14.10 23.11 12.19
C ASP A 736 14.00 23.57 13.65
N ALA A 737 14.01 22.61 14.57
CA ALA A 737 13.85 22.93 15.99
C ALA A 737 15.11 23.50 16.61
N LYS A 738 16.28 23.26 16.02
CA LYS A 738 17.53 23.78 16.54
C LYS A 738 17.90 25.13 15.97
N GLY A 739 17.11 25.67 15.05
CA GLY A 739 17.42 26.91 14.38
C GLY A 739 17.95 26.75 12.98
N GLY A 740 18.31 25.52 12.58
CA GLY A 740 18.79 25.28 11.23
C GLY A 740 17.77 25.72 10.20
N VAL A 741 18.22 26.45 9.18
CA VAL A 741 17.35 27.03 8.17
C VAL A 741 17.71 26.40 6.83
N LYS A 742 16.72 25.78 6.19
CA LYS A 742 16.88 25.22 4.84
C LYS A 742 16.04 26.06 3.88
N LYS A 743 16.68 26.63 2.87
CA LYS A 743 16.03 27.52 1.92
C LYS A 743 15.77 26.78 0.62
N ILE A 744 14.55 26.86 0.11
CA ILE A 744 14.15 26.24 -1.14
C ILE A 744 13.72 27.33 -2.11
N GLN A 745 14.09 27.18 -3.38
CA GLN A 745 13.75 28.15 -4.40
C GLN A 745 13.03 27.45 -5.54
N TYR A 746 12.16 28.20 -6.22
CA TYR A 746 11.40 27.70 -7.36
C TYR A 746 11.46 28.69 -8.50
N ASN A 747 11.24 28.18 -9.71
CA ASN A 747 11.27 28.98 -10.92
C ASN A 747 9.85 29.41 -11.28
N GLU A 748 9.69 30.02 -12.46
CA GLU A 748 8.38 30.51 -12.87
C GLU A 748 7.35 29.40 -12.95
N LEU A 749 7.79 28.17 -13.25
CA LEU A 749 6.86 27.07 -13.43
C LEU A 749 6.43 26.44 -12.11
N GLY A 750 7.18 26.68 -11.04
CA GLY A 750 6.93 26.01 -9.78
C GLY A 750 7.75 24.75 -9.55
N GLN A 751 8.77 24.52 -10.37
CA GLN A 751 9.65 23.37 -10.20
C GLN A 751 10.85 23.79 -9.36
N MET A 752 11.15 23.01 -8.32
CA MET A 752 12.24 23.36 -7.42
C MET A 752 13.55 23.45 -8.19
N ILE A 753 14.26 24.56 -8.01
CA ILE A 753 15.50 24.81 -8.74
C ILE A 753 16.70 24.99 -7.81
N SER A 754 16.53 24.81 -6.51
CA SER A 754 17.64 24.94 -5.59
C SER A 754 17.20 24.50 -4.21
N TYR A 755 18.15 23.94 -3.46
CA TYR A 755 17.92 23.54 -2.06
C TYR A 755 19.18 23.84 -1.27
N THR A 756 19.19 24.99 -0.60
CA THR A 756 20.30 25.39 0.26
C THR A 756 20.16 24.63 1.58
N ASP A 757 21.06 23.67 1.80
CA ASP A 757 21.03 22.90 3.04
C ASP A 757 21.20 23.83 4.23
N CYS A 758 20.98 23.27 5.43
CA CYS A 758 21.10 24.06 6.65
C CYS A 758 22.48 24.67 6.82
N SER A 759 23.50 24.09 6.15
CA SER A 759 24.87 24.55 6.27
C SER A 759 25.31 25.38 5.07
N GLY A 760 24.37 26.01 4.38
CA GLY A 760 24.73 26.87 3.25
C GLY A 760 25.17 26.14 2.01
N LYS A 761 24.77 24.88 1.85
CA LYS A 761 25.14 24.06 0.69
C LYS A 761 23.94 24.00 -0.24
N SER A 762 24.10 24.56 -1.45
CA SER A 762 23.00 24.70 -2.40
C SER A 762 23.23 23.76 -3.59
N SER A 763 22.26 22.91 -3.85
CA SER A 763 22.23 22.06 -5.02
C SER A 763 21.10 22.53 -5.94
N THR A 764 21.44 22.83 -7.19
CA THR A 764 20.52 23.52 -8.10
C THR A 764 19.99 22.54 -9.13
N TRP A 765 18.67 22.53 -9.32
CA TRP A 765 18.01 21.80 -10.38
C TRP A 765 17.69 22.76 -11.52
N GLU A 766 18.01 22.36 -12.75
CA GLU A 766 17.76 23.19 -13.92
C GLU A 766 16.71 22.52 -14.80
N TYR A 767 15.81 23.34 -15.34
CA TYR A 767 14.74 22.85 -16.20
C TYR A 767 14.68 23.72 -17.46
N ASP A 768 14.51 23.07 -18.60
CA ASP A 768 14.33 23.80 -19.85
C ASP A 768 12.98 24.54 -19.82
N GLU A 769 12.71 25.28 -20.89
CA GLU A 769 11.47 26.05 -20.94
C GLU A 769 10.26 25.14 -20.75
N ASP A 770 10.29 23.95 -21.33
CA ASP A 770 9.16 23.04 -21.22
C ASP A 770 8.92 22.64 -19.76
N GLY A 771 9.98 22.32 -19.03
CA GLY A 771 9.86 21.93 -17.64
C GLY A 771 10.42 20.55 -17.36
N ALA A 772 11.13 19.99 -18.34
CA ALA A 772 11.77 18.68 -18.17
C ALA A 772 13.13 18.88 -17.52
N LEU A 773 13.39 18.13 -16.44
CA LEU A 773 14.63 18.28 -15.69
C LEU A 773 15.82 18.06 -16.62
N THR A 774 16.59 19.11 -16.87
CA THR A 774 17.72 19.04 -17.78
C THR A 774 19.06 18.92 -17.06
N ALA A 775 19.09 19.14 -15.74
CA ALA A 775 20.31 18.96 -14.97
C ALA A 775 19.99 19.13 -13.50
N GLU A 776 20.74 18.45 -12.66
CA GLU A 776 20.70 18.65 -11.22
C GLU A 776 22.13 18.77 -10.73
N GLN A 777 22.48 19.94 -10.19
CA GLN A 777 23.83 20.25 -9.78
C GLN A 777 23.98 20.00 -8.29
N THR A 778 25.06 19.33 -7.90
CA THR A 778 25.30 18.99 -6.51
C THR A 778 25.84 20.20 -5.76
N ALA A 779 25.91 20.07 -4.44
CA ALA A 779 26.42 21.16 -3.61
C ALA A 779 27.88 21.49 -3.92
N ASN A 780 28.59 20.59 -4.60
CA ASN A 780 29.98 20.82 -4.98
C ASN A 780 30.13 21.06 -6.48
N ASN A 781 29.04 21.43 -7.16
CA ASN A 781 29.08 21.78 -8.58
C ASN A 781 29.41 20.57 -9.46
N LYS A 782 28.73 19.46 -9.20
CA LYS A 782 28.76 18.28 -10.05
C LYS A 782 27.40 18.15 -10.73
N VAL A 783 27.40 18.06 -12.05
CA VAL A 783 26.18 18.17 -12.85
C VAL A 783 25.84 16.80 -13.43
N VAL A 784 24.65 16.31 -13.10
CA VAL A 784 24.09 15.12 -13.73
C VAL A 784 23.08 15.57 -14.78
N GLN A 785 23.52 15.73 -16.02
CA GLN A 785 22.66 16.24 -17.07
C GLN A 785 21.78 15.13 -17.62
N TYR A 786 20.47 15.35 -17.61
CA TYR A 786 19.51 14.39 -18.14
C TYR A 786 19.14 14.80 -19.56
N PHE A 787 19.13 13.83 -20.47
CA PHE A 787 18.80 14.07 -21.87
C PHE A 787 17.59 13.22 -22.26
N TYR A 788 16.66 13.84 -22.97
CA TYR A 788 15.42 13.19 -23.36
C TYR A 788 15.39 12.98 -24.87
N SER A 789 14.73 11.90 -25.29
CA SER A 789 14.68 11.56 -26.70
C SER A 789 13.85 12.58 -27.48
N THR A 790 14.27 12.86 -28.71
CA THR A 790 13.56 13.77 -29.59
C THR A 790 12.92 13.05 -30.77
N LYS A 791 13.18 11.76 -30.95
CA LYS A 791 12.55 10.99 -32.01
C LYS A 791 12.57 9.52 -31.63
N GLY A 792 11.66 8.76 -32.23
CA GLY A 792 11.58 7.33 -32.02
C GLY A 792 10.37 6.96 -31.19
N ARG A 793 10.37 5.70 -30.75
CA ARG A 793 9.27 5.20 -29.93
C ARG A 793 9.17 5.94 -28.62
N ASP A 794 10.30 6.23 -27.98
CA ASP A 794 10.33 6.84 -26.66
C ASP A 794 10.51 8.35 -26.72
N LYS A 795 9.98 9.00 -27.76
CA LYS A 795 10.12 10.44 -27.87
C LYS A 795 9.53 11.12 -26.65
N GLY A 796 10.27 12.08 -26.10
CA GLY A 796 9.84 12.81 -24.91
C GLY A 796 10.16 12.13 -23.60
N GLN A 797 10.82 10.97 -23.62
CA GLN A 797 11.19 10.25 -22.41
C GLN A 797 12.69 10.38 -22.16
N LEU A 798 13.10 10.00 -20.96
CA LEU A 798 14.50 10.07 -20.58
C LEU A 798 15.31 9.11 -21.44
N GLN A 799 16.15 9.66 -22.32
CA GLN A 799 16.95 8.85 -23.22
C GLN A 799 18.31 8.51 -22.65
N SER A 800 18.91 9.44 -21.89
CA SER A 800 20.25 9.20 -21.37
C SER A 800 20.49 10.14 -20.20
N ILE A 801 21.51 9.80 -19.42
CA ILE A 801 21.99 10.64 -18.32
C ILE A 801 23.50 10.74 -18.43
N ILE A 802 24.03 11.94 -18.29
CA ILE A 802 25.48 12.17 -18.25
C ILE A 802 25.87 12.40 -16.80
N TYR A 803 26.95 11.75 -16.39
CA TYR A 803 27.41 11.78 -15.00
C TYR A 803 28.66 12.61 -14.87
N PRO A 804 28.94 13.15 -13.67
CA PRO A 804 29.99 14.16 -13.53
C PRO A 804 31.35 13.72 -14.04
N ASP A 805 31.58 12.42 -14.28
CA ASP A 805 32.82 11.95 -14.85
C ASP A 805 32.74 11.77 -16.36
N GLY A 806 31.63 12.19 -16.98
CA GLY A 806 31.49 12.15 -18.42
C GLY A 806 30.86 10.89 -18.97
N LEU A 807 30.56 9.90 -18.13
CA LEU A 807 29.99 8.65 -18.61
C LEU A 807 28.48 8.79 -18.78
N LYS A 808 27.98 8.29 -19.91
CA LYS A 808 26.59 8.47 -20.32
C LYS A 808 25.83 7.16 -20.16
N GLU A 809 24.82 7.17 -19.29
CA GLU A 809 23.81 6.12 -19.31
C GLU A 809 22.85 6.37 -20.45
N TYR A 810 22.50 5.32 -21.18
CA TYR A 810 21.49 5.40 -22.23
C TYR A 810 20.33 4.48 -21.88
N PHE A 811 19.11 4.92 -22.20
CA PHE A 811 17.91 4.15 -21.96
C PHE A 811 17.16 3.97 -23.28
N GLU A 812 16.13 3.12 -23.22
CA GLU A 812 15.19 2.98 -24.33
C GLU A 812 13.88 2.51 -23.75
N HIS A 813 12.81 3.25 -24.04
CA HIS A 813 11.46 2.89 -23.64
C HIS A 813 10.62 2.62 -24.87
N ASP A 814 9.39 2.18 -24.64
CA ASP A 814 8.39 2.08 -25.69
C ASP A 814 7.44 3.27 -25.54
N GLU A 815 6.38 3.27 -26.34
CA GLU A 815 5.45 4.39 -26.31
C GLU A 815 4.74 4.52 -24.97
N GLU A 816 4.66 3.45 -24.19
CA GLU A 816 3.91 3.43 -22.93
C GLU A 816 4.80 3.51 -21.71
N GLY A 817 6.09 3.82 -21.87
CA GLY A 817 6.97 4.06 -20.74
C GLY A 817 7.70 2.85 -20.21
N ARG A 818 7.43 1.66 -20.73
CA ARG A 818 8.14 0.47 -20.26
C ARG A 818 9.59 0.53 -20.73
N LEU A 819 10.51 0.18 -19.84
CA LEU A 819 11.92 0.17 -20.19
C LEU A 819 12.20 -1.06 -21.05
N LEU A 820 12.74 -0.83 -22.25
CA LEU A 820 13.03 -1.91 -23.18
C LEU A 820 14.50 -2.27 -23.26
N LYS A 821 15.39 -1.31 -23.02
CA LYS A 821 16.82 -1.55 -23.19
C LYS A 821 17.57 -0.50 -22.40
N HIS A 822 18.31 -0.93 -21.37
CA HIS A 822 19.11 -0.04 -20.55
C HIS A 822 20.58 -0.30 -20.82
N THR A 823 21.31 0.75 -21.18
CA THR A 823 22.74 0.67 -21.42
C THR A 823 23.46 1.36 -20.28
N ASP A 824 24.31 0.62 -19.58
CA ASP A 824 25.00 1.15 -18.42
C ASP A 824 26.19 2.01 -18.87
N THR A 825 26.83 2.64 -17.90
CA THR A 825 27.91 3.57 -18.22
C THR A 825 29.04 2.89 -18.99
N LYS A 826 29.19 1.58 -18.83
CA LYS A 826 30.25 0.84 -19.51
C LYS A 826 29.86 0.40 -20.91
N GLY A 827 28.58 0.52 -21.28
CA GLY A 827 28.11 0.07 -22.57
C GLY A 827 27.45 -1.29 -22.57
N LEU A 828 27.11 -1.84 -21.41
CA LEU A 828 26.48 -3.15 -21.32
C LEU A 828 24.98 -2.99 -21.36
N VAL A 829 24.32 -3.77 -22.22
CA VAL A 829 22.92 -3.58 -22.56
C VAL A 829 22.07 -4.61 -21.83
N THR A 830 21.03 -4.15 -21.16
CA THR A 830 20.10 -4.99 -20.42
C THR A 830 18.73 -4.89 -21.08
N GLU A 831 18.47 -5.78 -22.05
CA GLU A 831 17.23 -5.74 -22.81
C GLU A 831 16.10 -6.37 -22.02
N TYR A 832 14.96 -5.71 -21.99
CA TYR A 832 13.75 -6.22 -21.36
C TYR A 832 12.73 -6.55 -22.45
N LYS A 833 12.10 -7.71 -22.35
CA LYS A 833 11.07 -8.13 -23.28
C LYS A 833 9.74 -8.24 -22.56
N TYR A 834 8.68 -7.75 -23.20
CA TYR A 834 7.34 -7.71 -22.62
C TYR A 834 6.38 -8.50 -23.49
N ASN A 835 5.49 -9.24 -22.85
CA ASN A 835 4.55 -10.11 -23.56
C ASN A 835 3.39 -9.27 -24.09
N GLN A 836 2.38 -9.94 -24.67
CA GLN A 836 1.30 -9.22 -25.33
C GLN A 836 0.53 -8.35 -24.35
N VAL A 837 0.23 -8.87 -23.16
CA VAL A 837 -0.52 -8.09 -22.18
C VAL A 837 0.29 -6.93 -21.63
N GLY A 838 1.61 -6.92 -21.85
CA GLY A 838 2.46 -5.83 -21.43
C GLY A 838 3.29 -6.12 -20.21
N LEU A 839 3.05 -7.22 -19.52
CA LEU A 839 3.84 -7.57 -18.34
C LEU A 839 5.22 -8.05 -18.76
N LEU A 840 6.21 -7.76 -17.91
CA LEU A 840 7.56 -8.22 -18.19
C LEU A 840 7.58 -9.74 -18.29
N GLU A 841 8.13 -10.25 -19.38
CA GLU A 841 8.23 -11.69 -19.61
C GLU A 841 9.65 -12.20 -19.72
N GLN A 842 10.64 -11.31 -19.76
CA GLN A 842 12.03 -11.73 -19.92
C GLN A 842 12.94 -10.53 -19.69
N ARG A 843 14.09 -10.75 -19.06
CA ARG A 843 15.07 -9.69 -18.83
C ARG A 843 16.45 -10.27 -19.17
N ILE A 844 16.96 -9.91 -20.34
CA ILE A 844 18.25 -10.40 -20.82
C ILE A 844 19.32 -9.44 -20.34
N ASP A 845 20.14 -9.87 -19.38
CA ASP A 845 21.13 -8.99 -18.78
C ASP A 845 22.37 -8.94 -19.68
N ALA A 846 23.42 -8.27 -19.20
CA ALA A 846 24.60 -8.06 -20.03
C ALA A 846 25.27 -9.36 -20.44
N ASN A 847 25.03 -10.45 -19.72
CA ASN A 847 25.62 -11.75 -20.05
C ASN A 847 24.75 -12.58 -20.98
N ARG A 848 23.60 -12.06 -21.41
CA ARG A 848 22.64 -12.79 -22.22
C ARG A 848 21.95 -13.90 -21.44
N HIS A 849 21.81 -13.74 -20.14
CA HIS A 849 21.11 -14.70 -19.29
C HIS A 849 19.75 -14.11 -18.92
N SER A 850 18.68 -14.81 -19.31
CA SER A 850 17.34 -14.26 -19.25
C SER A 850 16.59 -14.83 -18.05
N VAL A 851 16.05 -13.94 -17.23
CA VAL A 851 15.16 -14.32 -16.12
C VAL A 851 13.74 -14.27 -16.69
N ALA A 852 13.31 -15.38 -17.27
CA ALA A 852 12.02 -15.43 -17.95
C ALA A 852 10.90 -15.55 -16.92
N TYR A 853 9.97 -14.61 -16.93
CA TYR A 853 8.79 -14.65 -16.10
C TYR A 853 7.60 -15.18 -16.89
N GLN A 854 6.66 -15.81 -16.18
CA GLN A 854 5.40 -16.23 -16.75
C GLN A 854 4.27 -15.78 -15.83
N TRP A 855 3.21 -15.27 -16.44
CA TRP A 855 2.09 -14.71 -15.69
C TRP A 855 0.81 -15.42 -16.10
N ASP A 856 -0.03 -15.73 -15.12
CA ASP A 856 -1.32 -16.33 -15.41
C ASP A 856 -2.26 -15.27 -16.00
N LYS A 857 -3.50 -15.67 -16.28
CA LYS A 857 -4.43 -14.79 -16.98
C LYS A 857 -4.80 -13.56 -16.17
N GLN A 858 -4.50 -13.53 -14.88
CA GLN A 858 -4.82 -12.38 -14.04
C GLN A 858 -3.62 -11.47 -13.80
N GLY A 859 -2.52 -11.69 -14.51
CA GLY A 859 -1.34 -10.87 -14.35
C GLY A 859 -0.46 -11.25 -13.18
N ARG A 860 -0.87 -12.23 -12.38
CA ARG A 860 -0.05 -12.70 -11.27
C ARG A 860 1.08 -13.57 -11.78
N ILE A 861 2.23 -13.49 -11.10
CA ILE A 861 3.36 -14.32 -11.49
C ILE A 861 2.97 -15.78 -11.28
N GLN A 862 3.15 -16.58 -12.33
CA GLN A 862 2.83 -18.00 -12.30
C GLN A 862 4.09 -18.85 -12.20
N LYS A 863 5.02 -18.67 -13.13
CA LYS A 863 6.28 -19.39 -13.13
C LYS A 863 7.39 -18.40 -13.43
N LEU A 864 8.40 -18.37 -12.55
CA LEU A 864 9.56 -17.51 -12.72
C LEU A 864 10.77 -18.40 -13.00
N ILE A 865 11.41 -18.19 -14.13
CA ILE A 865 12.54 -19.00 -14.56
C ILE A 865 13.80 -18.14 -14.45
N ASN A 866 14.74 -18.58 -13.61
CA ASN A 866 15.97 -17.82 -13.40
C ASN A 866 16.92 -18.09 -14.56
N GLN A 867 18.18 -17.65 -14.41
CA GLN A 867 19.15 -17.80 -15.48
C GLN A 867 19.56 -19.24 -15.70
N ASN A 868 19.34 -20.11 -14.71
CA ASN A 868 19.72 -21.51 -14.77
C ASN A 868 18.62 -22.41 -15.30
N GLN A 869 17.51 -21.84 -15.76
CA GLN A 869 16.34 -22.58 -16.22
C GLN A 869 15.68 -23.37 -15.10
N ALA A 870 15.86 -22.95 -13.85
CA ALA A 870 15.14 -23.52 -12.73
C ALA A 870 13.84 -22.74 -12.53
N GLU A 871 12.73 -23.46 -12.50
CA GLU A 871 11.42 -22.84 -12.49
C GLU A 871 10.91 -22.67 -11.07
N TYR A 872 10.51 -21.45 -10.73
CA TYR A 872 9.94 -21.14 -9.42
C TYR A 872 8.43 -21.08 -9.57
N LEU A 873 7.80 -22.25 -9.56
CA LEU A 873 6.37 -22.32 -9.77
C LEU A 873 5.63 -21.64 -8.63
N PHE A 874 4.62 -20.86 -8.98
CA PHE A 874 3.66 -20.31 -8.04
C PHE A 874 2.30 -20.95 -8.30
N GLY A 875 1.58 -21.27 -7.23
CA GLY A 875 0.29 -21.90 -7.35
C GLY A 875 -0.78 -21.11 -6.62
N TYR A 876 -1.93 -20.91 -7.26
CA TYR A 876 -3.00 -20.09 -6.71
C TYR A 876 -4.27 -20.92 -6.61
N ASN A 877 -4.94 -20.85 -5.47
CA ASN A 877 -6.16 -21.61 -5.26
C ASN A 877 -7.29 -21.01 -6.08
N PRO A 878 -8.38 -21.77 -6.29
CA PRO A 878 -9.49 -21.26 -7.10
C PRO A 878 -9.97 -19.89 -6.67
N TYR A 879 -9.73 -19.52 -5.42
CA TYR A 879 -10.11 -18.21 -4.92
C TYR A 879 -9.11 -17.12 -5.27
N GLY A 880 -7.96 -17.48 -5.83
CA GLY A 880 -6.99 -16.50 -6.27
C GLY A 880 -5.87 -16.20 -5.29
N TYR A 881 -5.72 -16.99 -4.23
CA TYR A 881 -4.67 -16.80 -3.25
C TYR A 881 -3.51 -17.74 -3.53
N LEU A 882 -2.29 -17.27 -3.28
CA LEU A 882 -1.11 -18.11 -3.43
C LEU A 882 -1.14 -19.23 -2.41
N ILE A 883 -1.11 -20.48 -2.88
CA ILE A 883 -1.12 -21.63 -1.98
C ILE A 883 -0.02 -22.62 -2.33
N ARG A 884 1.05 -22.16 -2.99
CA ARG A 884 2.17 -23.04 -3.29
C ARG A 884 3.33 -22.21 -3.80
N GLU A 885 4.54 -22.72 -3.59
CA GLU A 885 5.75 -22.08 -4.10
C GLU A 885 6.89 -23.08 -4.25
N GLN A 886 7.17 -23.49 -5.48
CA GLN A 886 8.41 -24.23 -5.74
C GLN A 886 9.57 -23.24 -5.79
N ALA A 887 10.63 -23.54 -5.05
CA ALA A 887 11.64 -22.55 -4.70
C ALA A 887 12.97 -22.78 -5.41
N PHE A 888 12.94 -23.16 -6.68
CA PHE A 888 14.13 -23.40 -7.51
C PHE A 888 14.84 -24.68 -7.11
N ASP A 889 14.40 -25.32 -6.02
CA ASP A 889 15.03 -26.55 -5.54
C ASP A 889 14.03 -27.64 -5.22
N GLY A 890 12.79 -27.51 -5.68
CA GLY A 890 11.76 -28.49 -5.39
C GLY A 890 11.15 -28.37 -4.02
N GLU A 891 11.53 -27.35 -3.24
CA GLU A 891 11.02 -27.18 -1.89
C GLU A 891 9.67 -26.48 -1.97
N GLU A 892 8.59 -27.26 -1.89
CA GLU A 892 7.25 -26.73 -1.99
C GLU A 892 6.80 -26.16 -0.65
N LYS A 893 6.44 -24.88 -0.64
CA LYS A 893 5.85 -24.24 0.52
C LYS A 893 4.37 -24.06 0.24
N HIS A 894 3.53 -24.61 1.12
CA HIS A 894 2.09 -24.55 0.97
C HIS A 894 1.51 -23.54 1.95
N TYR A 895 0.74 -22.60 1.43
CA TYR A 895 0.17 -21.52 2.25
C TYR A 895 -1.31 -21.83 2.52
N SER A 896 -1.67 -21.82 3.79
CA SER A 896 -3.06 -21.90 4.21
C SER A 896 -3.51 -20.53 4.69
N TYR A 897 -4.82 -20.30 4.66
CA TYR A 897 -5.38 -19.03 5.06
C TYR A 897 -6.59 -19.28 5.96
N ASN A 898 -6.73 -18.44 6.99
CA ASN A 898 -7.85 -18.56 7.91
C ASN A 898 -9.08 -17.87 7.33
N GLU A 899 -10.19 -17.93 8.07
CA GLU A 899 -11.44 -17.36 7.59
C GLU A 899 -11.32 -15.87 7.30
N ASN A 900 -10.34 -15.18 7.90
CA ASN A 900 -10.10 -13.78 7.62
C ASN A 900 -9.20 -13.57 6.40
N GLY A 901 -8.76 -14.65 5.76
CA GLY A 901 -7.98 -14.54 4.55
C GLY A 901 -6.52 -14.22 4.74
N ARG A 902 -6.06 -14.03 5.97
CA ARG A 902 -4.65 -13.82 6.24
C ARG A 902 -3.91 -15.14 6.17
N LEU A 903 -2.61 -15.06 5.89
CA LEU A 903 -1.78 -16.26 5.87
C LEU A 903 -1.88 -16.97 7.21
N PHE A 904 -2.10 -18.27 7.17
CA PHE A 904 -2.37 -19.06 8.36
C PHE A 904 -1.31 -20.12 8.62
N GLN A 905 -0.77 -20.74 7.57
CA GLN A 905 0.27 -21.74 7.73
C GLN A 905 1.16 -21.70 6.50
N ILE A 906 2.43 -22.06 6.70
CA ILE A 906 3.38 -22.24 5.61
C ILE A 906 3.99 -23.62 5.81
N ARG A 907 3.41 -24.63 5.17
CA ARG A 907 3.82 -26.02 5.37
C ARG A 907 5.03 -26.29 4.48
N ARG A 908 6.21 -25.98 4.99
CA ARG A 908 7.46 -26.36 4.35
C ARG A 908 7.71 -27.85 4.59
N PRO A 909 8.65 -28.45 3.86
CA PRO A 909 8.85 -29.90 3.98
C PRO A 909 9.13 -30.36 5.40
N ASN A 910 9.79 -29.55 6.21
CA ASN A 910 10.15 -29.91 7.58
C ASN A 910 9.34 -29.17 8.63
N ILE A 911 9.13 -27.87 8.47
CA ILE A 911 8.56 -27.02 9.50
C ILE A 911 7.21 -26.50 9.02
N LEU A 912 6.23 -26.52 9.92
CA LEU A 912 4.88 -26.04 9.64
C LEU A 912 4.69 -24.73 10.41
N THR A 913 5.05 -23.63 9.76
CA THR A 913 4.81 -22.32 10.35
C THR A 913 3.31 -22.08 10.49
N GLN A 914 2.92 -21.42 11.56
CA GLN A 914 1.52 -21.06 11.78
C GLN A 914 1.47 -19.68 12.43
N PHE A 915 0.60 -18.82 11.92
CA PHE A 915 0.50 -17.44 12.36
C PHE A 915 -0.76 -17.24 13.17
N ASP A 916 -0.65 -16.47 14.25
CA ASP A 916 -1.78 -15.98 15.01
C ASP A 916 -1.76 -14.46 14.96
N TYR A 917 -2.90 -13.86 14.63
CA TYR A 917 -2.98 -12.43 14.37
C TYR A 917 -3.79 -11.74 15.44
N TYR A 918 -3.73 -10.41 15.42
CA TYR A 918 -4.55 -9.55 16.26
C TYR A 918 -5.74 -9.06 15.45
N ALA A 919 -6.61 -8.29 16.10
CA ALA A 919 -7.74 -7.71 15.39
C ALA A 919 -7.29 -6.80 14.26
N ASP A 920 -6.11 -6.18 14.39
CA ASP A 920 -5.59 -5.29 13.36
C ASP A 920 -4.89 -6.06 12.25
N GLY A 921 -4.59 -7.34 12.45
CA GLY A 921 -3.80 -8.09 11.50
C GLY A 921 -2.32 -8.09 11.77
N GLN A 922 -1.88 -7.39 12.82
CA GLN A 922 -0.50 -7.52 13.28
C GLN A 922 -0.32 -8.89 13.90
N ILE A 923 0.76 -9.57 13.52
CA ILE A 923 0.96 -10.94 13.98
C ILE A 923 1.12 -10.96 15.49
N ALA A 924 0.33 -11.82 16.15
CA ALA A 924 0.41 -11.97 17.60
C ALA A 924 1.35 -13.07 18.02
N SER A 925 1.68 -14.00 17.13
CA SER A 925 2.62 -15.06 17.42
C SER A 925 2.83 -15.89 16.16
N LYS A 926 3.94 -16.62 16.14
CA LYS A 926 4.22 -17.60 15.11
C LYS A 926 4.58 -18.91 15.80
N SER A 927 4.24 -20.03 15.16
CA SER A 927 4.41 -21.35 15.76
C SER A 927 5.07 -22.26 14.73
N PHE A 928 6.39 -22.43 14.85
CA PHE A 928 7.16 -23.22 13.90
C PHE A 928 7.23 -24.65 14.41
N THR A 929 6.22 -25.45 14.07
CA THR A 929 6.17 -26.85 14.48
C THR A 929 6.97 -27.71 13.50
N HIS A 930 7.65 -28.71 14.04
CA HIS A 930 8.38 -29.67 13.23
C HIS A 930 7.44 -30.82 12.84
N LEU A 931 7.18 -30.95 11.55
CA LEU A 931 6.19 -31.93 11.09
C LEU A 931 6.61 -33.37 11.37
N HIS A 932 7.91 -33.62 11.56
CA HIS A 932 8.38 -34.98 11.84
C HIS A 932 8.66 -35.18 13.33
N THR A 933 9.53 -34.36 13.92
CA THR A 933 9.88 -34.54 15.32
C THR A 933 8.77 -34.04 16.24
N GLY A 934 8.04 -33.00 15.83
CA GLY A 934 6.99 -32.43 16.64
C GLY A 934 7.42 -31.29 17.54
N GLN A 935 8.72 -31.03 17.65
CA GLN A 935 9.19 -29.94 18.49
C GLN A 935 8.66 -28.62 17.95
N LYS A 936 8.13 -27.79 18.85
CA LYS A 936 7.40 -26.59 18.49
C LYS A 936 8.07 -25.38 19.11
N GLN A 937 8.39 -24.38 18.29
CA GLN A 937 8.96 -23.12 18.74
C GLN A 937 7.97 -22.01 18.47
N THR A 938 7.70 -21.19 19.48
CA THR A 938 6.71 -20.13 19.39
C THR A 938 7.32 -18.79 19.74
N GLU A 939 7.05 -17.79 18.92
CA GLU A 939 7.36 -16.40 19.20
C GLU A 939 6.06 -15.66 19.47
N GLN A 940 6.09 -14.76 20.46
CA GLN A 940 4.92 -13.95 20.81
C GLN A 940 5.27 -12.48 20.66
N PHE A 941 4.35 -11.73 20.07
CA PHE A 941 4.54 -10.30 19.82
C PHE A 941 3.43 -9.51 20.52
N ASP A 942 3.78 -8.28 20.89
CA ASP A 942 2.82 -7.31 21.41
C ASP A 942 3.09 -5.97 20.75
N TYR A 943 2.02 -5.22 20.52
CA TYR A 943 2.10 -3.95 19.82
C TYR A 943 1.39 -2.88 20.63
N ASN A 944 1.93 -1.66 20.59
CA ASN A 944 1.25 -0.52 21.20
C ASN A 944 0.13 -0.06 20.28
N LEU A 945 -0.62 0.97 20.72
CA LEU A 945 -1.76 1.43 19.94
C LEU A 945 -1.34 2.09 18.63
N ASN A 946 -0.06 2.39 18.45
CA ASN A 946 0.45 2.94 17.19
C ASN A 946 0.83 1.86 16.20
N SER A 947 0.54 0.59 16.50
CA SER A 947 0.90 -0.54 15.65
C SER A 947 2.40 -0.77 15.60
N GLN A 948 3.13 -0.30 16.60
CA GLN A 948 4.57 -0.49 16.68
C GLN A 948 4.88 -1.63 17.63
N LEU A 949 5.90 -2.41 17.30
CA LEU A 949 6.25 -3.54 18.15
C LEU A 949 6.61 -3.05 19.54
N SER A 950 6.06 -3.71 20.56
CA SER A 950 6.21 -3.28 21.94
C SER A 950 6.80 -4.33 22.86
N ARG A 951 6.56 -5.61 22.60
CA ARG A 951 7.16 -6.67 23.41
C ARG A 951 7.18 -7.94 22.57
N ALA A 952 8.36 -8.34 22.12
CA ALA A 952 8.55 -9.56 21.37
C ALA A 952 9.29 -10.56 22.23
N SER A 953 8.79 -11.79 22.30
CA SER A 953 9.38 -12.81 23.14
C SER A 953 9.45 -14.13 22.38
N ASN A 954 10.40 -14.97 22.79
CA ASN A 954 10.53 -16.32 22.26
C ASN A 954 11.07 -17.19 23.40
N GLU A 955 11.57 -18.38 23.06
CA GLU A 955 11.97 -19.33 24.08
C GLU A 955 13.08 -18.77 24.97
N VAL A 956 14.07 -18.11 24.38
CA VAL A 956 15.28 -17.72 25.08
C VAL A 956 15.45 -16.21 25.17
N SER A 957 14.36 -15.45 25.12
CA SER A 957 14.48 -14.00 25.25
C SER A 957 13.09 -13.39 25.37
N GLN A 958 13.08 -12.10 25.71
CA GLN A 958 11.89 -11.26 25.65
C GLN A 958 12.36 -9.82 25.59
N ILE A 959 12.01 -9.13 24.51
CA ILE A 959 12.49 -7.77 24.26
C ILE A 959 11.32 -6.82 24.48
N ASP A 960 11.45 -5.96 25.48
CA ASP A 960 10.45 -4.92 25.75
C ASP A 960 10.96 -3.61 25.17
N LEU A 961 10.21 -3.03 24.26
CA LEU A 961 10.57 -1.79 23.59
C LEU A 961 9.70 -0.65 24.12
N TYR A 962 10.34 0.45 24.50
CA TYR A 962 9.64 1.62 25.03
C TYR A 962 9.97 2.81 24.17
N ARG A 963 8.99 3.71 24.00
CA ARG A 963 9.11 4.83 23.09
C ARG A 963 8.57 6.09 23.74
N ASN A 964 9.09 7.23 23.31
CA ASN A 964 8.67 8.52 23.82
C ASN A 964 7.37 8.93 23.11
N ALA A 965 6.94 10.18 23.33
CA ALA A 965 5.74 10.67 22.65
C ALA A 965 5.95 10.67 21.15
N LEU A 966 7.13 11.09 20.69
CA LEU A 966 7.40 11.19 19.26
C LEU A 966 7.43 9.83 18.58
N GLY A 967 7.54 8.74 19.33
CA GLY A 967 7.55 7.41 18.76
C GLY A 967 8.92 6.80 18.56
N GLN A 968 9.97 7.38 19.17
CA GLN A 968 11.32 6.86 19.02
C GLN A 968 11.69 6.01 20.22
N LEU A 969 12.47 4.96 19.96
CA LEU A 969 12.87 4.04 21.02
C LEU A 969 13.70 4.78 22.07
N VAL A 970 13.25 4.69 23.32
CA VAL A 970 13.90 5.40 24.41
C VAL A 970 14.50 4.39 25.39
N ARG A 971 13.88 3.22 25.48
CA ARG A 971 14.39 2.16 26.34
C ARG A 971 14.12 0.83 25.65
N GLU A 972 14.98 -0.14 25.91
CA GLU A 972 14.84 -1.47 25.32
C GLU A 972 15.39 -2.48 26.33
N HIS A 973 14.49 -3.04 27.14
CA HIS A 973 14.88 -4.08 28.08
C HIS A 973 14.89 -5.43 27.36
N GLN A 974 16.02 -6.11 27.41
CA GLN A 974 16.20 -7.40 26.76
C GLN A 974 16.40 -8.45 27.85
N HIS A 975 15.38 -9.24 28.11
CA HIS A 975 15.39 -10.21 29.21
C HIS A 975 15.98 -11.52 28.70
N TYR A 976 17.29 -11.69 28.87
CA TYR A 976 17.94 -12.93 28.47
C TYR A 976 17.41 -14.09 29.32
N LYS A 977 17.25 -15.25 28.68
CA LYS A 977 16.79 -16.46 29.34
C LYS A 977 17.65 -17.64 28.93
N ILE A 978 18.97 -17.44 28.99
CA ILE A 978 19.90 -18.49 28.55
C ILE A 978 19.72 -19.72 29.44
N PRO A 979 19.72 -20.93 28.91
CA PRO A 979 19.61 -22.11 29.78
C PRO A 979 20.80 -22.21 30.72
N GLU A 980 20.52 -22.71 31.93
CA GLU A 980 21.55 -22.99 32.93
C GLU A 980 22.11 -21.69 33.55
N LEU A 981 21.67 -20.55 33.06
CA LEU A 981 22.16 -19.26 33.53
C LEU A 981 21.01 -18.46 34.13
N LYS A 982 21.26 -17.84 35.27
CA LYS A 982 20.22 -17.09 35.95
C LYS A 982 19.70 -15.99 35.03
N PRO A 983 18.39 -15.89 34.81
CA PRO A 983 17.90 -14.93 33.82
C PRO A 983 18.32 -13.52 34.17
N LEU A 984 18.73 -12.76 33.15
CA LEU A 984 19.24 -11.42 33.34
C LEU A 984 18.69 -10.52 32.23
N THR A 985 18.62 -9.23 32.54
CA THR A 985 18.04 -8.24 31.65
C THR A 985 19.10 -7.21 31.26
N ALA A 986 19.26 -7.01 29.95
CA ALA A 986 20.15 -5.99 29.41
C ALA A 986 19.31 -4.79 28.98
N VAL A 987 19.63 -3.62 29.52
CA VAL A 987 18.80 -2.43 29.37
C VAL A 987 19.54 -1.43 28.50
N LEU A 988 18.97 -1.13 27.33
CA LEU A 988 19.44 -0.05 26.48
C LEU A 988 18.66 1.21 26.79
N HIS A 989 19.32 2.35 26.65
CA HIS A 989 18.67 3.65 26.76
C HIS A 989 19.06 4.50 25.55
N TYR A 990 18.18 5.42 25.20
CA TYR A 990 18.42 6.32 24.08
C TYR A 990 17.93 7.71 24.46
N GLU A 991 18.82 8.70 24.36
CA GLU A 991 18.48 10.10 24.51
C GLU A 991 18.59 10.76 23.15
N TYR A 992 17.57 11.55 22.79
CA TYR A 992 17.48 12.17 21.48
C TYR A 992 17.56 13.68 21.62
N ASP A 993 18.02 14.34 20.55
CA ASP A 993 18.09 15.78 20.50
C ASP A 993 16.81 16.32 19.87
N GLU A 994 16.79 17.62 19.55
CA GLU A 994 15.57 18.26 19.07
C GLU A 994 15.10 17.65 17.75
N LEU A 995 16.03 17.40 16.82
CA LEU A 995 15.68 16.93 15.49
C LEU A 995 15.54 15.42 15.39
N GLY A 996 15.40 14.73 16.52
CA GLY A 996 15.19 13.30 16.51
C GLY A 996 16.45 12.48 16.28
N ASN A 997 17.61 13.11 16.24
CA ASN A 997 18.86 12.35 16.14
C ASN A 997 19.18 11.69 17.47
N LEU A 998 19.97 10.61 17.40
CA LEU A 998 20.42 9.91 18.59
C LEU A 998 21.74 10.52 19.04
N ILE A 999 21.76 11.02 20.27
CA ILE A 999 22.93 11.71 20.81
C ILE A 999 23.55 11.01 22.01
N LYS A 1000 22.90 10.00 22.57
CA LYS A 1000 23.43 9.29 23.72
C LYS A 1000 22.69 7.98 23.90
N THR A 1001 23.43 6.88 23.96
CA THR A 1001 22.87 5.56 24.21
C THR A 1001 23.63 4.92 25.36
N ILE A 1002 22.94 4.70 26.48
CA ILE A 1002 23.54 4.10 27.66
C ILE A 1002 23.40 2.59 27.52
N ARG A 1003 24.52 1.91 27.28
CA ARG A 1003 24.51 0.47 27.11
C ARG A 1003 24.27 -0.22 28.46
N PRO A 1004 23.89 -1.50 28.45
CA PRO A 1004 23.37 -2.12 29.68
C PRO A 1004 24.27 -1.98 30.89
N ASP A 1005 25.59 -2.08 30.73
CA ASP A 1005 26.50 -2.04 31.87
C ASP A 1005 26.82 -0.62 32.30
N GLY A 1006 26.03 0.36 31.90
CA GLY A 1006 26.22 1.73 32.32
C GLY A 1006 27.11 2.57 31.42
N HIS A 1007 27.78 1.96 30.44
CA HIS A 1007 28.63 2.72 29.54
C HIS A 1007 27.76 3.51 28.57
N THR A 1008 28.06 4.80 28.45
CA THR A 1008 27.29 5.72 27.62
C THR A 1008 28.12 6.08 26.39
N LEU A 1009 27.48 6.04 25.23
CA LEU A 1009 28.11 6.40 23.96
C LEU A 1009 27.44 7.67 23.46
N ASN A 1010 28.17 8.79 23.50
CA ASN A 1010 27.64 10.08 23.08
C ASN A 1010 27.92 10.31 21.61
N HIS A 1011 26.89 10.72 20.88
CA HIS A 1011 27.04 11.23 19.52
C HIS A 1011 26.79 12.74 19.58
N LEU A 1012 27.85 13.52 19.59
CA LEU A 1012 27.75 14.97 19.63
C LEU A 1012 27.46 15.45 18.21
N VAL A 1013 26.25 15.95 17.98
CA VAL A 1013 25.75 16.22 16.65
C VAL A 1013 25.92 17.71 16.33
N TYR A 1014 26.23 18.00 15.07
CA TYR A 1014 26.44 19.36 14.59
C TYR A 1014 25.38 19.65 13.52
N GLY A 1015 24.42 20.51 13.84
CA GLY A 1015 23.45 20.95 12.87
C GLY A 1015 22.23 20.05 12.75
N SER A 1016 21.93 19.62 11.54
CA SER A 1016 20.69 18.91 11.26
C SER A 1016 20.87 17.39 11.28
N GLY A 1017 21.84 16.90 12.04
CA GLY A 1017 22.02 15.48 12.20
C GLY A 1017 23.39 14.97 11.80
N HIS A 1018 24.35 15.87 11.70
CA HIS A 1018 25.72 15.51 11.31
C HIS A 1018 26.57 15.36 12.56
N ILE A 1019 27.23 14.22 12.68
CA ILE A 1019 28.01 13.90 13.86
C ILE A 1019 29.41 14.46 13.69
N TYR A 1020 29.83 15.32 14.62
CA TYR A 1020 31.17 15.88 14.62
C TYR A 1020 32.07 15.23 15.68
N ALA A 1021 31.53 14.33 16.50
CA ALA A 1021 32.32 13.65 17.51
C ALA A 1021 31.48 12.54 18.12
N ILE A 1022 32.13 11.42 18.43
CA ILE A 1022 31.50 10.31 19.14
C ILE A 1022 32.20 10.20 20.49
N GLY A 1023 31.49 10.53 21.56
CA GLY A 1023 32.02 10.38 22.89
C GLY A 1023 31.87 8.97 23.40
N LEU A 1024 32.53 8.69 24.53
CA LEU A 1024 32.44 7.40 25.19
C LEU A 1024 32.77 7.61 26.66
N ASN A 1025 31.75 7.57 27.51
CA ASN A 1025 31.91 7.93 28.92
C ASN A 1025 32.41 9.36 29.05
N ASN A 1026 31.64 10.28 28.47
CA ASN A 1026 31.98 11.70 28.41
C ASN A 1026 33.44 11.90 28.06
N GLN A 1027 33.97 11.06 27.18
CA GLN A 1027 35.36 11.14 26.74
C GLN A 1027 35.42 10.84 25.25
N GLU A 1028 35.94 11.77 24.48
CA GLU A 1028 35.93 11.64 23.03
C GLU A 1028 36.75 10.42 22.59
N VAL A 1029 36.24 9.72 21.58
CA VAL A 1029 36.97 8.63 20.94
C VAL A 1029 37.17 8.86 19.45
N VAL A 1030 36.48 9.81 18.84
CA VAL A 1030 36.74 10.22 17.47
C VAL A 1030 36.04 11.55 17.21
N SER A 1031 36.67 12.42 16.42
CA SER A 1031 36.08 13.69 16.04
C SER A 1031 36.15 13.83 14.53
N PHE A 1032 34.99 14.00 13.90
CA PHE A 1032 34.91 14.06 12.45
C PHE A 1032 35.05 15.48 11.94
N GLN A 1033 35.48 15.61 10.69
CA GLN A 1033 35.47 16.86 9.96
C GLN A 1033 34.83 16.60 8.61
N ARG A 1034 33.84 17.42 8.24
CA ARG A 1034 33.03 17.17 7.06
C ARG A 1034 33.16 18.32 6.07
N ASP A 1035 32.92 18.00 4.80
CA ASP A 1035 33.05 18.93 3.70
C ASP A 1035 31.69 19.53 3.34
N ASP A 1036 31.64 20.20 2.19
CA ASP A 1036 30.41 20.87 1.76
C ASP A 1036 29.23 19.91 1.77
N LEU A 1037 29.41 18.72 1.19
CA LEU A 1037 28.33 17.75 1.08
C LEU A 1037 28.08 17.00 2.37
N HIS A 1038 28.64 17.45 3.49
CA HIS A 1038 28.52 16.76 4.77
C HIS A 1038 29.11 15.35 4.73
N ARG A 1039 30.00 15.08 3.77
CA ARG A 1039 30.74 13.83 3.78
C ARG A 1039 31.91 13.95 4.75
N GLU A 1040 32.15 12.89 5.50
CA GLU A 1040 33.30 12.85 6.39
C GLU A 1040 34.57 12.87 5.55
N THR A 1041 35.33 13.97 5.61
CA THR A 1041 36.62 14.04 4.94
C THR A 1041 37.78 13.92 5.91
N THR A 1042 37.52 13.71 7.19
CA THR A 1042 38.58 13.57 8.18
C THR A 1042 38.01 13.14 9.52
N ARG A 1043 38.71 12.27 10.23
CA ARG A 1043 38.35 11.91 11.60
C ARG A 1043 39.62 11.80 12.44
N LEU A 1044 39.58 12.39 13.62
CA LEU A 1044 40.70 12.38 14.56
C LEU A 1044 40.37 11.38 15.67
N LEU A 1045 40.98 10.21 15.60
CA LEU A 1045 40.80 9.18 16.61
C LEU A 1045 41.51 9.57 17.90
N ALA A 1046 41.02 9.04 19.02
CA ALA A 1046 41.60 9.39 20.31
C ALA A 1046 43.03 8.91 20.47
N ASN A 1047 43.47 7.93 19.68
CA ASN A 1047 44.84 7.46 19.73
C ASN A 1047 45.80 8.32 18.94
N GLY A 1048 45.38 9.52 18.54
CA GLY A 1048 46.26 10.44 17.84
C GLY A 1048 46.36 10.24 16.35
N LEU A 1049 45.52 9.38 15.76
CA LEU A 1049 45.58 9.10 14.33
C LEU A 1049 44.59 9.98 13.57
N MET A 1050 44.92 10.23 12.31
CA MET A 1050 44.27 11.26 11.50
C MET A 1050 43.93 10.65 10.15
N GLN A 1051 42.68 10.22 9.97
CA GLN A 1051 42.25 9.54 8.76
C GLN A 1051 41.50 10.51 7.86
N THR A 1052 42.07 10.82 6.70
CA THR A 1052 41.48 11.74 5.75
C THR A 1052 40.95 10.97 4.55
N LYS A 1053 39.70 11.23 4.17
CA LYS A 1053 39.06 10.60 3.03
C LYS A 1053 38.82 11.65 1.94
N GLN A 1054 39.25 11.34 0.71
CA GLN A 1054 39.06 12.21 -0.43
C GLN A 1054 38.22 11.49 -1.47
N TYR A 1055 37.12 12.12 -1.89
CA TYR A 1055 36.19 11.54 -2.83
C TYR A 1055 36.35 12.19 -4.20
N ASN A 1056 36.12 11.40 -5.25
CA ASN A 1056 36.27 11.89 -6.62
C ASN A 1056 34.98 12.58 -7.05
N ASP A 1057 34.87 12.90 -8.34
CA ASP A 1057 33.74 13.69 -8.82
C ASP A 1057 32.42 13.00 -8.57
N VAL A 1058 32.36 11.68 -8.79
CA VAL A 1058 31.11 10.93 -8.69
C VAL A 1058 30.78 10.64 -7.23
N GLY A 1059 31.59 11.16 -6.32
CA GLY A 1059 31.34 10.96 -4.91
C GLY A 1059 31.84 9.65 -4.36
N LEU A 1060 32.39 8.77 -5.20
CA LEU A 1060 32.98 7.54 -4.72
C LEU A 1060 34.28 7.84 -3.98
N LEU A 1061 34.55 7.08 -2.93
CA LEU A 1061 35.78 7.25 -2.18
C LEU A 1061 36.97 7.07 -3.12
N SER A 1062 37.83 8.08 -3.17
CA SER A 1062 38.97 8.07 -4.08
C SER A 1062 40.29 7.80 -3.39
N SER A 1063 40.39 8.09 -2.10
CA SER A 1063 41.61 7.83 -1.36
C SER A 1063 41.28 7.84 0.12
N GLN A 1064 42.19 7.27 0.92
CA GLN A 1064 42.00 7.21 2.36
C GLN A 1064 43.38 7.06 3.00
N PHE A 1065 43.85 8.14 3.64
CA PHE A 1065 45.13 8.15 4.33
C PHE A 1065 44.88 8.21 5.82
N ILE A 1066 45.62 7.42 6.60
CA ILE A 1066 45.59 7.48 8.05
C ILE A 1066 47.02 7.64 8.54
N GLN A 1067 47.23 8.62 9.41
CA GLN A 1067 48.54 8.90 9.97
C GLN A 1067 48.36 9.71 11.25
N PRO A 1068 49.36 9.73 12.12
CA PRO A 1068 49.23 10.52 13.36
C PRO A 1068 49.13 12.01 13.07
N GLU A 1069 48.39 12.71 13.92
CA GLU A 1069 48.38 14.17 13.86
C GLU A 1069 49.77 14.73 14.12
N GLN A 1070 50.46 14.18 15.13
CA GLN A 1070 51.84 14.53 15.42
C GLN A 1070 52.62 13.23 15.51
N GLU A 1071 53.75 13.17 14.82
CA GLU A 1071 54.55 11.96 14.73
C GLU A 1071 55.62 11.94 15.79
N THR A 1072 55.86 10.76 16.37
CA THR A 1072 56.87 10.57 17.39
C THR A 1072 57.77 9.41 16.99
N GLN A 1073 59.07 9.56 17.25
CA GLN A 1073 60.03 8.50 17.01
C GLN A 1073 60.03 7.45 18.12
N ASP A 1074 59.29 7.68 19.20
CA ASP A 1074 59.29 6.74 20.32
C ASP A 1074 58.76 5.37 19.89
N TYR A 1075 57.66 5.34 19.13
CA TYR A 1075 57.06 4.09 18.70
C TYR A 1075 56.55 4.26 17.27
N LEU A 1076 56.30 3.14 16.62
CA LEU A 1076 55.89 3.10 15.22
C LEU A 1076 54.36 3.19 15.17
N GLN A 1077 53.85 4.41 15.06
CA GLN A 1077 52.41 4.61 14.95
C GLN A 1077 51.91 4.10 13.61
N TYR A 1078 50.64 3.70 13.58
CA TYR A 1078 50.07 3.17 12.35
C TYR A 1078 50.01 4.24 11.28
N GLN A 1079 50.35 3.85 10.05
CA GLN A 1079 50.34 4.78 8.92
C GLN A 1079 50.15 3.96 7.65
N ALA A 1080 48.98 4.08 7.04
CA ALA A 1080 48.65 3.32 5.84
C ALA A 1080 47.67 4.15 5.01
N HIS A 1081 47.52 3.77 3.74
CA HIS A 1081 46.63 4.49 2.85
C HIS A 1081 46.02 3.53 1.85
N ARG A 1082 44.92 3.97 1.23
CA ARG A 1082 44.20 3.17 0.25
C ARG A 1082 43.66 4.11 -0.81
N LYS A 1083 44.25 4.08 -2.00
CA LYS A 1083 43.77 4.87 -3.13
C LYS A 1083 42.94 3.97 -4.03
N TYR A 1084 41.64 4.26 -4.13
CA TYR A 1084 40.70 3.42 -4.87
C TYR A 1084 40.52 3.96 -6.29
N HIS A 1085 40.68 3.09 -7.27
CA HIS A 1085 40.43 3.40 -8.67
C HIS A 1085 39.24 2.59 -9.16
N TYR A 1086 38.32 3.25 -9.85
CA TYR A 1086 37.09 2.63 -10.32
C TYR A 1086 37.07 2.59 -11.84
N ASP A 1087 36.44 1.56 -12.38
CA ASP A 1087 36.31 1.42 -13.83
C ASP A 1087 35.10 2.20 -14.31
N LYS A 1088 34.82 2.11 -15.61
CA LYS A 1088 33.75 2.92 -16.19
C LYS A 1088 32.40 2.59 -15.57
N ASN A 1089 32.20 1.35 -15.11
CA ASN A 1089 30.94 0.96 -14.49
C ASN A 1089 30.89 1.28 -13.01
N TYR A 1090 31.81 2.10 -12.51
CA TYR A 1090 31.84 2.50 -11.11
C TYR A 1090 32.03 1.30 -10.18
N LEU A 1091 32.69 0.26 -10.69
CA LEU A 1091 33.05 -0.90 -9.90
C LEU A 1091 34.52 -0.77 -9.49
N LEU A 1092 34.80 -1.08 -8.23
CA LEU A 1092 36.15 -0.92 -7.71
C LEU A 1092 37.09 -1.83 -8.47
N SER A 1093 37.91 -1.26 -9.35
CA SER A 1093 38.77 -2.03 -10.23
C SER A 1093 40.21 -2.10 -9.78
N GLN A 1094 40.57 -1.37 -8.72
CA GLN A 1094 41.94 -1.41 -8.21
C GLN A 1094 41.98 -0.63 -6.91
N VAL A 1095 42.87 -1.07 -6.02
CA VAL A 1095 43.11 -0.39 -4.75
C VAL A 1095 44.62 -0.30 -4.55
N GLU A 1096 45.13 0.91 -4.32
CA GLU A 1096 46.56 1.11 -4.13
C GLU A 1096 46.85 1.13 -2.63
N ASP A 1097 46.67 -0.03 -2.00
CA ASP A 1097 46.85 -0.14 -0.57
C ASP A 1097 48.34 -0.13 -0.21
N SER A 1098 48.67 0.52 0.90
CA SER A 1098 50.04 0.55 1.38
C SER A 1098 50.45 -0.75 2.04
N ARG A 1099 49.51 -1.43 2.68
CA ARG A 1099 49.81 -2.69 3.38
C ARG A 1099 49.66 -3.90 2.47
N LEU A 1100 48.59 -3.94 1.68
CA LEU A 1100 48.31 -5.08 0.82
C LEU A 1100 48.83 -4.92 -0.60
N GLY A 1101 49.46 -3.79 -0.92
CA GLY A 1101 49.89 -3.56 -2.28
C GLY A 1101 48.70 -3.22 -3.18
N LYS A 1102 48.88 -3.52 -4.47
CA LYS A 1102 47.86 -3.24 -5.47
C LYS A 1102 46.90 -4.42 -5.55
N LEU A 1103 45.61 -4.15 -5.32
CA LEU A 1103 44.56 -5.16 -5.38
C LEU A 1103 43.72 -4.88 -6.62
N ASN A 1104 44.02 -5.60 -7.71
CA ASN A 1104 43.29 -5.43 -8.96
C ASN A 1104 42.13 -6.40 -9.02
N TYR A 1105 40.93 -5.88 -9.30
CA TYR A 1105 39.73 -6.69 -9.40
C TYR A 1105 39.23 -6.71 -10.85
N GLN A 1106 38.49 -7.75 -11.19
CA GLN A 1106 37.81 -7.86 -12.47
C GLN A 1106 36.35 -8.22 -12.21
N TYR A 1107 35.49 -7.89 -13.18
CA TYR A 1107 34.07 -8.11 -13.04
C TYR A 1107 33.50 -8.65 -14.34
N ASP A 1108 32.46 -9.46 -14.22
CA ASP A 1108 31.69 -9.89 -15.37
C ASP A 1108 30.65 -8.84 -15.70
N PRO A 1109 30.05 -8.90 -16.89
CA PRO A 1109 29.17 -7.80 -17.32
C PRO A 1109 28.08 -7.44 -16.33
N ILE A 1110 27.51 -8.43 -15.63
CA ILE A 1110 26.46 -8.12 -14.65
C ILE A 1110 27.01 -7.23 -13.55
N GLY A 1111 28.20 -7.58 -13.03
CA GLY A 1111 28.77 -6.86 -11.92
C GLY A 1111 29.29 -7.78 -10.83
N ARG A 1112 29.19 -9.09 -11.06
CA ARG A 1112 29.73 -10.06 -10.10
C ARG A 1112 31.24 -10.02 -10.12
N LEU A 1113 31.85 -10.11 -8.94
CA LEU A 1113 33.30 -10.17 -8.84
C LEU A 1113 33.78 -11.55 -9.30
N ILE A 1114 34.61 -11.58 -10.34
CA ILE A 1114 35.08 -12.84 -10.91
C ILE A 1114 36.59 -12.96 -10.84
N ALA A 1115 37.27 -12.07 -10.13
CA ALA A 1115 38.69 -12.22 -9.89
C ALA A 1115 39.16 -11.11 -8.96
N ALA A 1116 40.23 -11.39 -8.22
CA ALA A 1116 40.87 -10.38 -7.39
C ALA A 1116 42.33 -10.81 -7.22
N GLN A 1117 43.22 -10.18 -7.98
CA GLN A 1117 44.64 -10.51 -7.91
C GLN A 1117 45.36 -9.50 -7.02
N SER A 1118 46.48 -9.93 -6.45
CA SER A 1118 47.31 -9.09 -5.61
C SER A 1118 48.59 -9.85 -5.33
N LEU A 1119 49.48 -9.23 -4.57
CA LEU A 1119 50.72 -9.90 -4.18
C LEU A 1119 50.44 -11.10 -3.27
N HIS A 1120 49.48 -10.94 -2.34
CA HIS A 1120 49.23 -11.99 -1.37
C HIS A 1120 48.65 -13.24 -2.03
N LYS A 1121 47.62 -13.07 -2.86
CA LYS A 1121 46.93 -14.21 -3.45
C LYS A 1121 46.18 -13.76 -4.71
N THR A 1122 46.31 -14.53 -5.78
CA THR A 1122 45.58 -14.30 -7.01
C THR A 1122 44.39 -15.26 -7.04
N GLU A 1123 43.18 -14.70 -7.12
CA GLU A 1123 41.96 -15.48 -7.01
C GLU A 1123 41.14 -15.35 -8.29
N SER A 1124 40.31 -16.36 -8.53
CA SER A 1124 39.39 -16.37 -9.66
C SER A 1124 38.10 -17.06 -9.23
N PHE A 1125 36.97 -16.48 -9.62
CA PHE A 1125 35.66 -16.97 -9.20
C PHE A 1125 34.84 -17.33 -10.44
N ASN A 1126 34.09 -18.43 -10.33
CA ASN A 1126 33.24 -18.91 -11.42
C ASN A 1126 31.82 -19.01 -10.90
N PHE A 1127 30.96 -18.11 -11.36
CA PHE A 1127 29.54 -18.13 -11.02
C PHE A 1127 28.74 -18.74 -12.17
N ASP A 1128 27.76 -19.57 -11.84
CA ASP A 1128 26.83 -20.03 -12.83
C ASP A 1128 25.87 -18.89 -13.14
N PRO A 1129 25.01 -19.03 -14.14
CA PRO A 1129 24.11 -17.92 -14.48
C PRO A 1129 23.28 -17.44 -13.30
N ALA A 1130 22.87 -18.34 -12.40
CA ALA A 1130 22.06 -17.92 -11.27
C ALA A 1130 22.87 -17.11 -10.26
N GLY A 1131 24.15 -17.46 -10.07
CA GLY A 1131 24.99 -16.74 -9.13
C GLY A 1131 25.62 -17.62 -8.07
N ASN A 1132 25.79 -18.91 -8.36
CA ASN A 1132 26.40 -19.85 -7.44
C ASN A 1132 27.85 -20.10 -7.84
N LEU A 1133 28.76 -19.96 -6.89
CA LEU A 1133 30.16 -20.27 -7.14
C LEU A 1133 30.29 -21.73 -7.60
N ILE A 1134 31.05 -21.94 -8.66
CA ILE A 1134 31.24 -23.26 -9.24
C ILE A 1134 32.69 -23.67 -9.09
N ASP A 1135 32.92 -24.98 -8.98
CA ASP A 1135 34.27 -25.53 -8.93
C ASP A 1135 34.70 -25.86 -10.36
N SER A 1136 35.13 -24.82 -11.07
CA SER A 1136 35.52 -24.99 -12.47
C SER A 1136 36.74 -25.89 -12.61
N GLU A 1137 37.68 -25.80 -11.67
CA GLU A 1137 38.90 -26.58 -11.78
C GLU A 1137 38.60 -28.08 -11.86
N SER A 1138 37.62 -28.55 -11.12
CA SER A 1138 37.23 -29.96 -11.15
C SER A 1138 36.28 -30.19 -12.33
N VAL A 1139 36.67 -31.11 -13.22
CA VAL A 1139 35.88 -31.33 -14.43
C VAL A 1139 34.55 -31.97 -14.09
N LEU A 1140 34.54 -32.95 -13.19
CA LEU A 1140 33.32 -33.69 -12.90
C LEU A 1140 32.25 -32.80 -12.25
N SER A 1141 32.64 -31.66 -11.69
CA SER A 1141 31.66 -30.80 -11.05
C SER A 1141 30.67 -30.25 -12.08
N PRO A 1142 29.41 -30.07 -11.72
CA PRO A 1142 28.43 -29.54 -12.68
C PRO A 1142 28.80 -28.13 -13.12
N ALA A 1143 28.46 -27.81 -14.37
CA ALA A 1143 28.69 -26.48 -14.89
C ALA A 1143 27.71 -25.45 -14.33
N GLN A 1144 26.59 -25.91 -13.75
CA GLN A 1144 25.61 -25.02 -13.15
C GLN A 1144 24.95 -25.74 -11.98
N ILE A 1145 24.81 -25.03 -10.87
CA ILE A 1145 24.08 -25.54 -9.71
C ILE A 1145 22.60 -25.25 -9.96
N LYS A 1146 21.88 -26.24 -10.47
CA LYS A 1146 20.53 -25.99 -10.96
C LYS A 1146 19.60 -25.54 -9.84
N ASN A 1147 19.73 -26.15 -8.67
CA ASN A 1147 18.82 -25.87 -7.55
C ASN A 1147 19.36 -24.79 -6.62
N ASN A 1148 20.47 -24.14 -6.97
CA ASN A 1148 21.11 -23.09 -6.18
C ASN A 1148 21.75 -23.62 -4.90
N LEU A 1149 21.70 -24.92 -4.65
CA LEU A 1149 22.27 -25.54 -3.47
C LEU A 1149 23.49 -26.34 -3.92
N ILE A 1150 24.67 -25.78 -3.73
CA ILE A 1150 25.90 -26.42 -4.17
C ILE A 1150 26.25 -27.56 -3.23
N LYS A 1151 26.53 -28.72 -3.79
CA LYS A 1151 26.85 -29.91 -3.01
C LYS A 1151 28.35 -30.14 -2.87
N SER A 1152 29.18 -29.30 -3.50
CA SER A 1152 30.62 -29.42 -3.37
C SER A 1152 31.28 -28.20 -3.99
N TYR A 1153 32.29 -27.65 -3.31
CA TYR A 1153 33.02 -26.52 -3.84
C TYR A 1153 34.40 -26.47 -3.20
N LYS A 1154 35.44 -26.78 -3.98
CA LYS A 1154 36.83 -26.62 -3.56
C LYS A 1154 37.10 -27.35 -2.25
N GLY A 1155 36.93 -28.67 -2.28
CA GLY A 1155 37.29 -29.51 -1.18
C GLY A 1155 36.28 -29.60 -0.05
N LYS A 1156 35.19 -28.87 -0.12
CA LYS A 1156 34.12 -28.93 0.87
C LYS A 1156 32.89 -29.53 0.23
N HIS A 1157 32.33 -30.56 0.85
CA HIS A 1157 31.11 -31.19 0.41
C HIS A 1157 29.99 -30.86 1.40
N TYR A 1158 28.88 -30.35 0.88
CA TYR A 1158 27.76 -29.91 1.71
C TYR A 1158 26.61 -30.90 1.62
N GLN A 1159 25.84 -30.98 2.70
CA GLN A 1159 24.64 -31.81 2.76
C GLN A 1159 23.51 -30.95 3.30
N TYR A 1160 22.44 -30.83 2.51
CA TYR A 1160 21.32 -29.97 2.84
C TYR A 1160 20.12 -30.80 3.27
N ASP A 1161 19.36 -30.28 4.22
CA ASP A 1161 18.10 -30.89 4.61
C ASP A 1161 17.04 -30.51 3.58
N VAL A 1162 15.77 -30.80 3.89
CA VAL A 1162 14.69 -30.57 2.93
C VAL A 1162 14.25 -29.11 2.87
N GLN A 1163 14.81 -28.24 3.71
CA GLN A 1163 14.50 -26.82 3.68
C GLN A 1163 15.58 -25.99 3.01
N GLY A 1164 16.63 -26.63 2.47
CA GLY A 1164 17.69 -25.92 1.81
C GLY A 1164 18.82 -25.46 2.70
N ASN A 1165 18.68 -25.61 4.01
CA ASN A 1165 19.75 -25.26 4.93
C ASN A 1165 20.84 -26.34 4.90
N VAL A 1166 22.07 -25.91 5.15
CA VAL A 1166 23.20 -26.85 5.20
C VAL A 1166 23.18 -27.52 6.56
N THR A 1167 23.07 -28.85 6.57
CA THR A 1167 23.09 -29.63 7.79
C THR A 1167 24.44 -30.30 8.04
N GLU A 1168 25.39 -30.14 7.12
CA GLU A 1168 26.71 -30.72 7.33
C GLU A 1168 27.65 -30.20 6.25
N ILE A 1169 28.91 -29.99 6.62
CA ILE A 1169 29.95 -29.56 5.70
C ILE A 1169 31.17 -30.43 5.96
N ILE A 1170 31.51 -31.29 5.00
CA ILE A 1170 32.56 -32.28 5.14
C ILE A 1170 33.74 -31.86 4.28
N GLN A 1171 34.93 -31.86 4.88
CA GLN A 1171 36.16 -31.60 4.15
C GLN A 1171 37.27 -32.47 4.75
N ALA A 1172 38.51 -32.18 4.38
CA ALA A 1172 39.65 -32.96 4.83
C ALA A 1172 39.87 -32.75 6.33
N GLY A 1173 39.50 -33.74 7.13
CA GLY A 1173 39.75 -33.70 8.56
C GLY A 1173 38.75 -32.90 9.36
N LYS A 1174 37.73 -32.33 8.75
CA LYS A 1174 36.72 -31.55 9.44
C LYS A 1174 35.33 -32.05 9.04
N ASN A 1175 34.47 -32.22 10.04
CA ASN A 1175 33.09 -32.69 9.81
C ASN A 1175 32.18 -31.81 10.67
N LEU A 1176 31.67 -30.74 10.09
CA LEU A 1176 30.82 -29.79 10.78
C LEU A 1176 29.36 -30.19 10.57
N LYS A 1177 28.64 -30.42 11.66
CA LYS A 1177 27.22 -30.73 11.62
C LYS A 1177 26.44 -29.58 12.23
N LEU A 1178 25.51 -29.03 11.46
CA LEU A 1178 24.70 -27.89 11.90
C LEU A 1178 23.32 -28.38 12.26
N THR A 1179 22.83 -27.98 13.43
CA THR A 1179 21.48 -28.29 13.86
C THR A 1179 20.62 -27.04 13.74
N TRP A 1180 19.59 -27.11 12.91
CA TRP A 1180 18.75 -25.97 12.60
C TRP A 1180 17.43 -26.08 13.35
N ASP A 1181 17.02 -25.01 14.01
CA ASP A 1181 15.75 -25.00 14.71
C ASP A 1181 14.63 -24.73 13.72
N ASN A 1182 13.39 -24.79 14.20
CA ASN A 1182 12.24 -24.68 13.33
C ASN A 1182 12.21 -23.36 12.57
N GLN A 1183 12.88 -22.33 13.07
CA GLN A 1183 13.00 -21.06 12.37
C GLN A 1183 14.18 -21.05 11.39
N ASN A 1184 14.69 -22.22 11.01
CA ASN A 1184 15.84 -22.33 10.12
C ASN A 1184 17.03 -21.56 10.67
N ARG A 1185 17.24 -21.66 11.98
CA ARG A 1185 18.32 -20.98 12.67
C ARG A 1185 19.23 -22.00 13.33
N LEU A 1186 20.53 -21.78 13.20
CA LEU A 1186 21.54 -22.69 13.75
C LEU A 1186 21.50 -22.63 15.27
N ILE A 1187 21.05 -23.71 15.91
CA ILE A 1187 21.01 -23.80 17.36
C ILE A 1187 22.03 -24.77 17.92
N ARG A 1188 22.88 -25.35 17.06
CA ARG A 1188 23.91 -26.25 17.53
C ARG A 1188 24.85 -26.55 16.37
N SER A 1189 26.14 -26.62 16.67
CA SER A 1189 27.14 -26.98 15.69
C SER A 1189 28.09 -28.00 16.31
N ASP A 1190 28.35 -29.07 15.57
CA ASP A 1190 29.23 -30.15 16.03
C ASP A 1190 30.41 -30.16 15.06
N ASN A 1191 31.44 -29.38 15.37
CA ASN A 1191 32.65 -29.31 14.57
C ASN A 1191 33.66 -30.30 15.13
N ASN A 1192 33.82 -31.43 14.44
CA ASN A 1192 34.76 -32.46 14.87
C ASN A 1192 34.46 -32.89 16.31
N GLY A 1193 33.19 -32.90 16.68
CA GLY A 1193 32.76 -33.31 17.99
C GLY A 1193 32.74 -32.22 19.04
N LEU A 1194 33.19 -31.02 18.71
CA LEU A 1194 33.19 -29.89 19.66
C LEU A 1194 31.84 -29.20 19.50
N VAL A 1195 30.84 -29.69 20.24
CA VAL A 1195 29.48 -29.22 20.06
C VAL A 1195 29.35 -27.80 20.60
N THR A 1196 28.71 -26.93 19.83
CA THR A 1196 28.37 -25.57 20.24
C THR A 1196 26.87 -25.46 20.41
N GLU A 1197 26.44 -24.38 21.08
CA GLU A 1197 25.03 -24.10 21.28
C GLU A 1197 24.78 -22.62 21.07
N TYR A 1198 23.84 -22.30 20.19
CA TYR A 1198 23.50 -20.92 19.86
C TYR A 1198 22.08 -20.62 20.29
N GLY A 1199 21.81 -19.35 20.55
CA GLY A 1199 20.47 -18.92 20.89
C GLY A 1199 20.22 -17.54 20.34
N TYR A 1200 18.96 -17.26 20.00
CA TYR A 1200 18.59 -16.04 19.33
C TYR A 1200 17.37 -15.44 20.00
N ASP A 1201 17.27 -14.11 19.95
CA ASP A 1201 16.08 -13.42 20.42
C ASP A 1201 15.01 -13.57 19.34
N VAL A 1202 13.93 -12.82 19.46
CA VAL A 1202 12.84 -12.94 18.49
C VAL A 1202 13.31 -12.54 17.10
N PHE A 1203 14.11 -11.49 17.00
CA PHE A 1203 14.50 -10.92 15.72
C PHE A 1203 15.68 -11.64 15.07
N GLY A 1204 16.03 -12.83 15.53
CA GLY A 1204 17.13 -13.56 14.94
C GLY A 1204 18.50 -13.06 15.33
N ARG A 1205 18.60 -12.28 16.40
CA ARG A 1205 19.88 -11.75 16.87
C ARG A 1205 20.45 -12.75 17.87
N ARG A 1206 21.59 -13.34 17.54
CA ARG A 1206 22.20 -14.31 18.43
C ARG A 1206 22.43 -13.68 19.80
N LEU A 1207 21.90 -14.33 20.84
CA LEU A 1207 22.03 -13.82 22.20
C LEU A 1207 23.13 -14.51 23.00
N TYR A 1208 23.60 -15.67 22.55
CA TYR A 1208 24.69 -16.34 23.24
C TYR A 1208 25.26 -17.41 22.33
N LYS A 1209 26.40 -17.96 22.74
CA LYS A 1209 27.04 -19.05 22.00
C LYS A 1209 27.85 -19.86 23.02
N LYS A 1210 27.29 -20.96 23.47
CA LYS A 1210 27.85 -21.77 24.55
C LYS A 1210 28.68 -22.90 23.95
N THR A 1211 29.92 -23.02 24.39
CA THR A 1211 30.84 -24.08 23.96
C THR A 1211 31.38 -24.75 25.21
N ALA A 1212 30.68 -25.80 25.66
CA ALA A 1212 31.03 -26.51 26.89
C ALA A 1212 30.93 -25.50 28.03
N LYS A 1213 32.01 -25.24 28.78
CA LYS A 1213 31.94 -24.27 29.86
C LYS A 1213 31.95 -22.83 29.36
N GLU A 1214 32.60 -22.58 28.21
CA GLU A 1214 32.69 -21.23 27.69
C GLU A 1214 31.32 -20.74 27.23
N LEU A 1215 31.00 -19.49 27.58
CA LEU A 1215 29.76 -18.84 27.17
C LEU A 1215 30.08 -17.46 26.65
N THR A 1216 29.57 -17.14 25.45
CA THR A 1216 29.80 -15.86 24.80
C THR A 1216 28.46 -15.16 24.63
N LEU A 1217 28.03 -14.43 25.66
CA LEU A 1217 26.82 -13.62 25.53
C LEU A 1217 27.02 -12.54 24.50
N PHE A 1218 25.92 -12.17 23.84
CA PHE A 1218 25.92 -11.11 22.84
C PHE A 1218 24.84 -10.11 23.17
N GLY A 1219 25.05 -8.86 22.78
CA GLY A 1219 24.09 -7.82 23.02
C GLY A 1219 23.91 -6.95 21.81
N TRP A 1220 22.67 -6.51 21.60
CA TRP A 1220 22.29 -5.73 20.44
C TRP A 1220 21.45 -4.55 20.89
N ASP A 1221 21.60 -3.44 20.16
CA ASP A 1221 20.78 -2.25 20.36
C ASP A 1221 19.89 -2.00 19.15
N GLY A 1222 19.50 -3.07 18.46
CA GLY A 1222 18.84 -2.98 17.18
C GLY A 1222 19.41 -4.01 16.23
N ASP A 1223 19.97 -3.55 15.11
CA ASP A 1223 20.60 -4.43 14.14
C ASP A 1223 22.10 -4.58 14.37
N LEU A 1224 22.63 -3.94 15.42
CA LEU A 1224 24.06 -3.86 15.65
C LEU A 1224 24.45 -4.56 16.93
N MET A 1225 25.44 -5.44 16.85
CA MET A 1225 26.01 -6.10 18.02
C MET A 1225 26.85 -5.09 18.78
N ILE A 1226 26.26 -4.41 19.74
CA ILE A 1226 26.97 -3.36 20.46
C ILE A 1226 28.02 -3.95 21.39
N TRP A 1227 27.70 -4.99 22.13
CA TRP A 1227 28.65 -5.58 23.07
C TRP A 1227 28.56 -7.09 23.02
N GLU A 1228 29.63 -7.73 23.48
CA GLU A 1228 29.65 -9.17 23.73
C GLU A 1228 30.39 -9.40 25.05
N SER A 1229 29.95 -10.42 25.78
CA SER A 1229 30.52 -10.74 27.07
C SER A 1229 30.88 -12.22 27.13
N PHE A 1230 32.02 -12.53 27.71
CA PHE A 1230 32.55 -13.88 27.75
C PHE A 1230 32.66 -14.36 29.19
N LYS A 1231 32.11 -15.55 29.45
CA LYS A 1231 32.17 -16.18 30.77
C LYS A 1231 32.89 -17.51 30.64
N SER A 1232 33.86 -17.75 31.52
CA SER A 1232 34.56 -19.02 31.54
C SER A 1232 35.35 -19.10 32.85
N ALA A 1233 35.90 -20.28 33.11
CA ALA A 1233 36.61 -20.50 34.37
C ALA A 1233 37.85 -19.63 34.46
N GLN A 1234 38.59 -19.49 33.36
CA GLN A 1234 39.90 -18.84 33.36
C GLN A 1234 39.87 -17.44 32.77
N THR A 1235 39.04 -17.19 31.76
CA THR A 1235 39.01 -15.92 31.05
C THR A 1235 37.59 -15.35 31.05
N ASN A 1236 37.43 -14.18 31.64
CA ASN A 1236 36.16 -13.44 31.60
C ASN A 1236 36.45 -12.04 31.11
N TYR A 1237 35.70 -11.59 30.11
CA TYR A 1237 35.88 -10.25 29.58
C TYR A 1237 34.60 -9.80 28.90
N THR A 1238 34.51 -8.49 28.66
CA THR A 1238 33.41 -7.88 27.93
C THR A 1238 34.00 -6.93 26.89
N LYS A 1239 33.52 -7.02 25.66
CA LYS A 1239 33.93 -6.14 24.59
C LYS A 1239 32.74 -5.30 24.15
N HIS A 1240 32.96 -4.00 24.01
CA HIS A 1240 31.92 -3.06 23.60
C HIS A 1240 32.28 -2.53 22.22
N TYR A 1241 31.55 -3.00 21.20
CA TYR A 1241 31.79 -2.54 19.84
C TYR A 1241 31.06 -1.23 19.60
N ILE A 1242 31.79 -0.21 19.16
CA ILE A 1242 31.23 1.09 18.82
C ILE A 1242 31.27 1.21 17.31
N TYR A 1243 30.10 1.39 16.71
CA TYR A 1243 29.96 1.49 15.27
C TYR A 1243 29.78 2.95 14.85
N GLU A 1244 30.10 3.22 13.59
CA GLU A 1244 29.92 4.56 13.06
C GLU A 1244 28.44 4.90 13.01
N PRO A 1245 28.10 6.19 12.98
CA PRO A 1245 26.68 6.58 13.05
C PRO A 1245 25.88 5.98 11.90
N ASP A 1246 24.71 5.41 12.25
CA ASP A 1246 23.77 4.93 11.25
C ASP A 1246 24.43 3.99 10.24
N SER A 1247 25.32 3.13 10.73
CA SER A 1247 26.02 2.21 9.85
C SER A 1247 26.52 1.03 10.66
N PHE A 1248 26.86 -0.03 9.94
CA PHE A 1248 27.39 -1.25 10.55
C PHE A 1248 28.91 -1.26 10.61
N VAL A 1249 29.57 -0.23 10.11
CA VAL A 1249 31.04 -0.20 10.11
C VAL A 1249 31.54 -0.01 11.54
N PRO A 1250 32.40 -0.88 12.06
CA PRO A 1250 32.87 -0.71 13.42
C PRO A 1250 33.88 0.43 13.54
N LEU A 1251 33.94 1.03 14.72
CA LEU A 1251 34.81 2.16 14.99
C LEU A 1251 35.89 1.80 16.01
N LEU A 1252 35.50 1.30 17.17
CA LEU A 1252 36.46 0.85 18.17
C LEU A 1252 35.77 -0.17 19.08
N GLN A 1253 36.59 -0.98 19.74
CA GLN A 1253 36.10 -1.94 20.72
C GLN A 1253 36.85 -1.73 22.03
N ALA A 1254 36.10 -1.45 23.09
CA ALA A 1254 36.67 -1.24 24.41
C ALA A 1254 36.10 -2.27 25.37
N GLY A 1255 36.96 -2.83 26.22
CA GLY A 1255 36.54 -3.91 27.08
C GLY A 1255 37.22 -3.87 28.44
N TYR A 1256 36.67 -4.69 29.34
CA TYR A 1256 37.22 -4.87 30.68
C TYR A 1256 37.20 -6.35 31.03
N LYS A 1257 38.16 -6.77 31.84
CA LYS A 1257 38.37 -8.19 32.14
C LYS A 1257 37.34 -8.66 33.17
N ASP A 1258 36.08 -8.67 32.74
CA ASP A 1258 35.00 -9.18 33.59
C ASP A 1258 33.79 -9.48 32.72
N PHE A 1259 32.92 -10.34 33.24
CA PHE A 1259 31.64 -10.59 32.59
C PHE A 1259 30.76 -9.35 32.70
N ILE A 1260 29.97 -9.11 31.65
CA ILE A 1260 29.16 -7.90 31.61
C ILE A 1260 28.25 -7.85 32.83
N GLN A 1261 27.98 -6.63 33.28
CA GLN A 1261 27.13 -6.38 34.45
C GLN A 1261 25.73 -6.01 33.95
N LEU A 1262 24.80 -6.95 34.09
CA LEU A 1262 23.46 -6.80 33.52
C LEU A 1262 22.41 -6.91 34.62
N ILE A 1263 21.25 -6.32 34.34
CA ILE A 1263 20.16 -6.24 35.30
C ILE A 1263 19.57 -7.64 35.49
N GLU A 1264 19.82 -8.24 36.64
CA GLU A 1264 19.23 -9.54 36.92
C GLU A 1264 17.72 -9.43 36.92
N THR A 1265 17.06 -10.42 36.33
CA THR A 1265 15.61 -10.36 36.18
C THR A 1265 14.96 -10.31 37.56
N PRO A 1266 13.87 -9.53 37.72
CA PRO A 1266 13.19 -9.43 39.02
C PRO A 1266 12.88 -10.79 39.64
N ILE A 1278 9.95 -3.95 37.77
CA ILE A 1278 11.00 -3.64 36.80
C ILE A 1278 11.42 -2.19 36.92
N TYR A 1279 10.46 -1.26 36.93
CA TYR A 1279 10.78 0.16 36.90
C TYR A 1279 11.87 0.53 37.90
N LYS A 1280 11.99 -0.23 38.99
CA LYS A 1280 13.03 0.03 39.97
C LYS A 1280 14.39 -0.50 39.50
N ASP A 1281 14.39 -1.66 38.84
CA ASP A 1281 15.63 -2.38 38.57
C ASP A 1281 16.57 -1.59 37.67
N PRO A 1282 16.18 -1.27 36.42
CA PRO A 1282 17.11 -0.55 35.54
C PRO A 1282 17.58 0.78 36.11
N VAL A 1283 16.63 1.67 36.45
CA VAL A 1283 16.99 3.04 36.77
C VAL A 1283 17.98 3.09 37.93
N TRP A 1284 17.70 2.35 39.00
CA TRP A 1284 18.63 2.33 40.14
C TRP A 1284 19.96 1.70 39.74
N ASN A 1285 19.91 0.54 39.11
CA ASN A 1285 21.14 -0.16 38.73
C ASN A 1285 21.83 0.50 37.55
N ARG A 1286 21.06 1.12 36.64
CA ARG A 1286 21.68 1.88 35.56
C ARG A 1286 22.46 3.06 36.11
N ASN A 1287 21.99 3.62 37.24
CA ASN A 1287 22.81 4.61 37.96
C ASN A 1287 23.96 3.94 38.69
N LEU A 1288 23.78 2.68 39.13
CA LEU A 1288 24.92 1.92 39.61
C LEU A 1288 25.90 1.66 38.47
N GLY A 1289 25.41 1.64 37.23
CA GLY A 1289 26.28 1.64 36.07
C GLY A 1289 26.97 2.97 35.84
N LYS A 1290 26.42 4.05 36.39
CA LYS A 1290 27.13 5.33 36.36
C LYS A 1290 28.43 5.24 37.15
N GLU A 1291 28.43 4.48 38.24
CA GLU A 1291 29.69 4.11 38.87
C GLU A 1291 30.58 3.37 37.87
N ARG A 1292 30.00 2.41 37.16
CA ARG A 1292 30.60 1.91 35.93
C ARG A 1292 31.82 1.04 36.19
N THR A 1293 32.01 0.02 35.35
CA THR A 1293 33.24 -0.77 35.32
C THR A 1293 34.12 -0.19 34.22
N ALA A 1294 35.16 0.53 34.62
CA ALA A 1294 35.95 1.31 33.67
C ALA A 1294 36.49 0.43 32.55
N LEU A 1295 36.35 0.92 31.31
CA LEU A 1295 36.88 0.20 30.16
C LEU A 1295 38.40 0.20 30.21
N GLU A 1296 38.98 -1.01 30.20
CA GLU A 1296 40.42 -1.13 30.43
C GLU A 1296 41.22 -0.80 29.17
N GLN A 1297 40.87 -1.43 28.05
CA GLN A 1297 41.65 -1.34 26.83
C GLN A 1297 40.78 -0.84 25.70
N PHE A 1298 41.24 0.20 25.00
CA PHE A 1298 40.60 0.71 23.80
C PHE A 1298 41.37 0.22 22.58
N THR A 1299 40.66 -0.03 21.49
CA THR A 1299 41.28 -0.48 20.26
C THR A 1299 40.43 -0.02 19.09
N PHE A 1300 41.05 0.68 18.15
CA PHE A 1300 40.34 1.36 17.07
C PHE A 1300 40.45 0.57 15.77
N TYR A 1301 39.36 0.53 15.02
CA TYR A 1301 39.31 -0.19 13.76
C TYR A 1301 39.73 0.72 12.61
N HIS A 1302 40.14 0.09 11.51
CA HIS A 1302 40.51 0.81 10.29
C HIS A 1302 40.03 -0.05 9.12
N CYS A 1303 38.85 0.25 8.62
CA CYS A 1303 38.22 -0.56 7.59
C CYS A 1303 38.61 -0.05 6.19
N ASP A 1304 38.25 -0.85 5.19
CA ASP A 1304 38.44 -0.46 3.80
C ASP A 1304 37.16 0.23 3.32
N GLN A 1305 37.03 0.43 2.00
CA GLN A 1305 35.95 1.23 1.46
C GLN A 1305 34.56 0.68 1.83
N VAL A 1306 34.46 -0.60 2.17
CA VAL A 1306 33.18 -1.25 2.38
C VAL A 1306 32.92 -1.58 3.83
N GLY A 1307 33.79 -1.14 4.74
CA GLY A 1307 33.57 -1.33 6.16
C GLY A 1307 34.08 -2.63 6.74
N THR A 1308 34.93 -3.36 6.02
CA THR A 1308 35.51 -4.57 6.57
C THR A 1308 36.77 -4.23 7.36
N PRO A 1309 36.82 -4.51 8.66
CA PRO A 1309 38.05 -4.22 9.42
C PRO A 1309 39.27 -4.84 8.76
N GLN A 1310 40.22 -3.99 8.39
CA GLN A 1310 41.47 -4.44 7.80
C GLN A 1310 42.63 -4.44 8.77
N THR A 1311 42.50 -3.74 9.89
CA THR A 1311 43.55 -3.70 10.91
C THR A 1311 42.96 -3.02 12.14
N MET A 1312 43.80 -2.80 13.14
CA MET A 1312 43.36 -2.24 14.40
C MET A 1312 44.54 -1.59 15.09
N THR A 1313 44.25 -0.63 15.96
CA THR A 1313 45.28 0.13 16.66
C THR A 1313 44.86 0.40 18.09
N ASN A 1314 45.81 0.30 19.00
CA ASN A 1314 45.54 0.54 20.42
C ASN A 1314 45.48 2.04 20.68
N ILE A 1315 45.38 2.42 21.96
CA ILE A 1315 45.23 3.82 22.31
C ILE A 1315 46.50 4.62 22.05
N ARG A 1316 47.64 3.96 21.87
CA ARG A 1316 48.90 4.64 21.60
C ARG A 1316 49.19 4.76 20.11
N GLY A 1317 48.27 4.31 19.24
CA GLY A 1317 48.41 4.47 17.82
C GLY A 1317 49.08 3.34 17.10
N GLU A 1318 49.68 2.39 17.81
CA GLU A 1318 50.39 1.30 17.15
C GLU A 1318 49.40 0.32 16.55
N CYS A 1319 49.85 -0.41 15.52
CA CYS A 1319 49.09 -1.53 15.01
C CYS A 1319 49.19 -2.71 15.98
N VAL A 1320 48.06 -3.38 16.20
CA VAL A 1320 48.01 -4.47 17.16
C VAL A 1320 47.34 -5.70 16.56
N TRP A 1321 46.74 -5.53 15.37
CA TRP A 1321 45.98 -6.62 14.77
C TRP A 1321 45.77 -6.33 13.29
N GLU A 1322 46.14 -7.27 12.44
CA GLU A 1322 45.92 -7.19 11.00
C GLU A 1322 45.32 -8.49 10.52
N ILE A 1323 44.39 -8.40 9.57
CA ILE A 1323 43.75 -9.56 8.98
C ILE A 1323 43.86 -9.44 7.47
N LEU A 1324 44.25 -10.53 6.82
CA LEU A 1324 44.28 -10.62 5.36
C LEU A 1324 43.12 -11.53 4.95
N GLN A 1325 41.93 -10.94 4.82
CA GLN A 1325 40.77 -11.71 4.43
C GLN A 1325 40.84 -12.03 2.94
N ASP A 1326 40.36 -13.22 2.58
CA ASP A 1326 40.13 -13.50 1.18
C ASP A 1326 38.99 -12.61 0.68
N THR A 1327 38.76 -12.66 -0.64
CA THR A 1327 37.74 -11.79 -1.22
C THR A 1327 36.37 -12.04 -0.61
N TRP A 1328 36.10 -13.28 -0.20
CA TRP A 1328 34.78 -13.67 0.28
C TRP A 1328 34.74 -13.86 1.80
N GLY A 1329 35.66 -13.24 2.53
CA GLY A 1329 35.63 -13.21 3.97
C GLY A 1329 36.47 -14.27 4.64
N ALA A 1330 36.86 -15.32 3.93
CA ALA A 1330 37.67 -16.35 4.54
C ALA A 1330 38.97 -15.75 5.07
N VAL A 1331 39.28 -16.05 6.33
CA VAL A 1331 40.47 -15.51 6.97
C VAL A 1331 41.67 -16.31 6.52
N SER A 1332 42.66 -15.64 5.94
CA SER A 1332 43.88 -16.28 5.46
C SER A 1332 45.03 -16.17 6.45
N GLN A 1333 45.15 -15.03 7.14
CA GLN A 1333 46.24 -14.83 8.08
C GLN A 1333 45.92 -13.61 8.93
N ILE A 1334 46.08 -13.74 10.24
CA ILE A 1334 45.84 -12.66 11.20
C ILE A 1334 47.13 -12.39 11.95
N LYS A 1335 47.53 -11.12 11.99
CA LYS A 1335 48.76 -10.69 12.65
C LYS A 1335 48.39 -9.85 13.86
N ALA A 1336 48.30 -10.50 15.02
CA ALA A 1336 47.97 -9.82 16.27
C ALA A 1336 49.23 -9.71 17.12
N LEU A 1337 49.48 -8.50 17.63
CA LEU A 1337 50.65 -8.30 18.49
C LEU A 1337 50.58 -9.18 19.73
N ASN A 1338 49.40 -9.22 20.37
CA ASN A 1338 49.16 -10.06 21.55
C ASN A 1338 48.00 -10.98 21.22
N GLN A 1339 48.31 -12.24 20.92
CA GLN A 1339 47.27 -13.19 20.53
C GLN A 1339 46.27 -13.41 21.66
N ASP A 1340 46.75 -13.54 22.89
CA ASP A 1340 45.88 -13.85 24.02
C ASP A 1340 45.00 -12.68 24.43
N ASN A 1341 45.45 -11.44 24.23
CA ASN A 1341 44.69 -10.28 24.67
C ASN A 1341 43.33 -10.26 23.97
N PRO A 1342 42.22 -10.55 24.66
CA PRO A 1342 40.93 -10.59 23.96
C PRO A 1342 40.50 -9.26 23.39
N PHE A 1343 41.01 -8.14 23.91
CA PHE A 1343 40.64 -6.82 23.41
C PHE A 1343 41.45 -6.39 22.20
N GLU A 1344 42.56 -7.07 21.91
CA GLU A 1344 43.30 -6.86 20.67
C GLU A 1344 42.91 -7.86 19.59
N GLN A 1345 41.95 -8.74 19.86
CA GLN A 1345 41.40 -9.67 18.89
C GLN A 1345 40.09 -9.11 18.35
N ASN A 1346 39.82 -9.40 17.08
CA ASN A 1346 38.61 -8.95 16.43
C ASN A 1346 37.91 -10.13 15.80
N ASN A 1347 36.61 -10.25 16.05
CA ASN A 1347 35.77 -11.25 15.40
C ASN A 1347 34.86 -10.63 14.35
N LEU A 1348 34.82 -9.30 14.25
CA LEU A 1348 34.04 -8.66 13.21
C LEU A 1348 34.66 -8.90 11.84
N ARG A 1349 33.82 -8.86 10.81
CA ARG A 1349 34.19 -9.23 9.45
C ARG A 1349 33.37 -8.36 8.51
N PHE A 1350 33.16 -8.83 7.27
CA PHE A 1350 32.32 -8.10 6.33
C PHE A 1350 31.18 -7.40 7.05
N GLN A 1351 30.92 -6.17 6.65
CA GLN A 1351 29.99 -5.29 7.36
C GLN A 1351 28.76 -6.04 7.81
N GLY A 1352 28.54 -6.06 9.12
CA GLY A 1352 27.38 -6.74 9.68
C GLY A 1352 27.58 -8.21 9.96
N GLN A 1353 28.82 -8.66 10.08
CA GLN A 1353 29.13 -10.08 10.28
C GLN A 1353 29.95 -10.27 11.53
N TYR A 1354 30.25 -11.53 11.85
CA TYR A 1354 30.97 -11.89 13.05
C TYR A 1354 31.57 -13.27 12.87
N TYR A 1355 32.89 -13.37 12.89
CA TYR A 1355 33.57 -14.65 12.73
C TYR A 1355 33.25 -15.55 13.92
N ASP A 1356 33.05 -16.85 13.63
CA ASP A 1356 32.79 -17.85 14.64
C ASP A 1356 34.04 -18.70 14.84
N ARG A 1357 34.57 -18.68 16.06
CA ARG A 1357 35.79 -19.40 16.38
C ARG A 1357 35.62 -20.92 16.34
N GLU A 1358 34.38 -21.43 16.29
CA GLU A 1358 34.15 -22.86 16.31
C GLU A 1358 33.69 -23.44 14.98
N THR A 1359 32.96 -22.68 14.16
CA THR A 1359 32.44 -23.19 12.89
C THR A 1359 33.08 -22.54 11.68
N GLU A 1360 33.83 -21.46 11.84
CA GLU A 1360 34.37 -20.69 10.72
C GLU A 1360 33.27 -20.13 9.84
N LEU A 1361 32.07 -19.95 10.39
CA LEU A 1361 30.96 -19.34 9.70
C LEU A 1361 30.78 -17.92 10.22
N HIS A 1362 30.68 -16.97 9.30
CA HIS A 1362 30.45 -15.57 9.66
C HIS A 1362 28.95 -15.42 9.92
N TYR A 1363 28.62 -14.97 11.12
CA TYR A 1363 27.22 -14.88 11.50
C TYR A 1363 26.61 -13.55 11.06
N ASN A 1364 26.00 -13.53 9.88
CA ASN A 1364 25.09 -12.43 9.56
C ASN A 1364 23.87 -12.54 10.47
N ARG A 1365 23.21 -11.40 10.69
CA ARG A 1365 22.12 -11.36 11.65
C ARG A 1365 21.15 -12.53 11.47
N TYR A 1366 20.56 -12.64 10.28
CA TYR A 1366 19.52 -13.63 10.03
C TYR A 1366 20.05 -14.96 9.51
N ARG A 1367 21.30 -15.00 9.03
CA ARG A 1367 21.84 -16.22 8.44
C ARG A 1367 23.32 -16.31 8.75
N TYR A 1368 23.87 -17.51 8.58
CA TYR A 1368 25.30 -17.75 8.77
C TYR A 1368 25.95 -17.78 7.39
N TYR A 1369 26.95 -16.93 7.20
CA TYR A 1369 27.64 -16.79 5.92
C TYR A 1369 28.87 -17.67 5.94
N GLU A 1370 28.92 -18.63 5.02
CA GLU A 1370 30.01 -19.60 4.99
C GLU A 1370 31.05 -19.12 3.98
N PRO A 1371 32.13 -18.47 4.42
CA PRO A 1371 32.96 -17.73 3.46
C PRO A 1371 33.57 -18.57 2.36
N HIS A 1372 33.84 -19.85 2.61
CA HIS A 1372 34.55 -20.66 1.62
C HIS A 1372 33.83 -20.63 0.27
N SER A 1373 32.51 -20.85 0.28
CA SER A 1373 31.70 -20.82 -0.92
C SER A 1373 30.95 -19.50 -1.09
N ALA A 1374 31.21 -18.52 -0.22
CA ALA A 1374 30.66 -17.17 -0.37
C ALA A 1374 29.14 -17.21 -0.45
N ARG A 1375 28.52 -18.16 0.24
CA ARG A 1375 27.09 -18.31 0.23
C ARG A 1375 26.61 -18.64 1.65
N TYR A 1376 25.40 -18.19 1.95
CA TYR A 1376 24.82 -18.49 3.25
C TYR A 1376 24.50 -19.97 3.36
N VAL A 1377 24.53 -20.49 4.59
CA VAL A 1377 24.23 -21.90 4.83
C VAL A 1377 22.75 -22.18 4.90
N SER A 1378 21.90 -21.16 4.74
CA SER A 1378 20.46 -21.36 4.71
C SER A 1378 19.85 -20.38 3.73
N LYS A 1379 18.66 -20.72 3.25
CA LYS A 1379 17.99 -19.89 2.27
C LYS A 1379 17.48 -18.60 2.91
N ASP A 1380 17.34 -17.57 2.09
CA ASP A 1380 16.96 -16.26 2.57
C ASP A 1380 15.62 -16.35 3.31
N PRO A 1381 15.50 -15.80 4.52
CA PRO A 1381 14.20 -15.84 5.20
C PRO A 1381 13.09 -15.18 4.40
N ILE A 1382 13.40 -14.20 3.57
CA ILE A 1382 12.39 -13.47 2.83
C ILE A 1382 12.25 -13.98 1.39
N GLY A 1383 12.73 -15.18 1.12
CA GLY A 1383 12.51 -15.78 -0.19
C GLY A 1383 13.08 -14.93 -1.31
N LEU A 1384 12.25 -14.67 -2.31
CA LEU A 1384 12.68 -13.93 -3.49
C LEU A 1384 12.72 -12.43 -3.28
N GLU A 1385 12.26 -11.94 -2.13
CA GLU A 1385 12.37 -10.51 -1.84
C GLU A 1385 13.82 -10.07 -1.73
N GLY A 1386 14.75 -11.01 -1.54
CA GLY A 1386 16.15 -10.68 -1.43
C GLY A 1386 16.91 -10.84 -2.73
N GLY A 1387 16.42 -11.69 -3.62
CA GLY A 1387 17.07 -11.91 -4.89
C GLY A 1387 16.74 -13.29 -5.44
N MET A 1388 17.09 -13.49 -6.71
CA MET A 1388 16.82 -14.76 -7.36
C MET A 1388 17.56 -15.90 -6.67
N ASN A 1389 18.83 -15.68 -6.32
CA ASN A 1389 19.62 -16.68 -5.62
C ASN A 1389 19.50 -16.42 -4.13
N THR A 1390 18.78 -17.29 -3.43
CA THR A 1390 18.51 -17.08 -2.02
C THR A 1390 19.65 -17.51 -1.12
N SER A 1391 20.64 -18.23 -1.64
CA SER A 1391 21.78 -18.66 -0.84
C SER A 1391 23.02 -17.82 -1.07
N SER A 1392 23.14 -17.15 -2.21
CA SER A 1392 24.34 -16.39 -2.52
C SER A 1392 24.42 -15.16 -1.63
N TYR A 1393 25.65 -14.73 -1.34
CA TYR A 1393 25.86 -13.61 -0.42
C TYR A 1393 25.69 -12.27 -1.13
N VAL A 1394 26.58 -11.95 -2.06
CA VAL A 1394 26.52 -10.71 -2.83
C VAL A 1394 27.25 -10.94 -4.14
N SER A 1395 26.96 -10.09 -5.13
CA SER A 1395 27.69 -10.14 -6.38
C SER A 1395 29.07 -9.50 -6.25
N ASP A 1396 29.17 -8.43 -5.47
CA ASP A 1396 30.41 -7.64 -5.39
C ASP A 1396 30.66 -7.28 -3.93
N PRO A 1397 31.56 -7.98 -3.23
CA PRO A 1397 31.80 -7.69 -1.81
C PRO A 1397 32.56 -6.40 -1.58
N ASN A 1398 33.12 -5.79 -2.63
CA ASN A 1398 33.86 -4.55 -2.49
C ASN A 1398 32.96 -3.35 -2.28
N GLN A 1399 31.70 -3.43 -2.71
CA GLN A 1399 30.78 -2.30 -2.57
C GLN A 1399 29.40 -2.70 -2.07
N TRP A 1400 29.07 -3.98 -2.03
CA TRP A 1400 27.81 -4.47 -1.47
C TRP A 1400 28.10 -5.19 -0.16
N ILE A 1401 27.17 -5.09 0.79
CA ILE A 1401 27.41 -5.48 2.17
C ILE A 1401 26.49 -6.62 2.60
N ASP A 1402 25.18 -6.44 2.45
CA ASP A 1402 24.22 -7.38 3.02
C ASP A 1402 24.48 -7.52 4.52
N PRO A 1403 24.33 -6.45 5.30
CA PRO A 1403 24.72 -6.51 6.71
C PRO A 1403 23.80 -7.33 7.58
N LYS A 1404 22.53 -7.48 7.21
CA LYS A 1404 21.53 -8.11 8.07
C LYS A 1404 21.25 -9.55 7.69
N GLY A 1405 22.01 -10.12 6.76
CA GLY A 1405 21.81 -11.51 6.40
C GLY A 1405 20.63 -11.78 5.51
N LEU A 1406 20.02 -10.74 4.94
CA LEU A 1406 18.87 -10.92 4.05
C LEU A 1406 19.26 -10.64 2.61
N UNK B 1 21.18 -7.26 -9.28
CA UNK B 1 21.51 -8.68 -9.30
C UNK B 1 21.91 -9.18 -7.92
N UNK B 2 22.69 -8.38 -7.22
CA UNK B 2 23.18 -8.77 -5.90
C UNK B 2 22.02 -8.91 -4.93
N UNK B 3 22.17 -9.79 -3.94
CA UNK B 3 21.19 -9.92 -2.86
C UNK B 3 21.68 -9.10 -1.66
N UNK B 4 21.75 -7.78 -1.87
CA UNK B 4 22.32 -6.91 -0.87
C UNK B 4 22.03 -5.44 -1.14
N UNK B 5 22.67 -4.56 -0.36
CA UNK B 5 22.59 -3.12 -0.57
C UNK B 5 24.00 -2.59 -0.78
N UNK B 6 24.12 -1.55 -1.61
CA UNK B 6 25.42 -0.93 -1.84
C UNK B 6 25.86 -0.18 -0.60
N UNK B 7 27.16 -0.13 -0.37
CA UNK B 7 27.73 0.56 0.78
C UNK B 7 27.87 2.04 0.45
N UNK B 8 26.90 2.83 0.90
CA UNK B 8 26.89 4.27 0.69
C UNK B 8 26.61 4.97 2.01
N UNK B 9 27.49 5.92 2.38
CA UNK B 9 27.25 6.71 3.58
C UNK B 9 26.04 7.61 3.40
N UNK B 10 25.99 8.36 2.29
CA UNK B 10 24.85 9.21 1.98
C UNK B 10 24.61 9.14 0.47
N UNK B 11 23.37 8.82 0.09
CA UNK B 11 23.05 8.67 -1.32
C UNK B 11 23.18 10.00 -2.06
N UNK B 12 22.65 11.08 -1.48
CA UNK B 12 22.72 12.37 -2.14
C UNK B 12 24.15 12.83 -2.36
N UNK B 13 25.07 12.41 -1.48
CA UNK B 13 26.47 12.80 -1.64
C UNK B 13 27.05 12.25 -2.92
N UNK B 14 26.69 11.02 -3.29
CA UNK B 14 27.24 10.41 -4.49
C UNK B 14 26.89 11.22 -5.72
N UNK B 15 25.62 11.61 -5.86
CA UNK B 15 25.15 12.40 -7.00
C UNK B 15 25.62 11.80 -8.33
N UNK B 16 25.94 10.51 -8.32
CA UNK B 16 26.55 9.86 -9.47
C UNK B 16 26.50 8.35 -9.28
N UNK B 17 27.29 7.63 -10.07
CA UNK B 17 27.50 6.20 -9.87
C UNK B 17 26.33 5.38 -10.39
N UNK B 18 25.54 5.95 -11.29
CA UNK B 18 24.46 5.21 -11.93
C UNK B 18 23.54 4.59 -10.89
N UNK B 19 23.94 3.43 -10.36
CA UNK B 19 23.06 2.68 -9.45
C UNK B 19 22.50 3.55 -8.34
N UNK B 20 23.33 4.41 -7.75
CA UNK B 20 22.85 5.26 -6.66
C UNK B 20 21.77 6.22 -7.14
N UNK B 21 22.00 6.87 -8.29
CA UNK B 21 21.06 7.86 -8.82
C UNK B 21 20.09 7.25 -9.82
N UNK B 22 20.61 6.68 -10.91
CA UNK B 22 19.77 6.11 -11.95
C UNK B 22 19.48 4.65 -11.68
N UNK B 23 18.21 4.27 -11.76
CA UNK B 23 17.75 2.93 -11.43
C UNK B 23 17.13 2.27 -12.64
N UNK B 24 17.57 1.05 -12.93
CA UNK B 24 16.96 0.22 -13.96
C UNK B 24 17.27 -1.23 -13.62
N UNK B 25 16.29 -1.95 -13.09
CA UNK B 25 16.49 -3.31 -12.60
C UNK B 25 15.27 -4.15 -12.97
N UNK B 26 15.24 -5.37 -12.44
CA UNK B 26 14.16 -6.32 -12.73
C UNK B 26 12.97 -5.99 -11.85
N UNK B 27 11.94 -5.38 -12.44
CA UNK B 27 10.74 -5.04 -11.71
C UNK B 27 9.67 -6.12 -11.78
N UNK B 28 9.91 -7.26 -11.14
CA UNK B 28 8.93 -8.33 -11.12
C UNK B 28 9.35 -9.36 -10.08
N UNK B 29 8.39 -10.19 -9.67
CA UNK B 29 8.63 -11.23 -8.68
C UNK B 29 9.18 -10.64 -7.39
N UNK C 1 -6.84 17.67 3.47
CA UNK C 1 -7.14 19.09 3.59
C UNK C 1 -7.37 19.72 2.24
N UNK C 2 -8.56 20.30 2.03
CA UNK C 2 -8.88 20.96 0.78
C UNK C 2 -8.44 22.41 0.74
N UNK C 3 -7.97 22.96 1.86
CA UNK C 3 -7.46 24.32 1.89
C UNK C 3 -8.58 25.32 1.61
N UNK C 4 -8.26 26.42 0.92
CA UNK C 4 -9.28 27.43 0.63
C UNK C 4 -10.42 26.85 -0.20
N UNK C 5 -10.17 25.76 -0.93
CA UNK C 5 -11.25 25.11 -1.67
C UNK C 5 -12.33 24.59 -0.74
N UNK C 6 -11.97 24.28 0.51
CA UNK C 6 -12.98 23.86 1.48
C UNK C 6 -13.99 24.97 1.71
N UNK C 7 -13.52 26.21 1.84
CA UNK C 7 -14.43 27.34 2.07
C UNK C 7 -15.36 27.53 0.88
N UNK C 8 -14.81 27.57 -0.33
CA UNK C 8 -15.64 27.80 -1.51
C UNK C 8 -16.49 26.59 -1.84
N UNK C 9 -15.91 25.39 -1.81
CA UNK C 9 -16.67 24.19 -2.12
C UNK C 9 -17.79 23.98 -1.10
N UNK C 10 -17.48 24.13 0.19
CA UNK C 10 -18.51 24.00 1.21
C UNK C 10 -19.54 25.11 1.09
N UNK C 11 -19.09 26.33 0.81
CA UNK C 11 -19.99 27.48 0.66
C UNK C 11 -20.57 27.51 -0.74
N UNK D 1 5.46 -15.34 2.65
CA UNK D 1 4.42 -14.36 2.35
C UNK D 1 3.94 -13.66 3.62
N UNK D 2 4.28 -14.24 4.77
CA UNK D 2 3.91 -13.65 6.05
C UNK D 2 5.10 -13.41 6.94
N UNK D 3 5.39 -12.14 7.21
CA UNK D 3 6.51 -11.75 8.05
C UNK D 3 7.79 -12.49 7.66
N UNK D 4 8.14 -13.52 8.43
CA UNK D 4 9.41 -14.24 8.27
C UNK D 4 10.56 -13.41 8.81
N UNK D 5 10.28 -12.17 9.24
CA UNK D 5 11.30 -11.32 9.82
C UNK D 5 10.59 -10.25 10.64
N UNK D 6 10.54 -10.43 11.96
CA UNK D 6 10.06 -9.38 12.83
C UNK D 6 11.06 -8.23 12.83
N UNK D 7 10.55 -7.00 12.79
CA UNK D 7 11.40 -5.83 12.66
C UNK D 7 10.91 -4.72 13.58
N UNK D 8 11.86 -4.05 14.23
CA UNK D 8 11.59 -2.88 15.04
C UNK D 8 12.70 -1.87 14.82
N UNK D 9 12.33 -0.61 14.62
CA UNK D 9 13.29 0.47 14.37
C UNK D 9 13.32 1.42 15.55
N UNK D 10 14.48 2.04 15.76
CA UNK D 10 14.66 2.93 16.90
C UNK D 10 13.71 4.12 16.82
N UNK D 11 13.87 4.96 15.80
CA UNK D 11 13.09 6.18 15.63
C UNK D 11 12.09 5.94 14.51
N UNK D 12 10.87 5.53 14.88
CA UNK D 12 9.83 5.30 13.89
C UNK D 12 9.36 6.61 13.27
N UNK D 13 9.09 7.60 14.11
CA UNK D 13 8.53 8.85 13.63
C UNK D 13 9.57 9.89 13.25
N UNK D 14 9.90 9.96 11.96
CA UNK D 14 10.55 11.13 11.40
C UNK D 14 9.69 11.71 10.31
N UNK D 15 8.98 10.82 9.61
CA UNK D 15 7.88 11.19 8.73
C UNK D 15 6.64 10.34 8.89
N UNK D 16 6.76 9.10 9.36
CA UNK D 16 5.60 8.21 9.47
C UNK D 16 4.63 8.70 10.53
N UNK D 17 5.15 9.16 11.67
CA UNK D 17 4.27 9.61 12.74
C UNK D 17 3.42 10.79 12.29
N UNK D 18 4.03 11.77 11.63
CA UNK D 18 3.26 12.88 11.06
C UNK D 18 2.47 12.44 9.84
N UNK D 19 3.03 11.51 9.05
CA UNK D 19 2.27 10.96 7.94
C UNK D 19 1.08 10.15 8.43
N UNK D 20 1.24 9.43 9.55
CA UNK D 20 0.10 8.80 10.19
C UNK D 20 -0.87 9.85 10.70
N UNK D 21 -0.34 10.97 11.21
CA UNK D 21 -1.17 12.10 11.61
C UNK D 21 -1.76 12.84 10.42
N UNK D 22 -1.36 12.49 9.19
CA UNK D 22 -1.87 13.13 7.99
C UNK D 22 -3.27 12.64 7.62
N UNK D 23 -3.97 12.01 8.56
CA UNK D 23 -5.34 11.55 8.35
C UNK D 23 -5.40 10.47 7.26
N UNK D 24 -4.69 9.37 7.51
CA UNK D 24 -4.87 8.19 6.69
C UNK D 24 -6.24 7.59 6.97
N UNK D 25 -7.15 7.73 6.01
CA UNK D 25 -8.56 7.45 6.24
C UNK D 25 -9.09 6.51 5.15
N UNK D 26 -10.13 5.77 5.50
CA UNK D 26 -10.83 4.95 4.52
C UNK D 26 -11.25 5.82 3.34
N UNK D 27 -10.87 5.40 2.14
CA UNK D 27 -10.98 6.23 0.94
C UNK D 27 -12.02 5.66 -0.02
N UNK D 28 -12.88 6.54 -0.51
CA UNK D 28 -13.85 6.21 -1.55
C UNK D 28 -14.80 7.38 -1.75
N UNK D 29 -15.63 7.68 -0.75
CA UNK D 29 -16.60 8.76 -0.83
C UNK D 29 -16.33 9.89 0.14
N UNK D 30 -15.59 9.65 1.23
CA UNK D 30 -15.16 10.73 2.11
C UNK D 30 -14.00 11.52 1.52
N UNK D 31 -13.22 10.91 0.64
CA UNK D 31 -12.08 11.57 0.01
C UNK D 31 -12.46 12.21 -1.32
N UNK D 32 -13.23 11.50 -2.14
CA UNK D 32 -13.58 12.01 -3.45
C UNK D 32 -14.36 13.32 -3.34
N UNK D 33 -13.99 14.29 -4.16
CA UNK D 33 -14.66 15.59 -4.17
C UNK D 33 -14.16 16.40 -5.35
N UNK D 34 -15.06 17.14 -5.98
CA UNK D 34 -14.68 18.07 -7.02
C UNK D 34 -14.62 17.39 -8.38
N UNK D 35 -13.53 17.61 -9.10
CA UNK D 35 -13.37 17.18 -10.48
C UNK D 35 -12.18 17.89 -11.13
N UNK D 36 -11.80 19.04 -10.56
CA UNK D 36 -10.60 19.78 -10.97
C UNK D 36 -10.82 20.50 -12.30
N UNK D 37 -10.79 19.76 -13.41
CA UNK D 37 -10.92 20.35 -14.75
C UNK D 37 -9.77 21.33 -14.93
N UNK D 38 -10.01 22.63 -15.12
CA UNK D 38 -8.90 23.57 -15.27
C UNK D 38 -8.03 23.61 -14.03
N UNK D 39 -8.61 23.32 -12.86
CA UNK D 39 -7.82 23.22 -11.63
C UNK D 39 -6.85 22.05 -11.67
N UNK D 40 -7.02 21.13 -12.61
CA UNK D 40 -6.16 19.95 -12.71
C UNK D 40 -4.79 20.33 -13.29
N UNK D 41 -4.05 21.12 -12.50
CA UNK D 41 -2.65 21.38 -12.81
C UNK D 41 -1.86 20.13 -12.47
N UNK D 42 -1.95 19.12 -13.35
CA UNK D 42 -1.49 17.77 -13.01
C UNK D 42 -0.09 17.77 -12.44
N UNK D 43 0.85 18.43 -13.12
CA UNK D 43 2.25 18.43 -12.69
C UNK D 43 2.79 17.01 -12.55
N UNK D 44 2.29 16.10 -13.38
CA UNK D 44 2.67 14.70 -13.32
C UNK D 44 3.85 14.42 -14.25
N UNK E 1 13.77 15.69 -1.90
CA UNK E 1 14.46 16.62 -1.02
C UNK E 1 13.46 17.56 -0.34
N UNK E 2 13.90 18.79 -0.07
CA UNK E 2 13.04 19.80 0.56
C UNK E 2 12.56 19.22 1.89
N UNK E 3 11.33 19.50 2.31
CA UNK E 3 10.78 19.01 3.56
C UNK E 3 9.41 18.38 3.31
N UNK E 4 8.78 17.94 4.38
CA UNK E 4 7.51 17.22 4.32
C UNK E 4 6.72 17.54 5.58
N UNK E 5 5.75 16.68 5.91
CA UNK E 5 4.94 16.86 7.10
C UNK E 5 4.12 18.14 7.01
N UNK E 6 3.21 18.21 6.05
CA UNK E 6 2.30 19.33 5.83
C UNK E 6 2.96 20.49 5.10
N UNK E 7 4.07 20.25 4.42
CA UNK E 7 4.74 21.27 3.62
C UNK E 7 4.68 21.00 2.12
N UNK E 8 4.68 19.73 1.72
CA UNK E 8 4.50 19.34 0.31
C UNK E 8 5.59 19.95 -0.58
N UNK E 9 6.83 19.54 -0.32
CA UNK E 9 7.96 19.91 -1.16
C UNK E 9 8.86 18.71 -1.35
N UNK E 10 9.50 18.64 -2.51
CA UNK E 10 10.41 17.54 -2.84
C UNK E 10 11.16 17.92 -4.11
N UNK E 11 12.01 17.00 -4.56
CA UNK E 11 12.83 17.18 -5.75
C UNK E 11 12.48 16.11 -6.78
N UNK E 12 13.25 16.08 -7.87
CA UNK E 12 13.06 15.11 -8.94
C UNK E 12 14.40 14.47 -9.29
N UNK E 13 14.33 13.21 -9.70
CA UNK E 13 15.51 12.46 -10.07
C UNK E 13 15.27 11.50 -11.22
N UNK E 14 15.69 10.25 -11.06
CA UNK E 14 15.48 9.20 -12.04
C UNK E 14 14.29 8.32 -11.67
N UNK E 15 13.26 8.91 -11.07
CA UNK E 15 12.09 8.13 -10.67
C UNK E 15 11.41 7.50 -11.87
N UNK E 16 11.26 8.25 -12.96
CA UNK E 16 10.63 7.76 -14.17
C UNK E 16 11.65 7.39 -15.24
N UNK E 17 12.91 7.21 -14.86
CA UNK E 17 13.93 6.78 -15.81
C UNK E 17 13.60 5.41 -16.42
N UNK E 18 12.87 4.58 -15.68
CA UNK E 18 12.47 3.26 -16.15
C UNK E 18 11.34 2.77 -15.25
N UNK E 19 10.61 1.78 -15.74
CA UNK E 19 9.52 1.22 -14.97
C UNK E 19 8.18 1.28 -15.66
N UNK E 20 7.27 2.12 -15.15
CA UNK E 20 5.88 2.15 -15.59
C UNK E 20 5.20 0.82 -15.30
N UNK E 21 5.71 0.10 -14.29
CA UNK E 21 5.18 -1.21 -13.93
C UNK E 21 5.74 -1.64 -12.58
N UNK E 22 6.87 -2.35 -12.61
CA UNK E 22 7.58 -2.91 -11.46
C UNK E 22 6.87 -4.14 -10.89
N UNK E 23 5.65 -4.45 -11.35
CA UNK E 23 4.93 -5.66 -10.96
C UNK E 23 5.18 -6.05 -9.51
N UNK E 24 5.48 -7.32 -9.26
CA UNK E 24 5.76 -7.79 -7.91
C UNK E 24 7.18 -7.45 -7.49
#